data_2IB8
#
_entry.id   2IB8
#
_cell.length_a   75.651
_cell.length_b   107.277
_cell.length_c   102.209
_cell.angle_alpha   90.00
_cell.angle_beta   103.07
_cell.angle_gamma   90.00
#
_symmetry.space_group_name_H-M   'P 1 21 1'
#
loop_
_entity.id
_entity.type
_entity.pdbx_description
1 polymer 'Acetyl-CoA acetyltransferase'
2 non-polymer 'CHLORIDE ION'
3 non-polymer 'POTASSIUM ION'
4 non-polymer '2-(N-MORPHOLINO)-ETHANESULFONIC ACID'
5 non-polymer GLYCEROL
6 water water
#
_entity_poly.entity_id   1
_entity_poly.type   'polypeptide(L)'
_entity_poly.pdbx_seq_one_letter_code
;MASKPTLKEVVIVSATRTPIGSFLGSLSLLPATKLGSIAIQGAIEKAGIPKEEVKEAYMGNVLQGGEGQAPTRQAVLGAG
LPISTPCTTINKVCASGMKAIMMASQSLMCGHQDVMVAGGMESMSNVPYVMNRGSTPYGGVKLEDLIVKDGLTDVYNKIH
MGSCAENTAKKLNIARNEQDAYAINSYTRSKAAWEAGKFGNEVIPVTVTVKGQPDVVVKEDEEYKRVDFSKVPKLKTVFQ
KENGTVTAANASTLNDGAAALVLMTADAAKRLNVTPLARIVAFADAAVEPIDFPIAPVYAASMVLKDVGLKKEDIAMWEV
NEAFSLVVLANIKMLEIDPQKVNINGGAVSLGHPIGMSGARIVGHLTHALKQGEYGLASICNGGGGASAMLIQKL
;
_entity_poly.pdbx_strand_id   A,B,C,D
#
loop_
_chem_comp.id
_chem_comp.type
_chem_comp.name
_chem_comp.formula
CL non-polymer 'CHLORIDE ION' 'Cl -1'
GOL non-polymer GLYCEROL 'C3 H8 O3'
K non-polymer 'POTASSIUM ION' 'K 1'
MES non-polymer '2-(N-MORPHOLINO)-ETHANESULFONIC ACID' 'C6 H13 N O4 S'
#
# COMPACT_ATOMS: atom_id res chain seq x y z
N PRO A 5 -20.73 31.86 -41.65
CA PRO A 5 -19.99 30.79 -42.31
C PRO A 5 -20.80 29.49 -42.42
N THR A 6 -20.59 28.76 -43.50
CA THR A 6 -21.24 27.46 -43.73
C THR A 6 -20.31 26.33 -43.24
N LEU A 7 -20.89 25.22 -42.76
CA LEU A 7 -20.10 24.06 -42.32
C LEU A 7 -19.14 23.50 -43.36
N LYS A 8 -17.92 23.17 -42.91
CA LYS A 8 -16.88 22.64 -43.78
C LYS A 8 -16.97 21.12 -43.85
N GLU A 9 -16.56 20.56 -44.99
CA GLU A 9 -16.50 19.10 -45.19
C GLU A 9 -15.18 18.60 -44.59
N VAL A 10 -15.22 17.44 -43.94
CA VAL A 10 -14.05 16.88 -43.28
C VAL A 10 -13.60 15.60 -44.00
N VAL A 11 -12.27 15.47 -44.17
CA VAL A 11 -11.74 14.28 -44.80
C VAL A 11 -10.68 13.65 -43.90
N ILE A 12 -10.56 12.32 -44.00
CA ILE A 12 -9.46 11.56 -43.39
C ILE A 12 -8.31 11.45 -44.37
N VAL A 13 -7.15 12.02 -44.02
CA VAL A 13 -5.98 11.99 -44.90
C VAL A 13 -5.02 10.81 -44.61
N SER A 14 -4.92 10.38 -43.35
CA SER A 14 -4.11 9.21 -43.00
C SER A 14 -4.71 8.57 -41.74
N ALA A 15 -4.42 7.29 -41.54
CA ALA A 15 -4.88 6.54 -40.36
C ALA A 15 -3.82 5.47 -40.08
N THR A 16 -3.24 5.52 -38.87
CA THR A 16 -2.10 4.68 -38.53
C THR A 16 -2.28 4.12 -37.14
N ARG A 17 -1.75 2.93 -36.87
CA ARG A 17 -1.77 2.38 -35.53
C ARG A 17 -0.53 1.55 -35.23
N THR A 18 -0.23 1.42 -33.94
CA THR A 18 0.74 0.41 -33.44
C THR A 18 0.05 -0.95 -33.59
N PRO A 19 0.84 -2.05 -33.54
CA PRO A 19 0.27 -3.38 -33.34
C PRO A 19 -0.41 -3.32 -31.97
N ILE A 20 -1.31 -4.26 -31.72
CA ILE A 20 -1.93 -4.36 -30.39
C ILE A 20 -1.17 -5.45 -29.59
N GLY A 21 -0.63 -5.07 -28.44
CA GLY A 21 0.08 -6.01 -27.58
C GLY A 21 -0.84 -6.69 -26.58
N SER A 22 -0.48 -7.91 -26.15
CA SER A 22 -1.27 -8.63 -25.12
C SER A 22 -0.95 -8.04 -23.73
N PHE A 23 -1.85 -8.28 -22.78
CA PHE A 23 -1.70 -7.85 -21.40
C PHE A 23 -0.37 -8.34 -20.83
N LEU A 24 0.45 -7.42 -20.31
CA LEU A 24 1.81 -7.71 -19.83
C LEU A 24 2.68 -8.39 -20.90
N GLY A 25 2.39 -8.11 -22.16
CA GLY A 25 3.08 -8.72 -23.30
C GLY A 25 4.06 -7.80 -24.04
N SER A 26 4.07 -7.92 -25.37
CA SER A 26 5.14 -7.35 -26.20
C SER A 26 5.35 -5.84 -26.11
N LEU A 27 4.30 -5.09 -25.75
CA LEU A 27 4.39 -3.62 -25.67
C LEU A 27 4.25 -3.14 -24.24
N SER A 28 4.23 -4.04 -23.26
CA SER A 28 3.93 -3.65 -21.87
C SER A 28 4.95 -2.71 -21.24
N LEU A 29 6.16 -2.64 -21.80
CA LEU A 29 7.18 -1.70 -21.25
C LEU A 29 6.95 -0.24 -21.63
N LEU A 30 6.05 0.01 -22.59
CA LEU A 30 5.82 1.37 -23.08
C LEU A 30 4.55 1.96 -22.50
N PRO A 31 4.66 3.19 -21.96
CA PRO A 31 3.44 3.85 -21.47
C PRO A 31 2.50 4.21 -22.62
N ALA A 32 1.22 4.35 -22.29
CA ALA A 32 0.19 4.69 -23.27
C ALA A 32 0.57 5.92 -24.13
N THR A 33 1.09 6.96 -23.45
CA THR A 33 1.46 8.21 -24.11
C THR A 33 2.56 8.00 -25.14
N LYS A 34 3.44 7.04 -24.89
CA LYS A 34 4.53 6.72 -25.84
C LYS A 34 3.97 6.00 -27.06
N LEU A 35 3.07 5.05 -26.86
CA LEU A 35 2.33 4.47 -27.99
C LEU A 35 1.60 5.55 -28.80
N GLY A 36 0.97 6.49 -28.09
CA GLY A 36 0.31 7.65 -28.71
C GLY A 36 1.28 8.43 -29.59
N SER A 37 2.46 8.76 -29.06
CA SER A 37 3.47 9.46 -29.86
C SER A 37 3.82 8.71 -31.15
N ILE A 38 4.00 7.39 -31.03
CA ILE A 38 4.34 6.54 -32.16
C ILE A 38 3.29 6.59 -33.27
N ALA A 39 2.02 6.43 -32.88
CA ALA A 39 0.91 6.50 -33.84
C ALA A 39 0.78 7.90 -34.47
N ILE A 40 0.90 8.95 -33.66
CA ILE A 40 0.77 10.33 -34.15
C ILE A 40 1.86 10.64 -35.18
N GLN A 41 3.11 10.35 -34.81
CA GLN A 41 4.26 10.55 -35.74
C GLN A 41 4.04 9.79 -37.04
N GLY A 42 3.63 8.53 -36.93
CA GLY A 42 3.37 7.69 -38.11
C GLY A 42 2.26 8.23 -38.99
N ALA A 43 1.17 8.71 -38.39
CA ALA A 43 0.08 9.28 -39.17
C ALA A 43 0.49 10.52 -39.94
N ILE A 44 1.30 11.36 -39.31
CA ILE A 44 1.74 12.61 -39.95
C ILE A 44 2.65 12.26 -41.12
N GLU A 45 3.54 11.30 -40.90
CA GLU A 45 4.43 10.83 -41.97
C GLU A 45 3.67 10.26 -43.17
N LYS A 46 2.68 9.40 -42.91
CA LYS A 46 1.83 8.85 -43.96
C LYS A 46 1.01 9.91 -44.72
N ALA A 47 0.59 10.97 -44.02
CA ALA A 47 -0.17 12.07 -44.63
C ALA A 47 0.70 12.93 -45.59
N GLY A 48 2.00 12.93 -45.34
CA GLY A 48 2.98 13.66 -46.18
C GLY A 48 2.97 15.15 -45.94
N ILE A 49 2.71 15.55 -44.70
CA ILE A 49 2.65 16.96 -44.31
C ILE A 49 3.66 17.25 -43.20
N PRO A 50 4.07 18.53 -43.07
CA PRO A 50 4.93 18.95 -41.97
C PRO A 50 4.15 18.88 -40.65
N LYS A 51 4.84 18.51 -39.58
CA LYS A 51 4.21 18.42 -38.25
C LYS A 51 3.58 19.74 -37.84
N GLU A 52 4.19 20.84 -38.28
CA GLU A 52 3.70 22.18 -37.95
C GLU A 52 2.29 22.46 -38.50
N GLU A 53 1.86 21.70 -39.50
CA GLU A 53 0.51 21.92 -40.05
C GLU A 53 -0.60 21.44 -39.07
N VAL A 54 -0.26 20.51 -38.18
CA VAL A 54 -1.26 19.98 -37.21
C VAL A 54 -1.54 21.05 -36.16
N LYS A 55 -2.80 21.48 -36.07
CA LYS A 55 -3.17 22.64 -35.26
C LYS A 55 -3.57 22.33 -33.83
N GLU A 56 -4.11 21.13 -33.60
CA GLU A 56 -4.71 20.79 -32.32
C GLU A 56 -4.87 19.27 -32.30
N ALA A 57 -4.88 18.67 -31.11
CA ALA A 57 -4.92 17.20 -30.99
C ALA A 57 -5.90 16.77 -29.89
N TYR A 58 -6.71 15.76 -30.18
CA TYR A 58 -7.57 15.12 -29.17
C TYR A 58 -7.24 13.63 -29.19
N MET A 59 -6.94 13.03 -28.03
CA MET A 59 -6.80 11.56 -27.90
C MET A 59 -7.73 10.92 -26.87
N GLY A 60 -8.40 9.82 -27.26
CA GLY A 60 -9.13 8.97 -26.31
C GLY A 60 -8.18 8.21 -25.40
N ASN A 61 -8.54 8.04 -24.12
CA ASN A 61 -7.67 7.39 -23.12
C ASN A 61 -8.57 7.22 -21.87
N VAL A 62 -8.98 5.98 -21.56
CA VAL A 62 -9.94 5.76 -20.45
C VAL A 62 -9.34 5.70 -19.06
N LEU A 63 -8.17 5.08 -18.95
CA LEU A 63 -7.61 4.78 -17.64
C LEU A 63 -6.37 5.66 -17.50
N GLN A 64 -6.60 6.89 -17.04
CA GLN A 64 -5.55 7.94 -17.10
C GLN A 64 -4.69 8.02 -15.81
N GLY A 65 -5.10 7.27 -14.78
CA GLY A 65 -4.43 7.32 -13.45
C GLY A 65 -2.98 6.89 -13.50
N GLY A 66 -2.10 7.79 -13.05
CA GLY A 66 -0.68 7.48 -12.97
C GLY A 66 0.10 7.77 -14.24
N GLU A 67 -0.58 8.22 -15.29
CA GLU A 67 0.08 8.52 -16.57
C GLU A 67 0.82 9.86 -16.53
N GLY A 68 0.58 10.64 -15.48
CA GLY A 68 1.19 11.97 -15.39
C GLY A 68 0.30 13.01 -16.03
N GLN A 69 0.72 14.27 -15.94
CA GLN A 69 -0.16 15.39 -16.29
C GLN A 69 -0.44 15.44 -17.80
N ALA A 70 -1.68 15.73 -18.17
CA ALA A 70 -2.07 15.95 -19.56
C ALA A 70 -1.58 14.88 -20.54
N PRO A 71 -2.17 13.66 -20.49
CA PRO A 71 -1.68 12.59 -21.39
C PRO A 71 -1.57 12.93 -22.87
N THR A 72 -2.56 13.62 -23.44
CA THR A 72 -2.51 13.96 -24.86
C THR A 72 -1.34 14.91 -25.18
N ARG A 73 -1.10 15.82 -24.26
CA ARG A 73 0.02 16.76 -24.44
C ARG A 73 1.36 15.98 -24.46
N GLN A 74 1.49 15.00 -23.57
CA GLN A 74 2.68 14.14 -23.56
C GLN A 74 2.85 13.38 -24.89
N ALA A 75 1.74 12.85 -25.43
CA ALA A 75 1.78 12.13 -26.73
C ALA A 75 2.24 13.02 -27.88
N VAL A 76 1.70 14.23 -27.89
CA VAL A 76 1.91 15.22 -28.94
C VAL A 76 3.35 15.79 -28.88
N LEU A 77 3.76 16.22 -27.70
CA LEU A 77 5.14 16.73 -27.51
C LEU A 77 6.16 15.60 -27.73
N GLY A 78 5.79 14.38 -27.30
CA GLY A 78 6.63 13.21 -27.54
C GLY A 78 6.85 12.80 -28.99
N ALA A 79 5.94 13.21 -29.87
CA ALA A 79 6.02 12.96 -31.31
C ALA A 79 6.74 14.13 -32.02
N GLY A 80 7.18 15.11 -31.25
CA GLY A 80 7.88 16.30 -31.80
C GLY A 80 7.02 17.37 -32.44
N LEU A 81 5.73 17.42 -32.09
CA LEU A 81 4.84 18.46 -32.59
C LEU A 81 5.13 19.79 -31.86
N PRO A 82 4.72 20.92 -32.46
CA PRO A 82 5.06 22.25 -31.89
C PRO A 82 4.49 22.47 -30.50
N ILE A 83 5.27 23.15 -29.65
CA ILE A 83 4.76 23.55 -28.30
C ILE A 83 3.48 24.40 -28.38
N SER A 84 3.19 24.98 -29.55
CA SER A 84 1.94 25.74 -29.75
C SER A 84 0.63 24.90 -29.93
N THR A 85 0.74 23.58 -29.88
CA THR A 85 -0.38 22.68 -30.22
C THR A 85 -1.28 22.43 -28.99
N PRO A 86 -2.50 22.99 -28.94
CA PRO A 86 -3.37 22.65 -27.80
C PRO A 86 -3.79 21.17 -27.80
N CYS A 87 -3.94 20.59 -26.61
CA CYS A 87 -4.24 19.15 -26.48
C CYS A 87 -5.37 18.90 -25.49
N THR A 88 -6.22 17.92 -25.77
CA THR A 88 -7.30 17.55 -24.83
C THR A 88 -7.45 16.02 -24.83
N THR A 89 -7.63 15.44 -23.65
CA THR A 89 -7.78 13.98 -23.51
C THR A 89 -9.24 13.63 -23.28
N ILE A 90 -9.73 12.63 -24.03
CA ILE A 90 -11.19 12.38 -24.17
C ILE A 90 -11.55 11.07 -23.50
N ASN A 91 -12.61 11.04 -22.67
CA ASN A 91 -13.05 9.78 -22.04
C ASN A 91 -14.56 9.55 -22.18
N LYS A 92 -14.90 8.70 -23.15
CA LYS A 92 -16.24 8.15 -23.29
C LYS A 92 -16.15 6.61 -23.15
N VAL A 93 -15.35 6.19 -22.18
CA VAL A 93 -15.03 4.77 -21.94
C VAL A 93 -14.60 4.11 -23.26
N CYS A 94 -15.19 2.96 -23.60
CA CYS A 94 -14.78 2.19 -24.79
C CYS A 94 -14.95 2.96 -26.14
N ALA A 95 -15.78 3.99 -26.16
CA ALA A 95 -16.06 4.76 -27.37
C ALA A 95 -15.04 5.91 -27.54
N SER A 96 -14.12 6.04 -26.61
CA SER A 96 -13.25 7.24 -26.54
C SER A 96 -12.52 7.58 -27.85
N GLY A 97 -11.94 6.55 -28.48
CA GLY A 97 -11.14 6.77 -29.73
C GLY A 97 -12.00 7.29 -30.88
N MET A 98 -13.27 6.86 -30.95
CA MET A 98 -14.17 7.36 -32.01
C MET A 98 -14.71 8.74 -31.64
N LYS A 99 -15.04 8.93 -30.35
CA LYS A 99 -15.60 10.22 -29.94
C LYS A 99 -14.54 11.33 -30.16
N ALA A 100 -13.26 10.99 -30.02
CA ALA A 100 -12.19 12.01 -30.26
C ALA A 100 -12.20 12.48 -31.71
N ILE A 101 -12.35 11.52 -32.62
CA ILE A 101 -12.47 11.83 -34.07
C ILE A 101 -13.74 12.65 -34.34
N MET A 102 -14.84 12.28 -33.69
CA MET A 102 -16.11 13.02 -33.87
C MET A 102 -16.00 14.49 -33.41
N MET A 103 -15.43 14.69 -32.23
CA MET A 103 -15.31 16.04 -31.67
C MET A 103 -14.31 16.89 -32.48
N ALA A 104 -13.19 16.31 -32.90
CA ALA A 104 -12.27 17.03 -33.81
C ALA A 104 -12.96 17.41 -35.13
N SER A 105 -13.77 16.50 -35.67
CA SER A 105 -14.50 16.78 -36.90
C SER A 105 -15.41 18.01 -36.69
N GLN A 106 -16.02 18.12 -35.51
CA GLN A 106 -16.92 19.24 -35.25
C GLN A 106 -16.18 20.58 -35.24
N SER A 107 -14.99 20.60 -34.65
CA SER A 107 -14.12 21.81 -34.64
C SER A 107 -13.75 22.23 -36.08
N LEU A 108 -13.40 21.24 -36.91
CA LEU A 108 -13.05 21.45 -38.31
C LEU A 108 -14.28 21.99 -39.08
N MET A 109 -15.45 21.39 -38.83
CA MET A 109 -16.70 21.85 -39.45
C MET A 109 -17.06 23.31 -39.16
N CYS A 110 -16.70 23.78 -37.98
CA CYS A 110 -16.99 25.16 -37.53
C CYS A 110 -15.99 26.15 -38.11
N GLY A 111 -14.96 25.62 -38.78
CA GLY A 111 -13.80 26.41 -39.22
C GLY A 111 -12.92 26.93 -38.11
N HIS A 112 -12.93 26.24 -36.95
CA HIS A 112 -12.10 26.68 -35.81
C HIS A 112 -10.66 26.20 -35.91
N GLN A 113 -10.47 25.12 -36.69
CA GLN A 113 -9.14 24.64 -37.07
C GLN A 113 -9.23 24.08 -38.48
N ASP A 114 -8.10 23.96 -39.18
CA ASP A 114 -8.14 23.37 -40.53
C ASP A 114 -7.48 21.98 -40.69
N VAL A 115 -6.57 21.64 -39.77
CA VAL A 115 -5.87 20.32 -39.70
C VAL A 115 -5.76 19.90 -38.24
N MET A 116 -6.23 18.69 -37.91
CA MET A 116 -6.09 18.17 -36.55
C MET A 116 -5.61 16.71 -36.54
N VAL A 117 -5.12 16.25 -35.40
CA VAL A 117 -4.91 14.81 -35.22
C VAL A 117 -5.89 14.31 -34.14
N ALA A 118 -6.48 13.14 -34.37
CA ALA A 118 -7.41 12.58 -33.38
C ALA A 118 -7.23 11.08 -33.38
N GLY A 119 -7.40 10.47 -32.22
CA GLY A 119 -7.20 9.02 -32.11
C GLY A 119 -7.46 8.56 -30.69
N GLY A 120 -6.77 7.50 -30.30
CA GLY A 120 -6.86 6.97 -28.92
C GLY A 120 -5.66 6.13 -28.54
N MET A 121 -5.46 5.96 -27.24
CA MET A 121 -4.29 5.24 -26.73
C MET A 121 -4.67 4.60 -25.43
N GLU A 122 -4.09 3.43 -25.15
CA GLU A 122 -4.30 2.74 -23.84
C GLU A 122 -3.16 1.75 -23.63
N SER A 123 -2.65 1.72 -22.41
CA SER A 123 -1.72 0.69 -21.94
C SER A 123 -2.33 0.06 -20.69
N MET A 124 -3.11 -0.98 -20.92
CA MET A 124 -3.75 -1.63 -19.79
C MET A 124 -2.71 -2.36 -18.93
N SER A 125 -1.58 -2.77 -19.53
CA SER A 125 -0.47 -3.38 -18.76
C SER A 125 0.04 -2.46 -17.63
N ASN A 126 -0.03 -1.16 -17.87
CA ASN A 126 0.50 -0.18 -16.92
C ASN A 126 -0.52 0.53 -16.01
N VAL A 127 -1.80 0.16 -16.12
CA VAL A 127 -2.83 0.73 -15.25
C VAL A 127 -2.57 0.29 -13.81
N PRO A 128 -2.53 1.25 -12.86
CA PRO A 128 -2.16 0.88 -11.49
C PRO A 128 -3.30 0.41 -10.58
N TYR A 129 -2.94 0.06 -9.35
CA TYR A 129 -3.86 -0.20 -8.24
C TYR A 129 -4.03 1.11 -7.45
N VAL A 130 -5.16 1.25 -6.75
CA VAL A 130 -5.38 2.46 -5.93
C VAL A 130 -5.58 2.18 -4.45
N MET A 131 -5.11 3.12 -3.62
CA MET A 131 -5.47 3.14 -2.21
C MET A 131 -6.17 4.42 -1.87
N ASN A 132 -7.27 4.32 -1.13
CA ASN A 132 -8.04 5.51 -0.77
C ASN A 132 -7.28 6.46 0.16
N ARG A 133 -7.53 7.75 -0.01
CA ARG A 133 -6.95 8.75 0.87
C ARG A 133 -7.74 8.68 2.16
N GLY A 134 -7.06 8.67 3.29
CA GLY A 134 -7.72 8.82 4.58
C GLY A 134 -7.09 7.96 5.66
N SER A 135 -7.89 7.58 6.66
CA SER A 135 -7.42 6.73 7.75
C SER A 135 -7.55 5.26 7.39
N THR A 136 -6.48 4.50 7.63
CA THR A 136 -6.46 3.06 7.41
C THR A 136 -7.49 2.39 8.34
N PRO A 137 -8.51 1.69 7.76
CA PRO A 137 -9.50 1.03 8.63
C PRO A 137 -8.89 -0.16 9.37
N TYR A 138 -9.37 -0.41 10.59
CA TYR A 138 -8.94 -1.55 11.37
C TYR A 138 -9.31 -2.83 10.65
N GLY A 139 -8.38 -3.78 10.59
CA GLY A 139 -8.72 -5.06 10.01
C GLY A 139 -8.23 -5.23 8.59
N GLY A 140 -7.75 -4.14 8.00
CA GLY A 140 -7.09 -4.26 6.71
C GLY A 140 -7.42 -3.14 5.76
N VAL A 141 -6.64 -3.06 4.69
CA VAL A 141 -6.76 -1.99 3.71
C VAL A 141 -6.85 -2.65 2.35
N LYS A 142 -7.81 -2.23 1.54
CA LYS A 142 -8.01 -2.84 0.21
C LYS A 142 -7.36 -1.99 -0.87
N LEU A 143 -6.64 -2.62 -1.77
CA LEU A 143 -6.02 -1.93 -2.90
C LEU A 143 -6.80 -2.41 -4.12
N GLU A 144 -7.52 -1.50 -4.77
CA GLU A 144 -8.40 -1.88 -5.89
C GLU A 144 -7.69 -1.73 -7.22
N ASP A 145 -8.09 -2.55 -8.18
CA ASP A 145 -7.51 -2.56 -9.52
C ASP A 145 -8.28 -1.57 -10.40
N LEU A 146 -7.60 -0.51 -10.86
CA LEU A 146 -8.30 0.48 -11.69
C LEU A 146 -8.89 -0.08 -13.00
N ILE A 147 -8.27 -1.13 -13.57
CA ILE A 147 -8.86 -1.79 -14.75
C ILE A 147 -10.28 -2.27 -14.37
N VAL A 148 -10.38 -2.99 -13.26
CA VAL A 148 -11.69 -3.45 -12.80
C VAL A 148 -12.63 -2.30 -12.33
N LYS A 149 -12.12 -1.37 -11.52
CA LYS A 149 -12.99 -0.36 -10.87
C LYS A 149 -13.52 0.71 -11.85
N ASP A 150 -12.63 1.23 -12.69
CA ASP A 150 -12.95 2.34 -13.61
C ASP A 150 -13.25 1.81 -15.01
N GLY A 151 -12.60 0.71 -15.37
CA GLY A 151 -12.68 0.17 -16.73
C GLY A 151 -13.92 -0.69 -16.99
N LEU A 152 -14.14 -1.67 -16.11
CA LEU A 152 -14.97 -2.83 -16.45
C LEU A 152 -16.18 -3.07 -15.53
N THR A 153 -16.39 -2.25 -14.52
CA THR A 153 -17.53 -2.46 -13.61
C THR A 153 -18.64 -1.45 -13.88
N ASP A 154 -19.87 -1.95 -14.09
CA ASP A 154 -20.98 -1.04 -14.24
C ASP A 154 -21.37 -0.45 -12.88
N VAL A 155 -21.43 0.88 -12.81
CA VAL A 155 -21.69 1.59 -11.54
C VAL A 155 -23.08 1.25 -10.91
N TYR A 156 -24.11 1.22 -11.74
CA TYR A 156 -25.52 1.23 -11.30
C TYR A 156 -25.97 -0.15 -10.86
N ASN A 157 -25.53 -1.16 -11.61
CA ASN A 157 -25.86 -2.55 -11.33
C ASN A 157 -24.88 -3.30 -10.46
N LYS A 158 -23.67 -2.75 -10.33
CA LYS A 158 -22.58 -3.37 -9.55
C LYS A 158 -22.22 -4.77 -10.05
N ILE A 159 -22.01 -4.86 -11.37
CA ILE A 159 -21.61 -6.09 -12.05
C ILE A 159 -20.57 -5.71 -13.12
N HIS A 160 -19.79 -6.71 -13.52
CA HIS A 160 -18.83 -6.62 -14.63
C HIS A 160 -19.52 -6.45 -15.97
N MET A 161 -18.85 -5.80 -16.92
CA MET A 161 -19.40 -5.71 -18.28
C MET A 161 -19.83 -7.07 -18.85
N GLY A 162 -19.06 -8.12 -18.53
CA GLY A 162 -19.35 -9.48 -19.02
C GLY A 162 -20.70 -9.98 -18.52
N SER A 163 -21.11 -9.55 -17.32
CA SER A 163 -22.44 -9.92 -16.76
C SER A 163 -23.58 -9.13 -17.41
N CYS A 164 -23.31 -7.88 -17.83
CA CYS A 164 -24.26 -7.17 -18.69
C CYS A 164 -24.46 -7.88 -20.03
N ALA A 165 -23.36 -8.36 -20.63
CA ALA A 165 -23.46 -9.15 -21.85
C ALA A 165 -24.38 -10.38 -21.64
N GLU A 166 -24.21 -11.05 -20.51
CA GLU A 166 -25.05 -12.24 -20.17
C GLU A 166 -26.53 -11.89 -20.14
N ASN A 167 -26.85 -10.71 -19.63
CA ASN A 167 -28.21 -10.20 -19.58
C ASN A 167 -28.81 -10.04 -20.97
N THR A 168 -28.04 -9.46 -21.90
CA THR A 168 -28.48 -9.37 -23.30
C THR A 168 -28.62 -10.74 -23.97
N ALA A 169 -27.71 -11.67 -23.65
CA ALA A 169 -27.78 -13.05 -24.17
C ALA A 169 -29.12 -13.69 -23.79
N LYS A 170 -29.54 -13.47 -22.54
CA LYS A 170 -30.86 -13.94 -22.07
C LYS A 170 -31.99 -13.33 -22.88
N LYS A 171 -32.03 -12.00 -22.95
CA LYS A 171 -33.16 -11.31 -23.54
C LYS A 171 -33.32 -11.55 -25.03
N LEU A 172 -32.19 -11.71 -25.72
CA LEU A 172 -32.21 -11.87 -27.18
C LEU A 172 -32.00 -13.32 -27.60
N ASN A 173 -31.94 -14.22 -26.62
CA ASN A 173 -31.79 -15.65 -26.90
C ASN A 173 -30.54 -15.93 -27.75
N ILE A 174 -29.39 -15.45 -27.30
CA ILE A 174 -28.09 -15.70 -27.96
C ILE A 174 -27.26 -16.68 -27.14
N ALA A 175 -27.13 -17.90 -27.65
CA ALA A 175 -26.58 -19.04 -26.87
C ALA A 175 -25.04 -19.07 -26.78
N ARG A 176 -24.51 -19.87 -25.85
CA ARG A 176 -23.05 -20.10 -25.75
C ARG A 176 -22.45 -20.61 -27.07
N ASN A 177 -23.07 -21.62 -27.70
CA ASN A 177 -22.48 -22.19 -28.92
C ASN A 177 -22.42 -21.15 -30.05
N GLU A 178 -23.43 -20.29 -30.13
CA GLU A 178 -23.45 -19.20 -31.11
C GLU A 178 -22.32 -18.18 -30.86
N GLN A 179 -22.09 -17.85 -29.59
CA GLN A 179 -21.02 -16.90 -29.22
C GLN A 179 -19.65 -17.52 -29.50
N ASP A 180 -19.50 -18.82 -29.19
CA ASP A 180 -18.25 -19.56 -29.51
C ASP A 180 -17.94 -19.62 -31.00
N ALA A 181 -18.96 -19.88 -31.82
CA ALA A 181 -18.73 -19.94 -33.28
C ALA A 181 -18.31 -18.58 -33.82
N TYR A 182 -18.96 -17.52 -33.33
CA TYR A 182 -18.56 -16.15 -33.71
C TYR A 182 -17.10 -15.88 -33.36
N ALA A 183 -16.68 -16.28 -32.14
CA ALA A 183 -15.31 -15.99 -31.69
C ALA A 183 -14.30 -16.73 -32.55
N ILE A 184 -14.55 -18.01 -32.81
CA ILE A 184 -13.68 -18.78 -33.68
C ILE A 184 -13.58 -18.11 -35.07
N ASN A 185 -14.70 -17.59 -35.56
CA ASN A 185 -14.73 -16.87 -36.83
C ASN A 185 -13.88 -15.58 -36.77
N SER A 186 -13.92 -14.88 -35.63
CA SER A 186 -13.07 -13.68 -35.47
C SER A 186 -11.57 -14.03 -35.50
N TYR A 187 -11.16 -14.99 -34.67
CA TYR A 187 -9.77 -15.49 -34.71
C TYR A 187 -9.34 -15.95 -36.12
N THR A 188 -10.23 -16.65 -36.81
CA THR A 188 -9.96 -17.14 -38.17
C THR A 188 -9.69 -15.99 -39.18
N ARG A 189 -10.54 -14.97 -39.12
CA ARG A 189 -10.49 -13.84 -40.03
C ARG A 189 -9.29 -12.94 -39.71
N SER A 190 -8.98 -12.76 -38.41
CA SER A 190 -7.74 -12.02 -38.03
C SER A 190 -6.48 -12.65 -38.61
N LYS A 191 -6.36 -13.97 -38.48
CA LYS A 191 -5.17 -14.68 -39.00
C LYS A 191 -5.12 -14.59 -40.51
N ALA A 192 -6.27 -14.81 -41.17
CA ALA A 192 -6.35 -14.73 -42.63
C ALA A 192 -5.91 -13.36 -43.15
N ALA A 193 -6.43 -12.29 -42.51
CA ALA A 193 -6.03 -10.92 -42.87
C ALA A 193 -4.54 -10.61 -42.67
N TRP A 194 -3.95 -11.10 -41.57
CA TRP A 194 -2.52 -10.89 -41.32
C TRP A 194 -1.71 -11.65 -42.37
N GLU A 195 -2.09 -12.90 -42.62
CA GLU A 195 -1.41 -13.70 -43.65
C GLU A 195 -1.50 -13.08 -45.05
N ALA A 196 -2.64 -12.46 -45.36
CA ALA A 196 -2.85 -11.82 -46.65
C ALA A 196 -2.13 -10.48 -46.77
N GLY A 197 -1.52 -10.01 -45.68
CA GLY A 197 -0.83 -8.71 -45.68
C GLY A 197 -1.74 -7.48 -45.70
N LYS A 198 -2.94 -7.61 -45.16
CA LYS A 198 -3.92 -6.53 -45.21
C LYS A 198 -3.67 -5.35 -44.27
N PHE A 199 -2.65 -5.45 -43.42
CA PHE A 199 -2.34 -4.37 -42.47
C PHE A 199 -1.06 -3.64 -42.80
N GLY A 200 -0.49 -3.96 -43.97
CA GLY A 200 0.76 -3.37 -44.42
C GLY A 200 0.80 -1.87 -44.43
N ASN A 201 -0.33 -1.23 -44.73
CA ASN A 201 -0.38 0.24 -44.72
C ASN A 201 -0.95 0.83 -43.43
N GLU A 202 -1.73 0.04 -42.70
CA GLU A 202 -2.40 0.51 -41.47
C GLU A 202 -1.50 0.48 -40.23
N VAL A 203 -0.68 -0.56 -40.11
CA VAL A 203 0.08 -0.78 -38.89
C VAL A 203 1.50 -0.32 -39.10
N ILE A 204 2.08 0.35 -38.09
CA ILE A 204 3.52 0.64 -38.13
C ILE A 204 4.26 -0.11 -37.02
N PRO A 205 5.49 -0.60 -37.30
CA PRO A 205 6.21 -1.39 -36.31
C PRO A 205 6.72 -0.57 -35.12
N VAL A 206 6.78 -1.20 -33.94
CA VAL A 206 7.31 -0.56 -32.72
C VAL A 206 8.62 -1.21 -32.31
N THR A 207 9.64 -0.38 -32.09
CA THR A 207 10.93 -0.86 -31.62
C THR A 207 10.99 -0.69 -30.13
N VAL A 208 11.15 -1.81 -29.42
CA VAL A 208 11.24 -1.80 -27.96
C VAL A 208 12.72 -1.90 -27.55
N THR A 209 13.18 -0.90 -26.81
CA THR A 209 14.59 -0.75 -26.47
C THR A 209 14.82 -0.88 -24.97
N VAL A 210 15.66 -1.84 -24.58
CA VAL A 210 15.99 -2.06 -23.18
C VAL A 210 17.52 -1.98 -23.01
N LYS A 211 17.96 -1.12 -22.09
CA LYS A 211 19.38 -0.90 -21.80
C LYS A 211 20.09 -2.24 -21.59
N GLY A 212 21.13 -2.48 -22.39
CA GLY A 212 21.91 -3.73 -22.29
C GLY A 212 21.24 -4.96 -22.86
N GLN A 213 20.10 -4.77 -23.52
CA GLN A 213 19.39 -5.84 -24.22
C GLN A 213 19.30 -5.55 -25.71
N PRO A 214 19.22 -6.59 -26.56
CA PRO A 214 18.95 -6.39 -27.99
C PRO A 214 17.57 -5.75 -28.23
N ASP A 215 17.50 -4.88 -29.24
CA ASP A 215 16.23 -4.28 -29.70
C ASP A 215 15.22 -5.36 -30.06
N VAL A 216 13.95 -5.12 -29.72
CA VAL A 216 12.86 -6.00 -30.18
C VAL A 216 11.88 -5.21 -31.06
N VAL A 217 11.72 -5.66 -32.30
CA VAL A 217 10.80 -5.00 -33.21
C VAL A 217 9.47 -5.76 -33.20
N VAL A 218 8.41 -5.05 -32.83
CA VAL A 218 7.07 -5.65 -32.74
C VAL A 218 6.35 -5.20 -34.00
N LYS A 219 6.04 -6.15 -34.88
CA LYS A 219 5.52 -5.83 -36.20
C LYS A 219 4.07 -6.30 -36.44
N GLU A 220 3.57 -7.20 -35.60
CA GLU A 220 2.18 -7.66 -35.79
C GLU A 220 1.40 -7.79 -34.49
N ASP A 221 0.08 -7.75 -34.61
CA ASP A 221 -0.81 -7.93 -33.46
C ASP A 221 -0.49 -9.26 -32.76
N GLU A 222 -0.43 -9.23 -31.43
CA GLU A 222 0.02 -10.38 -30.62
C GLU A 222 -1.13 -11.35 -30.30
N GLU A 223 -2.35 -10.82 -30.14
CA GLU A 223 -3.39 -11.57 -29.45
C GLU A 223 -3.98 -12.75 -30.24
N TYR A 224 -4.04 -12.61 -31.57
CA TYR A 224 -4.84 -13.52 -32.40
C TYR A 224 -4.28 -14.95 -32.45
N LYS A 225 -3.01 -15.10 -32.04
CA LYS A 225 -2.36 -16.41 -31.99
C LYS A 225 -2.60 -17.11 -30.65
N ARG A 226 -3.07 -16.37 -29.65
CA ARG A 226 -3.28 -16.92 -28.31
C ARG A 226 -4.64 -17.60 -28.16
N VAL A 227 -4.81 -18.77 -28.78
CA VAL A 227 -6.13 -19.41 -28.79
C VAL A 227 -5.96 -20.89 -29.14
N ASP A 228 -6.85 -21.73 -28.60
CA ASP A 228 -6.91 -23.17 -28.90
C ASP A 228 -8.39 -23.48 -29.16
N PHE A 229 -8.75 -23.69 -30.42
CA PHE A 229 -10.15 -23.86 -30.83
C PHE A 229 -10.78 -25.09 -30.17
N SER A 230 -9.96 -26.15 -29.99
CA SER A 230 -10.44 -27.38 -29.33
C SER A 230 -10.89 -27.11 -27.89
N LYS A 231 -10.28 -26.11 -27.24
CA LYS A 231 -10.61 -25.79 -25.84
C LYS A 231 -11.72 -24.75 -25.66
N VAL A 232 -11.95 -23.96 -26.71
CA VAL A 232 -13.02 -22.95 -26.70
C VAL A 232 -14.34 -23.47 -26.09
N PRO A 233 -14.89 -24.59 -26.59
CA PRO A 233 -16.17 -25.06 -26.01
C PRO A 233 -16.10 -25.64 -24.59
N LYS A 234 -14.89 -25.80 -24.06
CA LYS A 234 -14.66 -26.41 -22.73
C LYS A 234 -14.41 -25.36 -21.66
N LEU A 235 -14.14 -24.12 -22.07
CA LEU A 235 -13.81 -23.07 -21.08
C LEU A 235 -14.92 -22.76 -20.10
N LYS A 236 -14.56 -22.37 -18.87
CA LYS A 236 -15.54 -21.99 -17.84
C LYS A 236 -16.21 -20.66 -18.18
N THR A 237 -17.47 -20.50 -17.77
CA THR A 237 -18.19 -19.23 -17.96
C THR A 237 -17.96 -18.32 -16.76
N VAL A 238 -16.93 -17.49 -16.85
CA VAL A 238 -16.43 -16.77 -15.67
C VAL A 238 -17.31 -15.68 -15.12
N PHE A 239 -18.24 -15.14 -15.91
CA PHE A 239 -19.07 -14.06 -15.40
C PHE A 239 -20.35 -14.59 -14.78
N GLN A 240 -20.65 -15.85 -15.05
CA GLN A 240 -21.87 -16.47 -14.59
C GLN A 240 -21.63 -17.98 -14.53
N LYS A 241 -21.28 -18.49 -13.36
CA LYS A 241 -20.83 -19.90 -13.22
C LYS A 241 -21.87 -20.97 -13.60
N GLU A 242 -23.16 -20.63 -13.48
CA GLU A 242 -24.25 -21.53 -13.81
C GLU A 242 -25.08 -21.04 -15.01
N ASN A 243 -25.19 -21.88 -16.05
CA ASN A 243 -25.92 -21.55 -17.30
C ASN A 243 -25.39 -20.29 -18.02
N GLY A 244 -24.08 -20.09 -17.92
CA GLY A 244 -23.44 -18.93 -18.55
C GLY A 244 -23.19 -19.08 -20.04
N THR A 245 -22.70 -18.00 -20.67
CA THR A 245 -22.47 -18.03 -22.11
C THR A 245 -21.16 -17.33 -22.48
N VAL A 246 -20.76 -16.35 -21.67
CA VAL A 246 -19.56 -15.52 -21.92
C VAL A 246 -18.31 -16.16 -21.29
N THR A 247 -17.24 -16.30 -22.08
CA THR A 247 -15.96 -16.88 -21.62
C THR A 247 -14.77 -15.99 -21.98
N ALA A 248 -13.58 -16.33 -21.49
CA ALA A 248 -12.39 -15.54 -21.85
C ALA A 248 -12.14 -15.61 -23.37
N ALA A 249 -12.46 -16.73 -24.02
CA ALA A 249 -12.19 -16.84 -25.47
C ALA A 249 -13.17 -16.00 -26.26
N ASN A 250 -14.44 -16.04 -25.87
CA ASN A 250 -15.44 -15.31 -26.66
C ASN A 250 -15.66 -13.83 -26.29
N ALA A 251 -15.00 -13.38 -25.23
CA ALA A 251 -14.94 -11.97 -24.83
C ALA A 251 -13.69 -11.28 -25.40
N SER A 252 -13.70 -9.95 -25.53
CA SER A 252 -12.43 -9.23 -25.81
C SER A 252 -11.45 -9.41 -24.62
N THR A 253 -10.18 -9.08 -24.88
CA THR A 253 -9.09 -9.25 -23.91
C THR A 253 -8.57 -7.86 -23.46
N LEU A 254 -7.64 -7.83 -22.50
CA LEU A 254 -7.01 -6.60 -22.04
C LEU A 254 -5.72 -6.42 -22.83
N ASN A 255 -5.51 -5.22 -23.37
CA ASN A 255 -4.43 -4.98 -24.34
C ASN A 255 -3.87 -3.57 -24.31
N ASP A 256 -2.80 -3.39 -25.09
CA ASP A 256 -2.02 -2.13 -25.20
C ASP A 256 -1.97 -1.72 -26.67
N GLY A 257 -2.15 -0.43 -26.98
CA GLY A 257 -1.99 0.03 -28.37
C GLY A 257 -2.46 1.47 -28.52
N ALA A 258 -2.13 2.08 -29.66
CA ALA A 258 -2.58 3.42 -30.02
C ALA A 258 -2.85 3.52 -31.52
N ALA A 259 -3.77 4.42 -31.85
CA ALA A 259 -4.15 4.71 -33.22
C ALA A 259 -4.34 6.22 -33.36
N ALA A 260 -4.05 6.74 -34.56
CA ALA A 260 -4.16 8.20 -34.83
C ALA A 260 -4.49 8.46 -36.29
N LEU A 261 -5.37 9.45 -36.51
CA LEU A 261 -5.78 9.87 -37.83
C LEU A 261 -5.43 11.36 -38.05
N VAL A 262 -5.01 11.71 -39.26
CA VAL A 262 -4.89 13.13 -39.62
C VAL A 262 -6.18 13.52 -40.32
N LEU A 263 -6.84 14.55 -39.78
CA LEU A 263 -8.12 15.01 -40.32
C LEU A 263 -7.94 16.42 -40.85
N MET A 264 -8.62 16.76 -41.95
CA MET A 264 -8.52 18.14 -42.49
C MET A 264 -9.83 18.59 -43.06
N THR A 265 -10.03 19.91 -43.20
CA THR A 265 -11.12 20.40 -44.05
C THR A 265 -10.81 20.09 -45.52
N ALA A 266 -11.82 20.00 -46.36
CA ALA A 266 -11.61 19.82 -47.81
C ALA A 266 -10.69 20.92 -48.34
N ASP A 267 -10.86 22.13 -47.83
CA ASP A 267 -10.03 23.28 -48.29
C ASP A 267 -8.55 23.14 -47.95
N ALA A 268 -8.26 22.68 -46.73
CA ALA A 268 -6.89 22.41 -46.30
C ALA A 268 -6.27 21.27 -47.11
N ALA A 269 -7.03 20.20 -47.32
CA ALA A 269 -6.49 19.08 -48.12
C ALA A 269 -6.04 19.56 -49.50
N LYS A 270 -6.87 20.40 -50.13
CA LYS A 270 -6.52 20.99 -51.43
C LYS A 270 -5.28 21.91 -51.34
N ARG A 271 -5.25 22.79 -50.34
CA ARG A 271 -4.15 23.73 -50.17
C ARG A 271 -2.80 23.03 -50.06
N LEU A 272 -2.80 21.92 -49.32
CA LEU A 272 -1.59 21.16 -49.05
C LEU A 272 -1.35 20.09 -50.11
N ASN A 273 -2.28 19.99 -51.06
CA ASN A 273 -2.23 18.99 -52.16
C ASN A 273 -2.02 17.53 -51.73
N VAL A 274 -2.75 17.13 -50.70
CA VAL A 274 -2.67 15.74 -50.20
C VAL A 274 -3.79 14.97 -50.87
N THR A 275 -3.67 13.65 -50.89
CA THR A 275 -4.71 12.80 -51.44
C THR A 275 -5.54 12.19 -50.29
N PRO A 276 -6.75 12.74 -50.06
CA PRO A 276 -7.55 12.22 -48.92
C PRO A 276 -8.01 10.80 -49.16
N LEU A 277 -8.11 10.02 -48.09
CA LEU A 277 -8.51 8.60 -48.21
C LEU A 277 -10.01 8.40 -48.20
N ALA A 278 -10.66 9.17 -47.35
CA ALA A 278 -12.10 9.04 -47.15
C ALA A 278 -12.73 10.34 -46.68
N ARG A 279 -14.02 10.52 -46.96
CA ARG A 279 -14.74 11.64 -46.35
C ARG A 279 -15.54 11.19 -45.14
N ILE A 280 -15.65 12.05 -44.13
CA ILE A 280 -16.51 11.73 -43.00
C ILE A 280 -17.93 12.21 -43.35
N VAL A 281 -18.88 11.27 -43.43
CA VAL A 281 -20.23 11.55 -43.93
C VAL A 281 -21.16 11.99 -42.78
N ALA A 282 -21.12 11.24 -41.67
CA ALA A 282 -22.00 11.49 -40.53
C ALA A 282 -21.53 10.68 -39.32
N PHE A 283 -21.94 11.14 -38.13
CA PHE A 283 -21.67 10.42 -36.90
C PHE A 283 -22.76 10.72 -35.84
N ALA A 284 -22.87 9.90 -34.81
CA ALA A 284 -23.95 10.07 -33.81
C ALA A 284 -23.60 9.31 -32.55
N ASP A 285 -24.17 9.75 -31.44
CA ASP A 285 -24.10 9.01 -30.17
C ASP A 285 -25.54 8.58 -29.77
N ALA A 286 -25.67 7.37 -29.24
CA ALA A 286 -26.93 6.93 -28.61
C ALA A 286 -26.64 6.42 -27.22
N ALA A 287 -27.68 6.38 -26.37
CA ALA A 287 -27.51 5.78 -25.05
C ALA A 287 -28.81 5.12 -24.62
N VAL A 288 -28.65 4.06 -23.84
CA VAL A 288 -29.75 3.24 -23.37
C VAL A 288 -29.52 2.90 -21.90
N GLU A 289 -30.45 2.17 -21.30
CA GLU A 289 -30.28 1.67 -19.94
C GLU A 289 -28.90 1.02 -19.75
N PRO A 290 -28.11 1.45 -18.72
CA PRO A 290 -26.73 0.97 -18.57
C PRO A 290 -26.46 -0.52 -18.82
N ILE A 291 -27.29 -1.40 -18.27
CA ILE A 291 -27.06 -2.82 -18.46
C ILE A 291 -27.18 -3.24 -19.94
N ASP A 292 -27.90 -2.46 -20.76
CA ASP A 292 -28.17 -2.82 -22.15
C ASP A 292 -27.15 -2.21 -23.14
N PHE A 293 -25.97 -1.80 -22.66
CA PHE A 293 -24.96 -1.27 -23.61
C PHE A 293 -24.73 -2.12 -24.87
N PRO A 294 -24.82 -3.49 -24.79
CA PRO A 294 -24.60 -4.23 -26.05
C PRO A 294 -25.49 -3.80 -27.23
N ILE A 295 -26.68 -3.26 -26.98
CA ILE A 295 -27.58 -2.86 -28.07
C ILE A 295 -27.53 -1.36 -28.46
N ALA A 296 -26.84 -0.54 -27.66
CA ALA A 296 -26.70 0.87 -28.00
C ALA A 296 -26.15 1.11 -29.43
N PRO A 297 -25.17 0.30 -29.90
CA PRO A 297 -24.67 0.54 -31.29
C PRO A 297 -25.74 0.35 -32.38
N VAL A 298 -26.79 -0.38 -32.07
CA VAL A 298 -27.87 -0.58 -33.04
C VAL A 298 -28.57 0.77 -33.29
N TYR A 299 -28.88 1.48 -32.19
CA TYR A 299 -29.52 2.81 -32.30
C TYR A 299 -28.58 3.86 -32.89
N ALA A 300 -27.30 3.84 -32.52
CA ALA A 300 -26.34 4.83 -33.04
C ALA A 300 -26.18 4.67 -34.56
N ALA A 301 -26.03 3.43 -35.01
CA ALA A 301 -25.92 3.10 -36.43
C ALA A 301 -27.19 3.54 -37.18
N SER A 302 -28.35 3.26 -36.59
CA SER A 302 -29.64 3.67 -37.19
C SER A 302 -29.76 5.20 -37.35
N MET A 303 -29.29 5.94 -36.35
CA MET A 303 -29.25 7.40 -36.41
C MET A 303 -28.45 7.94 -37.57
N VAL A 304 -27.26 7.38 -37.80
CA VAL A 304 -26.40 7.86 -38.91
C VAL A 304 -27.00 7.55 -40.28
N LEU A 305 -27.49 6.33 -40.48
CA LEU A 305 -28.21 5.96 -41.72
C LEU A 305 -29.38 6.90 -41.99
N LYS A 306 -30.20 7.14 -40.98
CA LYS A 306 -31.37 7.99 -41.20
C LYS A 306 -30.94 9.43 -41.53
N ASP A 307 -29.85 9.89 -40.92
CA ASP A 307 -29.42 11.28 -41.03
C ASP A 307 -29.07 11.60 -42.48
N VAL A 308 -28.49 10.62 -43.18
CA VAL A 308 -28.04 10.84 -44.56
C VAL A 308 -28.90 10.14 -45.61
N GLY A 309 -30.00 9.51 -45.18
CA GLY A 309 -30.94 8.88 -46.11
C GLY A 309 -30.47 7.60 -46.79
N LEU A 310 -29.51 6.92 -46.17
CA LEU A 310 -29.03 5.61 -46.69
C LEU A 310 -29.74 4.45 -45.98
N LYS A 311 -29.85 3.32 -46.66
CA LYS A 311 -30.41 2.10 -46.06
C LYS A 311 -29.27 1.16 -45.74
N LYS A 312 -29.52 0.18 -44.88
CA LYS A 312 -28.49 -0.73 -44.40
C LYS A 312 -27.81 -1.49 -45.56
N GLU A 313 -28.57 -1.75 -46.64
CA GLU A 313 -28.00 -2.43 -47.80
C GLU A 313 -26.92 -1.62 -48.53
N ASP A 314 -26.94 -0.30 -48.35
CA ASP A 314 -25.96 0.60 -48.99
C ASP A 314 -24.54 0.52 -48.37
N ILE A 315 -24.42 -0.10 -47.20
CA ILE A 315 -23.13 -0.19 -46.49
C ILE A 315 -22.34 -1.40 -46.99
N ALA A 316 -21.13 -1.17 -47.50
CA ALA A 316 -20.27 -2.25 -47.98
C ALA A 316 -19.57 -3.03 -46.86
N MET A 317 -19.18 -2.33 -45.79
CA MET A 317 -18.41 -2.94 -44.67
C MET A 317 -18.87 -2.36 -43.35
N TRP A 318 -19.15 -3.24 -42.38
CA TRP A 318 -19.51 -2.84 -41.02
C TRP A 318 -18.37 -3.17 -40.05
N GLU A 319 -18.03 -2.22 -39.19
CA GLU A 319 -17.13 -2.51 -38.06
C GLU A 319 -17.94 -2.30 -36.78
N VAL A 320 -18.40 -3.38 -36.17
CA VAL A 320 -19.16 -3.29 -34.90
C VAL A 320 -18.21 -3.80 -33.83
N ASN A 321 -17.71 -2.92 -32.97
CA ASN A 321 -16.61 -3.33 -32.10
C ASN A 321 -16.92 -4.58 -31.31
N GLU A 322 -16.00 -5.55 -31.35
CA GLU A 322 -16.25 -6.86 -30.71
C GLU A 322 -15.93 -6.82 -29.21
N ALA A 323 -16.63 -5.99 -28.44
CA ALA A 323 -16.44 -5.94 -26.99
C ALA A 323 -16.62 -7.35 -26.40
N PHE A 324 -17.68 -7.99 -26.90
CA PHE A 324 -17.91 -9.43 -26.69
C PHE A 324 -18.49 -9.96 -27.98
N SER A 325 -18.32 -11.27 -28.21
CA SER A 325 -18.99 -11.94 -29.34
C SER A 325 -20.49 -11.67 -29.32
N LEU A 326 -21.05 -11.73 -28.11
CA LEU A 326 -22.47 -11.45 -27.86
C LEU A 326 -22.89 -10.11 -28.49
N VAL A 327 -22.07 -9.07 -28.34
CA VAL A 327 -22.45 -7.76 -28.87
C VAL A 327 -22.64 -7.75 -30.38
N VAL A 328 -21.71 -8.36 -31.10
CA VAL A 328 -21.81 -8.40 -32.56
C VAL A 328 -23.05 -9.19 -32.95
N LEU A 329 -23.23 -10.35 -32.33
CA LEU A 329 -24.43 -11.18 -32.64
C LEU A 329 -25.73 -10.44 -32.37
N ALA A 330 -25.79 -9.69 -31.26
CA ALA A 330 -26.97 -8.91 -30.93
C ALA A 330 -27.22 -7.87 -32.00
N ASN A 331 -26.16 -7.18 -32.44
CA ASN A 331 -26.28 -6.16 -33.48
C ASN A 331 -26.77 -6.74 -34.82
N ILE A 332 -26.18 -7.87 -35.21
CA ILE A 332 -26.56 -8.53 -36.48
C ILE A 332 -28.03 -8.98 -36.43
N LYS A 333 -28.44 -9.48 -35.27
CA LYS A 333 -29.81 -9.96 -35.03
C LYS A 333 -30.83 -8.83 -35.12
N MET A 334 -30.54 -7.68 -34.51
CA MET A 334 -31.45 -6.56 -34.49
C MET A 334 -31.48 -5.79 -35.82
N LEU A 335 -30.31 -5.62 -36.44
CA LEU A 335 -30.23 -4.86 -37.70
C LEU A 335 -30.63 -5.69 -38.93
N GLU A 336 -30.52 -7.02 -38.78
CA GLU A 336 -30.74 -8.00 -39.87
C GLU A 336 -29.84 -7.72 -41.07
N ILE A 337 -28.54 -7.65 -40.79
CA ILE A 337 -27.52 -7.42 -41.82
C ILE A 337 -26.71 -8.68 -42.16
N ASP A 338 -26.07 -8.65 -43.31
CA ASP A 338 -25.30 -9.78 -43.79
C ASP A 338 -24.03 -9.96 -42.95
N PRO A 339 -23.90 -11.08 -42.21
CA PRO A 339 -22.70 -11.38 -41.36
C PRO A 339 -21.39 -11.36 -42.15
N GLN A 340 -21.47 -11.69 -43.44
CA GLN A 340 -20.29 -11.71 -44.31
C GLN A 340 -19.71 -10.31 -44.57
N LYS A 341 -20.42 -9.27 -44.12
CA LYS A 341 -20.01 -7.90 -44.33
C LYS A 341 -19.58 -7.25 -43.00
N VAL A 342 -19.48 -8.05 -41.94
CA VAL A 342 -19.28 -7.51 -40.60
C VAL A 342 -17.94 -7.99 -40.05
N ASN A 343 -17.12 -7.04 -39.54
CA ASN A 343 -15.82 -7.35 -38.96
C ASN A 343 -15.03 -8.34 -39.83
N ILE A 344 -14.94 -8.01 -41.12
CA ILE A 344 -14.46 -8.96 -42.12
C ILE A 344 -13.01 -9.41 -41.90
N ASN A 345 -12.20 -8.56 -41.29
CA ASN A 345 -10.79 -8.85 -41.03
C ASN A 345 -10.47 -9.06 -39.54
N GLY A 346 -11.46 -9.55 -38.80
CA GLY A 346 -11.30 -9.82 -37.38
C GLY A 346 -11.74 -8.61 -36.55
N GLY A 347 -11.47 -8.67 -35.25
CA GLY A 347 -11.87 -7.60 -34.34
C GLY A 347 -11.42 -7.88 -32.93
N ALA A 348 -11.98 -7.13 -31.99
CA ALA A 348 -11.46 -7.06 -30.62
C ALA A 348 -11.43 -8.38 -29.81
N VAL A 349 -12.28 -9.33 -30.17
CA VAL A 349 -12.27 -10.64 -29.51
C VAL A 349 -10.95 -11.37 -29.77
N SER A 350 -10.38 -11.19 -30.97
CA SER A 350 -9.13 -11.87 -31.37
C SER A 350 -7.90 -10.95 -31.49
N LEU A 351 -8.12 -9.69 -31.83
CA LEU A 351 -7.03 -8.69 -31.92
C LEU A 351 -6.75 -7.97 -30.59
N GLY A 352 -7.70 -8.05 -29.66
CA GLY A 352 -7.53 -7.33 -28.40
C GLY A 352 -8.25 -5.98 -28.36
N HIS A 353 -8.34 -5.41 -27.15
CA HIS A 353 -9.22 -4.25 -26.89
C HIS A 353 -8.57 -3.29 -25.89
N PRO A 354 -7.56 -2.51 -26.36
CA PRO A 354 -7.04 -1.40 -25.54
C PRO A 354 -8.15 -0.35 -25.57
N ILE A 355 -8.87 -0.21 -24.47
CA ILE A 355 -10.20 0.37 -24.58
C ILE A 355 -10.29 1.77 -25.21
N GLY A 356 -9.37 2.67 -24.86
CA GLY A 356 -9.43 4.02 -25.42
C GLY A 356 -8.98 4.14 -26.87
N MET A 357 -8.37 3.07 -27.38
CA MET A 357 -7.83 3.03 -28.76
C MET A 357 -8.80 2.43 -29.79
N SER A 358 -9.58 1.43 -29.38
CA SER A 358 -10.38 0.63 -30.32
C SER A 358 -11.33 1.44 -31.23
N GLY A 359 -11.97 2.48 -30.71
CA GLY A 359 -12.91 3.27 -31.54
C GLY A 359 -12.21 3.99 -32.71
N ALA A 360 -10.94 4.35 -32.52
CA ALA A 360 -10.13 4.96 -33.58
C ALA A 360 -9.64 3.89 -34.55
N ARG A 361 -9.17 2.77 -34.01
CA ARG A 361 -8.71 1.65 -34.85
C ARG A 361 -9.73 1.26 -35.90
N ILE A 362 -11.01 1.13 -35.51
CA ILE A 362 -11.98 0.55 -36.45
C ILE A 362 -12.31 1.54 -37.54
N VAL A 363 -12.29 2.84 -37.23
CA VAL A 363 -12.49 3.86 -38.26
C VAL A 363 -11.27 3.82 -39.21
N GLY A 364 -10.07 3.78 -38.65
CA GLY A 364 -8.86 3.63 -39.50
C GLY A 364 -8.90 2.39 -40.38
N HIS A 365 -9.40 1.28 -39.86
CA HIS A 365 -9.40 0.06 -40.69
C HIS A 365 -10.34 0.20 -41.91
N LEU A 366 -11.52 0.78 -41.70
CA LEU A 366 -12.41 1.04 -42.84
C LEU A 366 -11.73 1.93 -43.89
N THR A 367 -10.97 2.92 -43.41
CA THR A 367 -10.32 3.86 -44.33
C THR A 367 -9.36 3.13 -45.25
N HIS A 368 -8.69 2.07 -44.75
CA HIS A 368 -7.79 1.31 -45.61
C HIS A 368 -8.51 0.25 -46.45
N ALA A 369 -9.50 -0.41 -45.86
CA ALA A 369 -10.11 -1.59 -46.50
C ALA A 369 -11.16 -1.30 -47.56
N LEU A 370 -11.89 -0.19 -47.43
CA LEU A 370 -12.96 0.12 -48.37
C LEU A 370 -12.39 0.35 -49.77
N LYS A 371 -13.18 -0.02 -50.78
CA LYS A 371 -12.85 0.31 -52.16
C LYS A 371 -13.47 1.65 -52.51
N GLN A 372 -12.88 2.35 -53.48
CA GLN A 372 -13.36 3.67 -53.91
C GLN A 372 -14.89 3.73 -54.10
N GLY A 373 -15.50 4.77 -53.52
CA GLY A 373 -16.94 4.95 -53.60
C GLY A 373 -17.77 4.21 -52.55
N GLU A 374 -17.18 3.22 -51.87
CA GLU A 374 -17.93 2.39 -50.90
C GLU A 374 -18.14 3.10 -49.58
N TYR A 375 -19.25 2.77 -48.93
CA TYR A 375 -19.56 3.31 -47.60
C TYR A 375 -19.19 2.28 -46.55
N GLY A 376 -18.54 2.74 -45.49
CA GLY A 376 -18.30 1.90 -44.32
C GLY A 376 -18.93 2.50 -43.07
N LEU A 377 -19.48 1.65 -42.20
CA LEU A 377 -20.07 2.13 -40.96
C LEU A 377 -19.43 1.47 -39.75
N ALA A 378 -18.92 2.29 -38.82
CA ALA A 378 -18.25 1.81 -37.62
C ALA A 378 -19.12 2.17 -36.40
N SER A 379 -19.32 1.24 -35.47
CA SER A 379 -20.08 1.51 -34.25
C SER A 379 -19.38 0.84 -33.07
N ILE A 380 -19.52 1.42 -31.88
CA ILE A 380 -18.77 0.89 -30.73
C ILE A 380 -19.53 1.18 -29.45
N CYS A 381 -19.88 0.13 -28.72
CA CYS A 381 -20.58 0.31 -27.42
C CYS A 381 -19.61 0.83 -26.33
N ASN A 382 -20.15 1.43 -25.27
CA ASN A 382 -19.33 1.86 -24.14
C ASN A 382 -20.05 1.69 -22.80
N GLY A 383 -19.24 1.45 -21.78
CA GLY A 383 -19.70 1.33 -20.42
C GLY A 383 -20.59 2.49 -20.06
N GLY A 384 -21.63 2.18 -19.30
CA GLY A 384 -22.64 3.16 -18.92
C GLY A 384 -23.86 3.17 -19.81
N GLY A 385 -23.85 2.37 -20.88
CA GLY A 385 -25.01 2.25 -21.78
C GLY A 385 -24.94 3.04 -23.08
N GLY A 386 -23.76 3.54 -23.41
CA GLY A 386 -23.65 4.37 -24.60
C GLY A 386 -23.15 3.66 -25.85
N ALA A 387 -23.21 4.37 -26.97
CA ALA A 387 -22.48 3.96 -28.19
C ALA A 387 -22.19 5.15 -29.06
N SER A 388 -21.11 5.07 -29.83
CA SER A 388 -20.83 6.06 -30.90
C SER A 388 -20.87 5.36 -32.26
N ALA A 389 -21.23 6.09 -33.33
CA ALA A 389 -21.11 5.51 -34.68
C ALA A 389 -20.66 6.55 -35.70
N MET A 390 -20.02 6.09 -36.77
CA MET A 390 -19.54 6.98 -37.82
C MET A 390 -19.67 6.31 -39.19
N LEU A 391 -20.08 7.09 -40.20
CA LEU A 391 -20.21 6.63 -41.57
C LEU A 391 -19.17 7.40 -42.40
N ILE A 392 -18.34 6.67 -43.13
CA ILE A 392 -17.34 7.30 -44.04
C ILE A 392 -17.55 6.75 -45.45
N GLN A 393 -17.05 7.48 -46.45
CA GLN A 393 -17.07 7.03 -47.83
C GLN A 393 -15.68 7.10 -48.41
N LYS A 394 -15.23 5.99 -48.99
CA LYS A 394 -13.89 5.91 -49.56
C LYS A 394 -13.78 6.77 -50.82
N LEU A 395 -12.68 7.53 -50.90
CA LEU A 395 -12.43 8.42 -52.06
C LEU A 395 -11.49 7.77 -53.08
N PRO B 5 -25.17 24.25 -44.55
CA PRO B 5 -25.84 24.97 -43.46
C PRO B 5 -24.86 25.91 -42.76
N THR B 6 -25.38 26.98 -42.18
CA THR B 6 -24.56 27.99 -41.53
C THR B 6 -24.43 27.69 -40.02
N LEU B 7 -23.39 28.23 -39.37
CA LEU B 7 -23.20 28.02 -37.91
C LEU B 7 -24.30 28.62 -37.04
N LYS B 8 -24.78 27.85 -36.06
CA LYS B 8 -25.82 28.34 -35.16
C LYS B 8 -25.29 29.21 -34.03
N GLU B 9 -26.13 30.10 -33.53
CA GLU B 9 -25.81 30.96 -32.39
C GLU B 9 -26.04 30.18 -31.09
N VAL B 10 -25.10 30.33 -30.16
CA VAL B 10 -25.13 29.58 -28.88
C VAL B 10 -25.31 30.56 -27.71
N VAL B 11 -26.25 30.21 -26.82
CA VAL B 11 -26.55 31.03 -25.64
C VAL B 11 -26.44 30.22 -24.32
N ILE B 12 -26.08 30.91 -23.25
CA ILE B 12 -26.09 30.34 -21.90
C ILE B 12 -27.43 30.70 -21.28
N VAL B 13 -28.20 29.70 -20.89
CA VAL B 13 -29.52 29.92 -20.31
C VAL B 13 -29.53 29.88 -18.77
N SER B 14 -28.62 29.11 -18.18
CA SER B 14 -28.41 29.07 -16.72
C SER B 14 -26.99 28.66 -16.41
N ALA B 15 -26.53 28.96 -15.19
CA ALA B 15 -25.18 28.61 -14.75
C ALA B 15 -25.21 28.50 -13.23
N THR B 16 -24.87 27.33 -12.71
CA THR B 16 -25.04 27.02 -11.29
C THR B 16 -23.85 26.24 -10.77
N ARG B 17 -23.53 26.43 -9.50
CA ARG B 17 -22.45 25.68 -8.87
C ARG B 17 -22.74 25.35 -7.43
N THR B 18 -22.07 24.32 -6.94
CA THR B 18 -21.98 24.04 -5.49
C THR B 18 -21.07 25.11 -4.86
N PRO B 19 -21.13 25.26 -3.53
CA PRO B 19 -20.06 25.98 -2.85
C PRO B 19 -18.76 25.23 -3.09
N ILE B 20 -17.62 25.90 -2.94
CA ILE B 20 -16.34 25.19 -2.99
C ILE B 20 -15.88 24.83 -1.57
N GLY B 21 -15.66 23.53 -1.35
CA GLY B 21 -15.19 22.99 -0.06
C GLY B 21 -13.67 22.94 0.01
N SER B 22 -13.12 23.13 1.22
CA SER B 22 -11.69 23.03 1.47
C SER B 22 -11.22 21.57 1.46
N PHE B 23 -9.92 21.36 1.24
CA PHE B 23 -9.34 20.00 1.22
C PHE B 23 -9.68 19.24 2.52
N LEU B 24 -10.32 18.07 2.38
CA LEU B 24 -10.74 17.28 3.54
C LEU B 24 -11.69 18.06 4.45
N GLY B 25 -12.46 18.96 3.85
CA GLY B 25 -13.36 19.83 4.60
C GLY B 25 -14.84 19.52 4.46
N SER B 26 -15.62 20.57 4.30
CA SER B 26 -17.09 20.49 4.45
C SER B 26 -17.78 19.56 3.43
N LEU B 27 -17.21 19.43 2.22
CA LEU B 27 -17.81 18.58 1.17
C LEU B 27 -17.03 17.30 0.88
N SER B 28 -16.02 17.02 1.70
CA SER B 28 -15.11 15.91 1.48
C SER B 28 -15.76 14.52 1.51
N LEU B 29 -16.95 14.39 2.10
CA LEU B 29 -17.65 13.09 2.05
C LEU B 29 -18.33 12.82 0.69
N LEU B 30 -18.42 13.84 -0.17
CA LEU B 30 -19.12 13.67 -1.46
C LEU B 30 -18.15 13.39 -2.60
N PRO B 31 -18.41 12.34 -3.40
CA PRO B 31 -17.61 12.10 -4.60
C PRO B 31 -17.80 13.24 -5.62
N ALA B 32 -16.78 13.47 -6.45
CA ALA B 32 -16.87 14.45 -7.52
C ALA B 32 -18.18 14.32 -8.33
N THR B 33 -18.54 13.07 -8.67
CA THR B 33 -19.71 12.81 -9.49
C THR B 33 -21.00 13.27 -8.81
N LYS B 34 -21.07 13.16 -7.49
CA LYS B 34 -22.23 13.62 -6.72
C LYS B 34 -22.33 15.15 -6.70
N LEU B 35 -21.20 15.83 -6.48
CA LEU B 35 -21.19 17.28 -6.69
C LEU B 35 -21.63 17.63 -8.12
N GLY B 36 -21.12 16.86 -9.10
CA GLY B 36 -21.58 16.94 -10.50
C GLY B 36 -23.08 16.90 -10.63
N SER B 37 -23.72 15.91 -10.00
CA SER B 37 -25.17 15.78 -10.08
C SER B 37 -25.87 17.00 -9.47
N ILE B 38 -25.36 17.45 -8.34
CA ILE B 38 -26.00 18.59 -7.66
C ILE B 38 -26.00 19.84 -8.55
N ALA B 39 -24.85 20.13 -9.17
CA ALA B 39 -24.69 21.30 -10.05
C ALA B 39 -25.58 21.19 -11.28
N ILE B 40 -25.61 20.02 -11.90
CA ILE B 40 -26.39 19.78 -13.13
C ILE B 40 -27.90 19.92 -12.85
N GLN B 41 -28.37 19.26 -11.79
CA GLN B 41 -29.77 19.36 -11.41
C GLN B 41 -30.17 20.82 -11.15
N GLY B 42 -29.34 21.53 -10.39
CA GLY B 42 -29.54 22.96 -10.14
C GLY B 42 -29.62 23.81 -11.39
N ALA B 43 -28.70 23.56 -12.33
CA ALA B 43 -28.68 24.31 -13.60
C ALA B 43 -29.94 24.08 -14.41
N ILE B 44 -30.43 22.85 -14.40
CA ILE B 44 -31.64 22.52 -15.16
C ILE B 44 -32.87 23.18 -14.54
N GLU B 45 -32.96 23.09 -13.23
CA GLU B 45 -34.05 23.74 -12.48
C GLU B 45 -34.08 25.24 -12.77
N LYS B 46 -32.95 25.91 -12.65
CA LYS B 46 -32.84 27.34 -12.97
C LYS B 46 -33.23 27.68 -14.41
N ALA B 47 -32.94 26.78 -15.35
CA ALA B 47 -33.23 27.03 -16.76
C ALA B 47 -34.75 27.05 -16.99
N GLY B 48 -35.46 26.30 -16.17
CA GLY B 48 -36.91 26.20 -16.27
C GLY B 48 -37.38 25.31 -17.40
N ILE B 49 -36.50 24.47 -17.93
CA ILE B 49 -36.85 23.59 -19.06
C ILE B 49 -37.10 22.17 -18.56
N PRO B 50 -37.85 21.36 -19.34
CA PRO B 50 -37.97 19.95 -18.97
C PRO B 50 -36.59 19.33 -19.07
N LYS B 51 -36.26 18.43 -18.15
CA LYS B 51 -34.95 17.77 -18.17
C LYS B 51 -34.69 16.95 -19.44
N GLU B 52 -35.78 16.42 -20.02
CA GLU B 52 -35.77 15.69 -21.30
C GLU B 52 -35.19 16.48 -22.47
N GLU B 53 -35.18 17.81 -22.36
CA GLU B 53 -34.70 18.64 -23.44
C GLU B 53 -33.19 18.59 -23.56
N VAL B 54 -32.51 18.27 -22.46
CA VAL B 54 -31.04 18.18 -22.47
C VAL B 54 -30.64 16.95 -23.28
N LYS B 55 -29.92 17.17 -24.38
CA LYS B 55 -29.63 16.09 -25.33
C LYS B 55 -28.33 15.35 -25.09
N GLU B 56 -27.35 16.02 -24.47
CA GLU B 56 -26.00 15.44 -24.34
C GLU B 56 -25.23 16.28 -23.32
N ALA B 57 -24.19 15.70 -22.71
CA ALA B 57 -23.45 16.32 -21.60
C ALA B 57 -21.96 16.06 -21.68
N TYR B 58 -21.18 17.14 -21.43
CA TYR B 58 -19.71 17.07 -21.31
C TYR B 58 -19.35 17.66 -19.96
N MET B 59 -18.56 16.95 -19.16
CA MET B 59 -18.03 17.50 -17.90
C MET B 59 -16.50 17.40 -17.84
N GLY B 60 -15.86 18.51 -17.47
CA GLY B 60 -14.42 18.47 -17.20
C GLY B 60 -14.12 17.80 -15.86
N ASN B 61 -12.99 17.11 -15.78
CA ASN B 61 -12.66 16.28 -14.59
C ASN B 61 -11.23 15.80 -14.80
N VAL B 62 -10.29 16.24 -13.98
CA VAL B 62 -8.87 15.99 -14.25
C VAL B 62 -8.37 14.70 -13.63
N LEU B 63 -8.87 14.42 -12.43
CA LEU B 63 -8.30 13.34 -11.58
C LEU B 63 -9.41 12.31 -11.43
N GLN B 64 -9.50 11.47 -12.46
CA GLN B 64 -10.63 10.54 -12.65
C GLN B 64 -10.41 9.20 -11.95
N GLY B 65 -9.19 8.94 -11.49
CA GLY B 65 -8.84 7.64 -10.88
C GLY B 65 -9.67 7.20 -9.68
N GLY B 66 -10.26 6.01 -9.73
CA GLY B 66 -11.08 5.56 -8.60
C GLY B 66 -12.49 6.12 -8.49
N GLU B 67 -12.88 7.03 -9.40
CA GLU B 67 -14.24 7.59 -9.42
C GLU B 67 -15.29 6.61 -10.00
N GLY B 68 -14.82 5.46 -10.52
CA GLY B 68 -15.70 4.50 -11.17
C GLY B 68 -15.90 4.78 -12.65
N GLN B 69 -16.62 3.89 -13.33
CA GLN B 69 -16.77 3.99 -14.78
C GLN B 69 -17.56 5.22 -15.21
N ALA B 70 -17.09 5.87 -16.29
CA ALA B 70 -17.80 7.00 -16.93
C ALA B 70 -18.26 8.10 -15.95
N PRO B 71 -17.31 8.89 -15.36
CA PRO B 71 -17.73 9.92 -14.39
C PRO B 71 -18.85 10.86 -14.83
N THR B 72 -18.82 11.35 -16.07
CA THR B 72 -19.93 12.21 -16.53
C THR B 72 -21.28 11.50 -16.57
N ARG B 73 -21.30 10.26 -17.03
CA ARG B 73 -22.54 9.45 -17.00
C ARG B 73 -23.10 9.36 -15.56
N GLN B 74 -22.23 9.09 -14.58
CA GLN B 74 -22.65 9.02 -13.17
C GLN B 74 -23.27 10.33 -12.69
N ALA B 75 -22.65 11.46 -13.05
CA ALA B 75 -23.19 12.77 -12.70
C ALA B 75 -24.54 13.05 -13.35
N VAL B 76 -24.65 12.71 -14.64
CA VAL B 76 -25.87 12.95 -15.39
C VAL B 76 -27.05 12.09 -14.89
N LEU B 77 -26.81 10.80 -14.75
CA LEU B 77 -27.91 9.91 -14.33
C LEU B 77 -28.29 10.19 -12.87
N GLY B 78 -27.28 10.49 -12.04
CA GLY B 78 -27.45 10.94 -10.65
C GLY B 78 -28.29 12.22 -10.49
N ALA B 79 -28.31 13.05 -11.52
CA ALA B 79 -29.14 14.27 -11.58
C ALA B 79 -30.55 13.99 -12.09
N GLY B 80 -30.81 12.72 -12.43
CA GLY B 80 -32.11 12.31 -12.96
C GLY B 80 -32.38 12.60 -14.44
N LEU B 81 -31.34 12.92 -15.20
CA LEU B 81 -31.50 13.06 -16.66
C LEU B 81 -31.76 11.71 -17.34
N PRO B 82 -32.37 11.71 -18.54
CA PRO B 82 -32.78 10.43 -19.12
C PRO B 82 -31.59 9.55 -19.49
N ILE B 83 -31.80 8.24 -19.47
CA ILE B 83 -30.74 7.28 -19.82
C ILE B 83 -30.35 7.41 -21.28
N SER B 84 -31.11 8.17 -22.06
CA SER B 84 -30.80 8.37 -23.48
C SER B 84 -29.74 9.48 -23.72
N THR B 85 -29.23 10.07 -22.64
CA THR B 85 -28.28 11.19 -22.72
C THR B 85 -26.83 10.72 -22.89
N PRO B 86 -26.22 10.93 -24.08
CA PRO B 86 -24.80 10.55 -24.21
C PRO B 86 -23.91 11.44 -23.34
N CYS B 87 -22.82 10.87 -22.83
CA CYS B 87 -21.91 11.56 -21.90
C CYS B 87 -20.40 11.40 -22.24
N THR B 88 -19.63 12.48 -22.10
CA THR B 88 -18.18 12.42 -22.31
C THR B 88 -17.47 13.25 -21.25
N THR B 89 -16.38 12.70 -20.70
CA THR B 89 -15.57 13.35 -19.65
C THR B 89 -14.33 13.96 -20.30
N ILE B 90 -14.05 15.21 -19.95
CA ILE B 90 -13.06 16.06 -20.69
C ILE B 90 -11.89 16.36 -19.77
N ASN B 91 -10.67 16.23 -20.29
CA ASN B 91 -9.46 16.52 -19.50
C ASN B 91 -8.48 17.37 -20.31
N LYS B 92 -8.52 18.66 -20.04
CA LYS B 92 -7.46 19.63 -20.45
C LYS B 92 -6.85 20.25 -19.17
N VAL B 93 -6.54 19.37 -18.23
CA VAL B 93 -6.08 19.77 -16.88
C VAL B 93 -6.92 20.95 -16.34
N CYS B 94 -6.26 22.00 -15.90
CA CYS B 94 -6.92 23.15 -15.29
C CYS B 94 -7.98 23.82 -16.18
N ALA B 95 -7.88 23.66 -17.50
CA ALA B 95 -8.81 24.28 -18.48
C ALA B 95 -10.08 23.44 -18.75
N SER B 96 -10.16 22.28 -18.11
CA SER B 96 -11.19 21.27 -18.41
C SER B 96 -12.62 21.79 -18.40
N GLY B 97 -12.98 22.55 -17.36
CA GLY B 97 -14.33 23.06 -17.25
C GLY B 97 -14.70 24.05 -18.33
N MET B 98 -13.73 24.86 -18.78
CA MET B 98 -13.96 25.75 -19.90
C MET B 98 -13.99 25.00 -21.25
N LYS B 99 -13.08 24.06 -21.44
CA LYS B 99 -12.98 23.36 -22.71
C LYS B 99 -14.27 22.54 -22.95
N ALA B 100 -14.85 21.98 -21.87
CA ALA B 100 -16.17 21.31 -21.99
C ALA B 100 -17.22 22.23 -22.61
N ILE B 101 -17.28 23.48 -22.13
CA ILE B 101 -18.24 24.47 -22.62
C ILE B 101 -17.94 24.81 -24.12
N MET B 102 -16.66 25.00 -24.43
CA MET B 102 -16.22 25.26 -25.80
C MET B 102 -16.62 24.12 -26.72
N MET B 103 -16.36 22.87 -26.30
CA MET B 103 -16.66 21.72 -27.17
C MET B 103 -18.15 21.53 -27.39
N ALA B 104 -18.92 21.68 -26.30
CA ALA B 104 -20.37 21.64 -26.41
C ALA B 104 -20.87 22.74 -27.36
N SER B 105 -20.29 23.93 -27.28
CA SER B 105 -20.70 25.02 -28.15
C SER B 105 -20.43 24.64 -29.60
N GLN B 106 -19.33 23.94 -29.86
CA GLN B 106 -19.04 23.46 -31.24
C GLN B 106 -20.13 22.51 -31.78
N SER B 107 -20.57 21.57 -30.94
CA SER B 107 -21.62 20.62 -31.34
C SER B 107 -22.91 21.38 -31.68
N LEU B 108 -23.26 22.36 -30.84
CA LEU B 108 -24.47 23.16 -31.07
C LEU B 108 -24.38 23.99 -32.38
N MET B 109 -23.24 24.63 -32.58
CA MET B 109 -22.97 25.43 -33.79
C MET B 109 -23.17 24.63 -35.06
N CYS B 110 -22.80 23.33 -35.00
CA CYS B 110 -22.93 22.39 -36.15
C CYS B 110 -24.37 21.91 -36.36
N GLY B 111 -25.22 22.22 -35.37
CA GLY B 111 -26.59 21.69 -35.33
C GLY B 111 -26.65 20.22 -34.98
N HIS B 112 -25.65 19.70 -34.27
CA HIS B 112 -25.68 18.28 -33.93
C HIS B 112 -26.50 17.99 -32.67
N GLN B 113 -26.66 19.01 -31.83
CA GLN B 113 -27.63 18.99 -30.74
C GLN B 113 -28.24 20.39 -30.65
N ASP B 114 -29.39 20.54 -30.00
CA ASP B 114 -29.93 21.89 -29.77
C ASP B 114 -29.86 22.38 -28.31
N VAL B 115 -29.76 21.44 -27.37
CA VAL B 115 -29.60 21.71 -25.93
C VAL B 115 -28.58 20.75 -25.30
N MET B 116 -27.61 21.31 -24.59
CA MET B 116 -26.57 20.53 -23.87
C MET B 116 -26.32 21.08 -22.47
N VAL B 117 -25.75 20.24 -21.61
CA VAL B 117 -25.19 20.70 -20.33
C VAL B 117 -23.67 20.53 -20.42
N ALA B 118 -22.94 21.54 -19.95
CA ALA B 118 -21.48 21.50 -19.98
C ALA B 118 -20.96 22.12 -18.70
N GLY B 119 -19.87 21.58 -18.17
CA GLY B 119 -19.35 22.11 -16.90
C GLY B 119 -18.12 21.36 -16.46
N GLY B 120 -17.85 21.39 -15.15
CA GLY B 120 -16.71 20.65 -14.59
C GLY B 120 -16.93 20.22 -13.15
N MET B 121 -16.13 19.26 -12.71
CA MET B 121 -16.25 18.73 -11.33
C MET B 121 -14.91 18.17 -10.85
N GLU B 122 -14.67 18.25 -9.54
CA GLU B 122 -13.46 17.74 -8.94
C GLU B 122 -13.65 17.55 -7.43
N SER B 123 -13.23 16.40 -6.92
CA SER B 123 -13.13 16.15 -5.47
C SER B 123 -11.69 15.82 -5.16
N MET B 124 -10.89 16.85 -4.88
CA MET B 124 -9.51 16.60 -4.55
C MET B 124 -9.36 15.82 -3.23
N SER B 125 -10.31 15.99 -2.30
CA SER B 125 -10.36 15.22 -1.07
C SER B 125 -10.36 13.72 -1.30
N ASN B 126 -11.00 13.28 -2.38
CA ASN B 126 -11.15 11.85 -2.68
C ASN B 126 -10.20 11.28 -3.72
N VAL B 127 -9.23 12.07 -4.19
CA VAL B 127 -8.25 11.55 -5.16
C VAL B 127 -7.35 10.55 -4.45
N PRO B 128 -7.15 9.34 -5.02
CA PRO B 128 -6.38 8.31 -4.33
C PRO B 128 -4.87 8.33 -4.51
N TYR B 129 -4.23 7.34 -3.87
CA TYR B 129 -2.85 6.98 -4.11
C TYR B 129 -2.78 5.76 -5.04
N VAL B 130 -1.67 5.63 -5.75
CA VAL B 130 -1.46 4.51 -6.68
C VAL B 130 -0.22 3.66 -6.39
N MET B 131 -0.36 2.37 -6.66
CA MET B 131 0.76 1.44 -6.66
C MET B 131 0.87 0.82 -8.05
N ASN B 132 2.07 0.81 -8.60
CA ASN B 132 2.30 0.20 -9.91
C ASN B 132 1.95 -1.29 -9.91
N ARG B 133 1.44 -1.74 -11.06
CA ARG B 133 1.16 -3.14 -11.28
C ARG B 133 2.53 -3.79 -11.46
N GLY B 134 2.69 -5.01 -10.98
CA GLY B 134 3.94 -5.73 -11.19
C GLY B 134 4.50 -6.22 -9.88
N SER B 135 5.76 -6.65 -9.90
CA SER B 135 6.38 -7.16 -8.68
C SER B 135 7.02 -6.04 -7.87
N THR B 136 6.83 -6.12 -6.56
CA THR B 136 7.33 -5.11 -5.64
C THR B 136 8.87 -5.15 -5.60
N PRO B 137 9.53 -3.99 -5.72
CA PRO B 137 10.99 -3.97 -5.75
C PRO B 137 11.58 -4.19 -4.36
N TYR B 138 12.63 -4.99 -4.28
CA TYR B 138 13.36 -5.16 -3.01
C TYR B 138 13.67 -3.78 -2.43
N GLY B 139 13.44 -3.59 -1.13
CA GLY B 139 13.75 -2.31 -0.52
C GLY B 139 12.55 -1.39 -0.36
N GLY B 140 11.43 -1.78 -1.00
CA GLY B 140 10.16 -1.09 -0.83
C GLY B 140 9.83 -0.12 -1.95
N VAL B 141 8.76 0.66 -1.77
CA VAL B 141 8.33 1.64 -2.78
C VAL B 141 7.39 2.68 -2.16
N LYS B 142 7.40 3.90 -2.72
CA LYS B 142 6.45 4.93 -2.30
C LYS B 142 5.26 4.98 -3.26
N LEU B 143 4.08 4.79 -2.70
CA LEU B 143 2.82 4.93 -3.41
C LEU B 143 2.59 6.39 -3.65
N GLU B 144 2.43 6.77 -4.91
CA GLU B 144 2.30 8.18 -5.25
C GLU B 144 0.89 8.75 -5.08
N ASP B 145 0.87 10.03 -4.72
CA ASP B 145 -0.32 10.82 -4.59
C ASP B 145 -0.68 11.33 -5.98
N LEU B 146 -1.82 10.90 -6.48
CA LEU B 146 -2.28 11.33 -7.83
C LEU B 146 -2.55 12.86 -7.96
N ILE B 147 -2.81 13.57 -6.86
CA ILE B 147 -2.95 15.03 -6.94
C ILE B 147 -1.60 15.56 -7.42
N VAL B 148 -0.54 15.07 -6.79
CA VAL B 148 0.82 15.48 -7.12
C VAL B 148 1.23 14.97 -8.51
N LYS B 149 1.09 13.66 -8.72
CA LYS B 149 1.59 13.03 -9.95
C LYS B 149 0.84 13.43 -11.22
N ASP B 150 -0.49 13.41 -11.16
CA ASP B 150 -1.28 13.73 -12.35
C ASP B 150 -1.74 15.19 -12.40
N GLY B 151 -1.95 15.81 -11.23
CA GLY B 151 -2.54 17.14 -11.20
C GLY B 151 -1.55 18.29 -11.28
N LEU B 152 -0.44 18.19 -10.56
CA LEU B 152 0.38 19.37 -10.22
C LEU B 152 1.87 19.35 -10.61
N THR B 153 2.36 18.24 -11.14
CA THR B 153 3.77 18.15 -11.57
C THR B 153 3.84 18.28 -13.09
N ASP B 154 4.68 19.20 -13.57
CA ASP B 154 4.96 19.28 -14.99
C ASP B 154 5.78 18.08 -15.40
N VAL B 155 5.32 17.39 -16.45
CA VAL B 155 6.01 16.19 -16.89
C VAL B 155 7.47 16.47 -17.32
N TYR B 156 7.67 17.56 -18.05
CA TYR B 156 8.91 17.77 -18.82
C TYR B 156 10.00 18.35 -17.93
N ASN B 157 9.61 19.24 -17.03
CA ASN B 157 10.54 19.86 -16.07
C ASN B 157 10.69 19.10 -14.77
N LYS B 158 9.75 18.18 -14.51
CA LYS B 158 9.78 17.33 -13.32
C LYS B 158 9.75 18.16 -12.03
N ILE B 159 8.99 19.25 -12.05
CA ILE B 159 8.78 20.10 -10.88
C ILE B 159 7.31 20.52 -10.79
N HIS B 160 6.90 20.95 -9.59
CA HIS B 160 5.55 21.42 -9.31
C HIS B 160 5.21 22.64 -10.18
N MET B 161 3.93 22.79 -10.49
CA MET B 161 3.45 23.99 -11.19
C MET B 161 3.95 25.24 -10.47
N GLY B 162 4.02 25.18 -9.13
CA GLY B 162 4.42 26.35 -8.32
C GLY B 162 5.85 26.74 -8.59
N SER B 163 6.70 25.73 -8.80
CA SER B 163 8.09 25.95 -9.17
C SER B 163 8.20 26.49 -10.61
N CYS B 164 7.35 26.03 -11.51
CA CYS B 164 7.27 26.59 -12.86
C CYS B 164 6.90 28.08 -12.83
N ALA B 165 5.96 28.44 -11.95
CA ALA B 165 5.53 29.82 -11.82
C ALA B 165 6.68 30.76 -11.40
N GLU B 166 7.64 30.22 -10.63
CA GLU B 166 8.80 30.99 -10.16
C GLU B 166 9.63 31.52 -11.32
N ASN B 167 9.63 30.76 -12.40
CA ASN B 167 10.33 31.14 -13.62
C ASN B 167 9.78 32.41 -14.23
N THR B 168 8.45 32.53 -14.23
CA THR B 168 7.77 33.72 -14.71
C THR B 168 7.97 34.91 -13.75
N ALA B 169 7.93 34.64 -12.45
CA ALA B 169 8.20 35.68 -11.44
C ALA B 169 9.55 36.34 -11.68
N LYS B 170 10.55 35.51 -11.99
CA LYS B 170 11.90 35.96 -12.31
C LYS B 170 11.96 36.76 -13.61
N LYS B 171 11.43 36.20 -14.70
CA LYS B 171 11.47 36.84 -16.02
C LYS B 171 10.72 38.17 -16.10
N LEU B 172 9.60 38.26 -15.38
CA LEU B 172 8.77 39.47 -15.47
C LEU B 172 8.96 40.39 -14.27
N ASN B 173 9.86 40.04 -13.36
CA ASN B 173 10.13 40.81 -12.15
C ASN B 173 8.92 41.06 -11.26
N ILE B 174 8.18 39.99 -10.98
CA ILE B 174 6.99 40.10 -10.15
C ILE B 174 7.35 39.56 -8.78
N ALA B 175 7.45 40.46 -7.80
CA ALA B 175 8.07 40.15 -6.51
C ALA B 175 7.09 39.51 -5.52
N ARG B 176 7.66 38.86 -4.50
CA ARG B 176 6.91 38.28 -3.38
C ARG B 176 5.86 39.24 -2.78
N ASN B 177 6.27 40.50 -2.52
CA ASN B 177 5.33 41.45 -1.91
C ASN B 177 4.12 41.75 -2.82
N GLU B 178 4.37 41.85 -4.13
CA GLU B 178 3.29 42.12 -5.09
C GLU B 178 2.32 40.93 -5.18
N GLN B 179 2.87 39.73 -5.21
CA GLN B 179 2.05 38.50 -5.20
C GLN B 179 1.19 38.44 -3.93
N ASP B 180 1.79 38.70 -2.78
CA ASP B 180 1.06 38.75 -1.50
C ASP B 180 -0.02 39.82 -1.46
N ALA B 181 0.25 40.98 -2.05
CA ALA B 181 -0.78 42.04 -2.12
C ALA B 181 -1.95 41.59 -2.99
N TYR B 182 -1.65 40.93 -4.11
CA TYR B 182 -2.71 40.40 -4.96
C TYR B 182 -3.57 39.41 -4.17
N ALA B 183 -2.93 38.51 -3.45
CA ALA B 183 -3.68 37.44 -2.75
C ALA B 183 -4.57 38.01 -1.66
N ILE B 184 -4.02 38.95 -0.87
CA ILE B 184 -4.86 39.63 0.11
C ILE B 184 -6.08 40.31 -0.53
N ASN B 185 -5.88 40.92 -1.69
CA ASN B 185 -6.94 41.53 -2.48
C ASN B 185 -8.03 40.51 -2.87
N SER B 186 -7.62 39.32 -3.27
CA SER B 186 -8.57 38.25 -3.64
C SER B 186 -9.42 37.83 -2.42
N TYR B 187 -8.77 37.46 -1.32
CA TYR B 187 -9.49 37.20 -0.07
C TYR B 187 -10.48 38.32 0.32
N THR B 188 -10.06 39.58 0.17
CA THR B 188 -10.90 40.72 0.50
C THR B 188 -12.11 40.84 -0.42
N ARG B 189 -11.89 40.65 -1.74
CA ARG B 189 -12.95 40.69 -2.70
C ARG B 189 -13.95 39.54 -2.48
N SER B 190 -13.43 38.36 -2.15
CA SER B 190 -14.27 37.16 -1.91
C SER B 190 -15.24 37.39 -0.73
N LYS B 191 -14.67 37.82 0.39
CA LYS B 191 -15.46 38.11 1.58
C LYS B 191 -16.53 39.19 1.30
N ALA B 192 -16.12 40.32 0.72
CA ALA B 192 -17.05 41.39 0.38
C ALA B 192 -18.18 40.90 -0.49
N ALA B 193 -17.86 40.04 -1.47
CA ALA B 193 -18.87 39.59 -2.43
C ALA B 193 -19.86 38.68 -1.73
N TRP B 194 -19.34 37.80 -0.86
CA TRP B 194 -20.22 36.91 -0.10
C TRP B 194 -21.15 37.74 0.81
N GLU B 195 -20.59 38.73 1.49
CA GLU B 195 -21.36 39.57 2.41
C GLU B 195 -22.39 40.46 1.70
N ALA B 196 -22.13 40.82 0.45
CA ALA B 196 -23.08 41.58 -0.38
C ALA B 196 -24.15 40.69 -1.05
N GLY B 197 -24.07 39.39 -0.81
CA GLY B 197 -25.02 38.44 -1.39
C GLY B 197 -24.90 38.21 -2.88
N LYS B 198 -23.71 38.43 -3.43
CA LYS B 198 -23.50 38.42 -4.89
C LYS B 198 -23.57 37.03 -5.56
N PHE B 199 -23.76 35.98 -4.77
CA PHE B 199 -23.70 34.59 -5.26
C PHE B 199 -25.07 33.91 -5.14
N GLY B 200 -26.08 34.72 -4.86
CA GLY B 200 -27.42 34.21 -4.60
C GLY B 200 -28.10 33.49 -5.75
N ASN B 201 -27.79 33.88 -6.98
CA ASN B 201 -28.33 33.16 -8.14
C ASN B 201 -27.34 32.14 -8.74
N GLU B 202 -26.11 32.17 -8.24
CA GLU B 202 -25.00 31.36 -8.76
C GLU B 202 -24.78 30.07 -7.97
N VAL B 203 -24.78 30.17 -6.64
CA VAL B 203 -24.43 29.05 -5.78
C VAL B 203 -25.71 28.43 -5.21
N ILE B 204 -25.80 27.10 -5.20
CA ILE B 204 -26.88 26.43 -4.47
C ILE B 204 -26.32 25.67 -3.28
N PRO B 205 -27.06 25.63 -2.15
CA PRO B 205 -26.53 24.97 -0.95
C PRO B 205 -26.42 23.45 -1.07
N VAL B 206 -25.57 22.84 -0.25
CA VAL B 206 -25.46 21.37 -0.22
C VAL B 206 -25.71 20.86 1.21
N THR B 207 -26.57 19.85 1.34
CA THR B 207 -26.83 19.22 2.64
C THR B 207 -26.04 17.93 2.71
N VAL B 208 -25.15 17.86 3.70
CA VAL B 208 -24.34 16.69 3.93
C VAL B 208 -25.01 15.89 5.06
N THR B 209 -25.39 14.66 4.76
CA THR B 209 -26.14 13.83 5.70
C THR B 209 -25.31 12.62 6.09
N VAL B 210 -25.16 12.42 7.40
CA VAL B 210 -24.42 11.29 7.97
C VAL B 210 -25.35 10.52 8.92
N LYS B 211 -25.33 9.19 8.83
CA LYS B 211 -26.15 8.36 9.69
C LYS B 211 -25.77 8.56 11.15
N GLY B 212 -26.77 8.85 11.97
CA GLY B 212 -26.58 8.98 13.42
C GLY B 212 -25.98 10.31 13.85
N GLN B 213 -25.93 11.26 12.92
CA GLN B 213 -25.48 12.62 13.22
C GLN B 213 -26.36 13.66 12.53
N PRO B 214 -26.32 14.93 12.99
CA PRO B 214 -27.20 15.94 12.37
C PRO B 214 -26.71 16.39 10.98
N ASP B 215 -27.66 16.78 10.14
CA ASP B 215 -27.39 17.35 8.81
C ASP B 215 -26.54 18.59 8.92
N VAL B 216 -25.59 18.74 7.99
CA VAL B 216 -24.85 19.98 7.84
C VAL B 216 -25.21 20.61 6.50
N VAL B 217 -25.66 21.85 6.54
CA VAL B 217 -25.98 22.58 5.31
C VAL B 217 -24.79 23.47 4.94
N VAL B 218 -24.16 23.18 3.81
CA VAL B 218 -23.05 23.99 3.31
C VAL B 218 -23.59 25.03 2.30
N LYS B 219 -23.52 26.31 2.65
CA LYS B 219 -24.21 27.32 1.86
C LYS B 219 -23.28 28.37 1.26
N GLU B 220 -22.04 28.41 1.71
CA GLU B 220 -21.07 29.32 1.11
C GLU B 220 -19.69 28.70 0.94
N ASP B 221 -18.86 29.34 0.12
CA ASP B 221 -17.49 28.88 -0.06
C ASP B 221 -16.75 28.82 1.27
N GLU B 222 -15.98 27.74 1.47
CA GLU B 222 -15.28 27.49 2.73
C GLU B 222 -13.91 28.17 2.83
N GLU B 223 -13.21 28.27 1.69
CA GLU B 223 -11.78 28.58 1.70
C GLU B 223 -11.44 30.01 2.13
N TYR B 224 -12.29 30.97 1.79
CA TYR B 224 -11.86 32.38 1.91
C TYR B 224 -11.75 32.87 3.36
N LYS B 225 -12.33 32.11 4.29
CA LYS B 225 -12.23 32.41 5.71
C LYS B 225 -10.96 31.83 6.34
N ARG B 226 -10.26 30.98 5.60
CA ARG B 226 -9.04 30.36 6.11
C ARG B 226 -7.82 31.20 5.76
N VAL B 227 -7.66 32.32 6.47
CA VAL B 227 -6.58 33.28 6.16
C VAL B 227 -6.35 34.17 7.38
N ASP B 228 -5.13 34.68 7.52
CA ASP B 228 -4.78 35.63 8.55
C ASP B 228 -3.79 36.58 7.88
N PHE B 229 -4.24 37.79 7.55
CA PHE B 229 -3.44 38.70 6.72
C PHE B 229 -2.07 39.02 7.38
N SER B 230 -2.04 39.00 8.71
CA SER B 230 -0.80 39.30 9.45
C SER B 230 0.27 38.23 9.26
N LYS B 231 -0.16 36.99 8.96
CA LYS B 231 0.77 35.87 8.74
C LYS B 231 1.20 35.70 7.27
N VAL B 232 0.47 36.31 6.35
CA VAL B 232 0.76 36.19 4.91
C VAL B 232 2.24 36.50 4.55
N PRO B 233 2.80 37.64 5.00
CA PRO B 233 4.21 37.92 4.67
C PRO B 233 5.23 37.10 5.48
N LYS B 234 4.75 36.24 6.37
CA LYS B 234 5.63 35.42 7.20
C LYS B 234 5.86 34.00 6.65
N LEU B 235 5.02 33.57 5.72
CA LEU B 235 5.08 32.20 5.19
C LEU B 235 6.35 31.90 4.41
N LYS B 236 6.78 30.62 4.45
CA LYS B 236 7.90 30.14 3.63
C LYS B 236 7.57 29.99 2.15
N THR B 237 8.56 30.22 1.31
CA THR B 237 8.41 30.08 -0.14
C THR B 237 8.67 28.61 -0.52
N VAL B 238 7.61 27.81 -0.43
CA VAL B 238 7.70 26.35 -0.43
C VAL B 238 8.07 25.69 -1.75
N PHE B 239 8.03 26.44 -2.86
CA PHE B 239 8.36 25.87 -4.16
C PHE B 239 9.78 26.16 -4.64
N GLN B 240 10.54 26.90 -3.82
CA GLN B 240 11.89 27.33 -4.17
C GLN B 240 12.51 27.98 -2.95
N LYS B 241 13.55 27.35 -2.40
CA LYS B 241 14.21 27.81 -1.18
C LYS B 241 14.93 29.14 -1.34
N GLU B 242 15.65 29.31 -2.44
CA GLU B 242 16.42 30.53 -2.68
C GLU B 242 15.72 31.47 -3.65
N ASN B 243 15.54 32.72 -3.22
CA ASN B 243 14.92 33.75 -4.05
C ASN B 243 13.49 33.41 -4.47
N GLY B 244 12.77 32.72 -3.59
CA GLY B 244 11.39 32.30 -3.89
C GLY B 244 10.38 33.41 -3.70
N THR B 245 9.18 33.21 -4.25
CA THR B 245 8.12 34.24 -4.17
C THR B 245 6.72 33.61 -3.94
N VAL B 246 6.54 32.38 -4.40
CA VAL B 246 5.24 31.69 -4.31
C VAL B 246 5.08 31.02 -2.94
N THR B 247 3.91 31.21 -2.31
CA THR B 247 3.62 30.60 -1.01
C THR B 247 2.24 29.90 -1.02
N ALA B 248 1.95 29.16 0.03
CA ALA B 248 0.62 28.56 0.22
C ALA B 248 -0.48 29.61 0.22
N ALA B 249 -0.18 30.80 0.75
CA ALA B 249 -1.22 31.84 0.80
C ALA B 249 -1.46 32.52 -0.55
N ASN B 250 -0.39 32.78 -1.32
CA ASN B 250 -0.58 33.48 -2.58
C ASN B 250 -0.79 32.54 -3.78
N ALA B 251 -0.72 31.23 -3.54
CA ALA B 251 -1.13 30.22 -4.52
C ALA B 251 -2.59 29.75 -4.31
N SER B 252 -3.19 29.15 -5.36
CA SER B 252 -4.48 28.47 -5.17
C SER B 252 -4.31 27.28 -4.22
N THR B 253 -5.43 26.81 -3.68
CA THR B 253 -5.45 25.70 -2.76
C THR B 253 -6.10 24.47 -3.42
N LEU B 254 -6.00 23.31 -2.73
CA LEU B 254 -6.74 22.09 -3.13
C LEU B 254 -8.17 22.08 -2.58
N ASN B 255 -9.13 21.75 -3.46
CA ASN B 255 -10.55 21.92 -3.14
C ASN B 255 -11.50 20.96 -3.86
N ASP B 256 -12.77 21.00 -3.45
CA ASP B 256 -13.85 20.15 -4.00
C ASP B 256 -14.96 21.05 -4.51
N GLY B 257 -15.49 20.74 -5.69
CA GLY B 257 -16.62 21.50 -6.22
C GLY B 257 -17.06 21.08 -7.60
N ALA B 258 -18.24 21.56 -8.00
CA ALA B 258 -18.74 21.36 -9.37
C ALA B 258 -19.57 22.54 -9.84
N ALA B 259 -19.56 22.75 -11.16
CA ALA B 259 -20.34 23.80 -11.78
C ALA B 259 -20.93 23.30 -13.08
N ALA B 260 -22.08 23.80 -13.47
CA ALA B 260 -22.75 23.36 -14.70
C ALA B 260 -23.56 24.48 -15.35
N LEU B 261 -23.51 24.50 -16.68
CA LEU B 261 -24.26 25.44 -17.49
C LEU B 261 -25.21 24.73 -18.45
N VAL B 262 -26.39 25.31 -18.65
CA VAL B 262 -27.28 24.86 -19.71
C VAL B 262 -27.05 25.75 -20.93
N LEU B 263 -26.68 25.11 -22.04
CA LEU B 263 -26.35 25.80 -23.29
C LEU B 263 -27.42 25.43 -24.31
N MET B 264 -27.84 26.38 -25.13
CA MET B 264 -28.81 26.11 -26.22
C MET B 264 -28.45 26.87 -27.47
N THR B 265 -28.97 26.44 -28.62
CA THR B 265 -29.03 27.34 -29.78
C THR B 265 -30.12 28.42 -29.54
N ALA B 266 -29.93 29.57 -30.18
CA ALA B 266 -30.91 30.66 -30.18
C ALA B 266 -32.28 30.18 -30.61
N ASP B 267 -32.32 29.31 -31.61
CA ASP B 267 -33.61 28.72 -32.07
C ASP B 267 -34.32 27.90 -30.99
N ALA B 268 -33.53 27.10 -30.25
CA ALA B 268 -34.04 26.26 -29.16
C ALA B 268 -34.58 27.13 -28.00
N ALA B 269 -33.86 28.20 -27.66
CA ALA B 269 -34.34 29.11 -26.61
C ALA B 269 -35.67 29.74 -26.99
N LYS B 270 -35.81 30.07 -28.26
CA LYS B 270 -37.04 30.66 -28.80
C LYS B 270 -38.16 29.63 -28.72
N ARG B 271 -37.90 28.43 -29.22
CA ARG B 271 -38.90 27.34 -29.17
C ARG B 271 -39.40 27.04 -27.75
N LEU B 272 -38.51 27.15 -26.76
CA LEU B 272 -38.81 26.79 -25.39
C LEU B 272 -39.21 27.97 -24.51
N ASN B 273 -39.34 29.16 -25.12
CA ASN B 273 -39.75 30.37 -24.40
C ASN B 273 -38.84 30.69 -23.23
N VAL B 274 -37.54 30.53 -23.46
CA VAL B 274 -36.54 30.77 -22.46
C VAL B 274 -35.88 32.12 -22.77
N THR B 275 -35.64 32.91 -21.72
CA THR B 275 -34.89 34.15 -21.88
C THR B 275 -33.45 33.87 -21.43
N PRO B 276 -32.51 33.81 -22.39
CA PRO B 276 -31.12 33.43 -22.07
C PRO B 276 -30.37 34.52 -21.34
N LEU B 277 -29.36 34.13 -20.55
CA LEU B 277 -28.57 35.07 -19.77
C LEU B 277 -27.49 35.77 -20.61
N ALA B 278 -26.85 35.01 -21.50
CA ALA B 278 -25.69 35.52 -22.27
C ALA B 278 -25.45 34.76 -23.58
N ARG B 279 -24.77 35.41 -24.51
CA ARG B 279 -24.44 34.81 -25.80
C ARG B 279 -22.98 34.39 -25.73
N ILE B 280 -22.66 33.20 -26.23
CA ILE B 280 -21.25 32.83 -26.39
C ILE B 280 -20.71 33.37 -27.72
N VAL B 281 -19.76 34.28 -27.65
CA VAL B 281 -19.33 35.03 -28.83
C VAL B 281 -18.19 34.31 -29.56
N ALA B 282 -17.16 33.91 -28.82
CA ALA B 282 -15.97 33.29 -29.41
C ALA B 282 -15.12 32.66 -28.32
N PHE B 283 -14.23 31.79 -28.76
CA PHE B 283 -13.31 31.15 -27.82
C PHE B 283 -12.07 30.66 -28.58
N ALA B 284 -11.00 30.35 -27.82
CA ALA B 284 -9.71 29.97 -28.41
C ALA B 284 -8.86 29.21 -27.42
N ASP B 285 -7.93 28.41 -27.95
CA ASP B 285 -6.87 27.80 -27.12
C ASP B 285 -5.49 28.27 -27.60
N ALA B 286 -4.56 28.46 -26.66
CA ALA B 286 -3.16 28.73 -26.97
C ALA B 286 -2.26 27.79 -26.19
N ALA B 287 -1.02 27.59 -26.66
CA ALA B 287 -0.02 26.84 -25.91
C ALA B 287 1.39 27.41 -26.11
N VAL B 288 2.22 27.29 -25.08
CA VAL B 288 3.58 27.84 -25.07
C VAL B 288 4.47 26.76 -24.43
N GLU B 289 5.73 27.06 -24.14
CA GLU B 289 6.57 26.08 -23.44
C GLU B 289 5.90 25.67 -22.13
N PRO B 290 5.90 24.36 -21.81
CA PRO B 290 5.26 23.90 -20.56
C PRO B 290 5.58 24.74 -19.32
N ILE B 291 6.86 25.10 -19.10
CA ILE B 291 7.23 25.89 -17.93
C ILE B 291 6.55 27.27 -17.91
N ASP B 292 6.18 27.77 -19.08
CA ASP B 292 5.66 29.14 -19.21
C ASP B 292 4.13 29.20 -19.19
N PHE B 293 3.48 28.19 -18.61
CA PHE B 293 2.00 28.19 -18.59
C PHE B 293 1.34 29.52 -18.09
N PRO B 294 1.95 30.23 -17.11
CA PRO B 294 1.30 31.48 -16.65
C PRO B 294 0.99 32.49 -17.75
N ILE B 295 1.76 32.46 -18.84
CA ILE B 295 1.58 33.43 -19.92
C ILE B 295 0.67 32.99 -21.07
N ALA B 296 0.33 31.70 -21.14
CA ALA B 296 -0.56 31.24 -22.21
C ALA B 296 -1.91 31.94 -22.27
N PRO B 297 -2.52 32.29 -21.11
CA PRO B 297 -3.82 33.00 -21.15
C PRO B 297 -3.74 34.38 -21.84
N VAL B 298 -2.57 35.02 -21.84
CA VAL B 298 -2.40 36.28 -22.58
C VAL B 298 -2.67 36.04 -24.07
N TYR B 299 -2.05 34.99 -24.60
CA TYR B 299 -2.20 34.66 -26.04
C TYR B 299 -3.59 34.19 -26.37
N ALA B 300 -4.19 33.38 -25.50
CA ALA B 300 -5.54 32.88 -25.76
C ALA B 300 -6.54 34.05 -25.78
N ALA B 301 -6.40 34.97 -24.82
CA ALA B 301 -7.30 36.15 -24.81
C ALA B 301 -7.12 37.03 -26.04
N SER B 302 -5.86 37.28 -26.41
CA SER B 302 -5.54 38.09 -27.60
C SER B 302 -6.11 37.50 -28.88
N MET B 303 -6.08 36.17 -28.99
CA MET B 303 -6.70 35.48 -30.12
C MET B 303 -8.20 35.79 -30.23
N VAL B 304 -8.92 35.70 -29.12
CA VAL B 304 -10.37 35.91 -29.12
C VAL B 304 -10.70 37.37 -29.50
N LEU B 305 -9.98 38.33 -28.91
CA LEU B 305 -10.18 39.75 -29.21
C LEU B 305 -9.95 40.05 -30.69
N LYS B 306 -8.87 39.50 -31.24
CA LYS B 306 -8.53 39.72 -32.64
C LYS B 306 -9.53 39.06 -33.60
N ASP B 307 -10.01 37.87 -33.23
CA ASP B 307 -11.04 37.17 -33.99
C ASP B 307 -12.31 38.00 -34.13
N VAL B 308 -12.76 38.62 -33.03
CA VAL B 308 -14.06 39.27 -32.94
C VAL B 308 -13.97 40.75 -33.34
N GLY B 309 -12.75 41.31 -33.25
CA GLY B 309 -12.51 42.69 -33.62
C GLY B 309 -12.81 43.65 -32.49
N LEU B 310 -12.53 43.23 -31.25
CA LEU B 310 -12.71 44.06 -30.08
C LEU B 310 -11.35 44.50 -29.54
N LYS B 311 -11.32 45.64 -28.84
CA LYS B 311 -10.14 46.10 -28.14
C LYS B 311 -10.31 45.70 -26.68
N LYS B 312 -9.20 45.63 -25.96
CA LYS B 312 -9.25 45.26 -24.54
C LYS B 312 -10.20 46.17 -23.73
N GLU B 313 -10.22 47.47 -24.08
CA GLU B 313 -11.11 48.44 -23.45
C GLU B 313 -12.60 48.12 -23.61
N ASP B 314 -12.93 47.23 -24.54
CA ASP B 314 -14.35 46.91 -24.81
C ASP B 314 -14.88 45.88 -23.79
N ILE B 315 -13.96 45.27 -23.06
CA ILE B 315 -14.29 44.23 -22.07
C ILE B 315 -14.62 44.86 -20.72
N ALA B 316 -15.82 44.59 -20.20
CA ALA B 316 -16.27 45.15 -18.92
C ALA B 316 -15.69 44.43 -17.73
N MET B 317 -15.59 43.10 -17.82
CA MET B 317 -14.95 42.35 -16.75
C MET B 317 -14.15 41.15 -17.25
N TRP B 318 -13.00 40.95 -16.60
CA TRP B 318 -12.08 39.84 -16.88
C TRP B 318 -12.11 38.81 -15.73
N GLU B 319 -12.16 37.52 -16.10
CA GLU B 319 -11.93 36.44 -15.18
C GLU B 319 -10.69 35.71 -15.65
N VAL B 320 -9.57 35.98 -14.99
CA VAL B 320 -8.31 35.31 -15.31
C VAL B 320 -8.04 34.37 -14.17
N ASN B 321 -8.18 33.06 -14.41
CA ASN B 321 -8.14 32.10 -13.27
C ASN B 321 -6.91 32.26 -12.41
N GLU B 322 -7.16 32.41 -11.10
CA GLU B 322 -6.11 32.59 -10.09
C GLU B 322 -5.35 31.33 -9.67
N ALA B 323 -4.77 30.61 -10.64
CA ALA B 323 -3.99 29.44 -10.31
C ALA B 323 -2.88 29.79 -9.30
N PHE B 324 -2.25 30.94 -9.50
CA PHE B 324 -1.32 31.57 -8.55
C PHE B 324 -1.56 33.07 -8.73
N SER B 325 -1.38 33.84 -7.67
CA SER B 325 -1.42 35.32 -7.79
C SER B 325 -0.51 35.80 -8.93
N LEU B 326 0.65 35.14 -9.04
CA LEU B 326 1.64 35.41 -10.10
C LEU B 326 1.04 35.38 -11.51
N VAL B 327 0.18 34.39 -11.76
CA VAL B 327 -0.49 34.30 -13.06
C VAL B 327 -1.32 35.54 -13.38
N VAL B 328 -2.16 35.98 -12.43
CA VAL B 328 -3.03 37.13 -12.72
C VAL B 328 -2.15 38.39 -13.00
N LEU B 329 -1.12 38.56 -12.21
CA LEU B 329 -0.24 39.75 -12.29
C LEU B 329 0.50 39.78 -13.63
N ALA B 330 1.02 38.63 -14.05
CA ALA B 330 1.66 38.51 -15.37
C ALA B 330 0.69 38.88 -16.50
N ASN B 331 -0.57 38.44 -16.38
CA ASN B 331 -1.60 38.78 -17.37
C ASN B 331 -1.95 40.28 -17.41
N ILE B 332 -2.20 40.87 -16.24
CA ILE B 332 -2.52 42.31 -16.18
C ILE B 332 -1.37 43.14 -16.80
N LYS B 333 -0.15 42.76 -16.47
CA LYS B 333 1.07 43.45 -16.92
C LYS B 333 1.27 43.38 -18.44
N MET B 334 1.16 42.17 -18.98
CA MET B 334 1.33 41.94 -20.41
C MET B 334 0.19 42.53 -21.25
N LEU B 335 -1.04 42.42 -20.76
CA LEU B 335 -2.18 42.96 -21.50
C LEU B 335 -2.42 44.44 -21.21
N GLU B 336 -1.80 44.94 -20.15
CA GLU B 336 -1.95 46.35 -19.73
C GLU B 336 -3.42 46.70 -19.55
N ILE B 337 -4.09 45.92 -18.71
CA ILE B 337 -5.51 46.15 -18.41
C ILE B 337 -5.70 46.71 -17.00
N ASP B 338 -6.81 47.42 -16.82
CA ASP B 338 -7.24 48.02 -15.56
C ASP B 338 -7.50 46.92 -14.50
N PRO B 339 -6.67 46.89 -13.43
CA PRO B 339 -6.80 45.85 -12.41
C PRO B 339 -8.15 45.87 -11.69
N GLN B 340 -8.92 46.96 -11.85
CA GLN B 340 -10.20 47.05 -11.16
C GLN B 340 -11.27 46.26 -11.90
N LYS B 341 -10.93 45.78 -13.09
CA LYS B 341 -11.88 45.05 -13.90
C LYS B 341 -11.61 43.55 -13.86
N VAL B 342 -10.62 43.14 -13.07
CA VAL B 342 -10.08 41.77 -13.06
C VAL B 342 -10.44 41.03 -11.77
N ASN B 343 -11.02 39.83 -11.91
CA ASN B 343 -11.44 38.99 -10.79
C ASN B 343 -12.12 39.79 -9.65
N ILE B 344 -13.16 40.54 -10.03
CA ILE B 344 -13.79 41.60 -9.22
C ILE B 344 -14.34 41.03 -7.93
N ASN B 345 -14.86 39.79 -8.00
CA ASN B 345 -15.47 39.13 -6.83
C ASN B 345 -14.66 37.98 -6.23
N GLY B 346 -13.34 38.08 -6.34
CA GLY B 346 -12.45 37.04 -5.82
C GLY B 346 -12.09 36.02 -6.90
N GLY B 347 -11.33 35.00 -6.51
CA GLY B 347 -10.98 33.91 -7.42
C GLY B 347 -10.27 32.76 -6.72
N ALA B 348 -9.64 31.89 -7.51
CA ALA B 348 -9.05 30.63 -7.02
C ALA B 348 -8.07 30.71 -5.87
N VAL B 349 -7.37 31.83 -5.71
CA VAL B 349 -6.43 31.96 -4.60
C VAL B 349 -7.15 31.94 -3.25
N SER B 350 -8.36 32.50 -3.19
CA SER B 350 -9.13 32.63 -1.93
C SER B 350 -10.39 31.75 -1.91
N LEU B 351 -10.96 31.50 -3.08
CA LEU B 351 -12.14 30.62 -3.21
C LEU B 351 -11.76 29.15 -3.40
N GLY B 352 -10.53 28.88 -3.82
CA GLY B 352 -10.06 27.51 -4.00
C GLY B 352 -10.15 27.08 -5.44
N HIS B 353 -9.51 25.96 -5.77
CA HIS B 353 -9.31 25.55 -7.17
C HIS B 353 -9.56 24.03 -7.34
N PRO B 354 -10.84 23.59 -7.37
CA PRO B 354 -11.08 22.18 -7.75
C PRO B 354 -10.81 22.12 -9.24
N ILE B 355 -9.69 21.53 -9.60
CA ILE B 355 -9.11 21.87 -10.91
C ILE B 355 -10.02 21.66 -12.11
N GLY B 356 -10.78 20.56 -12.15
CA GLY B 356 -11.65 20.30 -13.27
C GLY B 356 -12.84 21.24 -13.34
N MET B 357 -13.14 21.90 -12.22
CA MET B 357 -14.34 22.78 -12.11
C MET B 357 -14.12 24.26 -12.47
N SER B 358 -12.96 24.80 -12.10
CA SER B 358 -12.74 26.26 -12.12
C SER B 358 -12.99 26.96 -13.47
N GLY B 359 -12.63 26.32 -14.58
CA GLY B 359 -12.87 26.91 -15.89
C GLY B 359 -14.32 27.09 -16.25
N ALA B 360 -15.19 26.23 -15.70
CA ALA B 360 -16.64 26.41 -15.80
C ALA B 360 -17.17 27.48 -14.85
N ARG B 361 -16.72 27.43 -13.60
CA ARG B 361 -17.13 28.42 -12.57
C ARG B 361 -16.92 29.85 -13.08
N ILE B 362 -15.74 30.13 -13.63
CA ILE B 362 -15.43 31.53 -14.01
C ILE B 362 -16.33 32.02 -15.16
N VAL B 363 -16.67 31.14 -16.11
CA VAL B 363 -17.66 31.51 -17.13
C VAL B 363 -19.06 31.74 -16.53
N GLY B 364 -19.48 30.84 -15.64
CA GLY B 364 -20.77 31.02 -14.94
C GLY B 364 -20.84 32.31 -14.13
N HIS B 365 -19.70 32.70 -13.54
CA HIS B 365 -19.68 33.93 -12.74
C HIS B 365 -19.91 35.17 -13.61
N LEU B 366 -19.23 35.25 -14.76
CA LEU B 366 -19.49 36.35 -15.70
C LEU B 366 -20.94 36.42 -16.12
N THR B 367 -21.55 35.24 -16.36
CA THR B 367 -22.92 35.20 -16.84
C THR B 367 -23.88 35.90 -15.86
N HIS B 368 -23.60 35.78 -14.57
CA HIS B 368 -24.41 36.42 -13.52
C HIS B 368 -24.04 37.89 -13.25
N ALA B 369 -22.75 38.17 -13.26
CA ALA B 369 -22.24 39.48 -12.83
C ALA B 369 -22.25 40.62 -13.87
N LEU B 370 -22.13 40.29 -15.16
CA LEU B 370 -22.13 41.29 -16.23
C LEU B 370 -23.48 42.00 -16.27
N LYS B 371 -23.49 43.27 -16.68
CA LYS B 371 -24.76 43.99 -16.90
C LYS B 371 -25.14 43.90 -18.37
N GLN B 372 -26.42 44.09 -18.68
CA GLN B 372 -26.90 43.99 -20.06
C GLN B 372 -26.01 44.71 -21.09
N GLY B 373 -25.67 43.99 -22.15
CA GLY B 373 -24.84 44.52 -23.24
C GLY B 373 -23.34 44.41 -23.05
N GLU B 374 -22.90 44.12 -21.83
CA GLU B 374 -21.47 44.12 -21.53
C GLU B 374 -20.76 42.83 -21.95
N TYR B 375 -19.51 42.95 -22.36
CA TYR B 375 -18.69 41.81 -22.74
C TYR B 375 -17.84 41.38 -21.56
N GLY B 376 -17.74 40.08 -21.33
CA GLY B 376 -16.82 39.53 -20.33
C GLY B 376 -15.86 38.51 -20.95
N LEU B 377 -14.63 38.50 -20.47
CA LEU B 377 -13.62 37.61 -21.07
C LEU B 377 -13.05 36.78 -19.95
N ALA B 378 -13.18 35.46 -20.09
CA ALA B 378 -12.62 34.54 -19.12
C ALA B 378 -11.42 33.81 -19.73
N SER B 379 -10.35 33.59 -18.97
CA SER B 379 -9.19 32.84 -19.47
C SER B 379 -8.58 31.99 -18.36
N ILE B 380 -7.94 30.88 -18.73
CA ILE B 380 -7.50 29.95 -17.71
C ILE B 380 -6.31 29.16 -18.20
N CYS B 381 -5.21 29.20 -17.44
CA CYS B 381 -4.00 28.48 -17.81
C CYS B 381 -4.16 27.00 -17.46
N ASN B 382 -3.36 26.15 -18.11
CA ASN B 382 -3.34 24.72 -17.76
C ASN B 382 -1.97 24.05 -17.85
N GLY B 383 -1.80 23.05 -16.98
CA GLY B 383 -0.62 22.21 -16.94
C GLY B 383 -0.24 21.73 -18.32
N GLY B 384 1.07 21.70 -18.61
CA GLY B 384 1.57 21.38 -19.94
C GLY B 384 1.82 22.61 -20.83
N GLY B 385 1.40 23.80 -20.39
CA GLY B 385 1.73 25.05 -21.13
C GLY B 385 0.55 25.65 -21.89
N GLY B 386 -0.65 25.14 -21.62
CA GLY B 386 -1.84 25.60 -22.35
C GLY B 386 -2.66 26.70 -21.67
N ALA B 387 -3.63 27.21 -22.41
CA ALA B 387 -4.71 28.06 -21.89
C ALA B 387 -5.92 28.01 -22.81
N SER B 388 -7.11 28.15 -22.22
CA SER B 388 -8.33 28.42 -23.00
C SER B 388 -8.86 29.80 -22.61
N ALA B 389 -9.63 30.41 -23.52
CA ALA B 389 -10.31 31.70 -23.27
C ALA B 389 -11.65 31.75 -23.96
N MET B 390 -12.56 32.56 -23.42
CA MET B 390 -13.89 32.64 -23.99
C MET B 390 -14.44 34.04 -23.77
N LEU B 391 -15.12 34.55 -24.79
CA LEU B 391 -15.78 35.85 -24.74
C LEU B 391 -17.28 35.65 -24.75
N ILE B 392 -17.99 36.27 -23.80
CA ILE B 392 -19.47 36.23 -23.80
C ILE B 392 -20.05 37.66 -23.76
N GLN B 393 -21.29 37.84 -24.22
CA GLN B 393 -21.98 39.13 -24.04
C GLN B 393 -23.29 38.87 -23.29
N LYS B 394 -23.53 39.65 -22.23
CA LYS B 394 -24.75 39.56 -21.42
C LYS B 394 -25.95 40.08 -22.21
N LEU B 395 -27.07 39.37 -22.12
CA LEU B 395 -28.25 39.73 -22.89
C LEU B 395 -29.26 40.47 -22.02
N LYS C 4 19.00 -32.59 43.49
CA LYS C 4 18.26 -31.34 43.08
C LYS C 4 19.17 -30.12 43.11
N PRO C 5 19.25 -29.38 41.98
CA PRO C 5 20.16 -28.23 41.86
C PRO C 5 20.07 -27.23 43.00
N THR C 6 21.21 -26.63 43.36
CA THR C 6 21.24 -25.54 44.33
C THR C 6 21.43 -24.21 43.59
N LEU C 7 20.41 -23.36 43.68
CA LEU C 7 20.29 -22.18 42.84
C LEU C 7 20.37 -20.90 43.64
N LYS C 8 20.82 -19.82 42.99
CA LYS C 8 20.73 -18.49 43.57
C LYS C 8 19.27 -18.10 43.82
N GLU C 9 19.06 -17.36 44.88
CA GLU C 9 17.75 -16.84 45.22
C GLU C 9 17.51 -15.54 44.43
N VAL C 10 16.30 -15.41 43.87
CA VAL C 10 15.96 -14.30 42.98
C VAL C 10 14.93 -13.41 43.64
N VAL C 11 15.24 -12.12 43.71
CA VAL C 11 14.33 -11.14 44.31
C VAL C 11 13.95 -10.01 43.34
N ILE C 12 12.75 -9.45 43.53
CA ILE C 12 12.34 -8.24 42.81
C ILE C 12 12.65 -7.01 43.65
N VAL C 13 13.42 -6.08 43.11
CA VAL C 13 13.78 -4.86 43.84
C VAL C 13 12.92 -3.65 43.49
N SER C 14 12.39 -3.62 42.26
CA SER C 14 11.46 -2.59 41.82
C SER C 14 10.58 -3.15 40.70
N ALA C 15 9.43 -2.53 40.49
CA ALA C 15 8.49 -2.89 39.42
C ALA C 15 7.72 -1.62 39.05
N THR C 16 7.93 -1.16 37.82
CA THR C 16 7.37 0.11 37.38
C THR C 16 6.74 -0.05 36.00
N ARG C 17 5.73 0.77 35.73
CA ARG C 17 5.08 0.78 34.43
C ARG C 17 4.67 2.19 34.02
N THR C 18 4.49 2.37 32.71
CA THR C 18 3.80 3.53 32.19
C THR C 18 2.31 3.35 32.48
N PRO C 19 1.52 4.43 32.35
CA PRO C 19 0.09 4.20 32.32
C PRO C 19 -0.24 3.44 31.03
N ILE C 20 -1.38 2.77 31.02
CA ILE C 20 -1.85 2.11 29.82
C ILE C 20 -2.76 3.06 29.01
N GLY C 21 -2.39 3.25 27.74
CA GLY C 21 -3.08 4.17 26.84
C GLY C 21 -4.08 3.40 25.99
N SER C 22 -5.17 4.07 25.60
CA SER C 22 -6.17 3.48 24.71
C SER C 22 -5.69 3.46 23.25
N PHE C 23 -6.31 2.59 22.46
CA PHE C 23 -5.98 2.45 21.04
C PHE C 23 -6.12 3.79 20.33
N LEU C 24 -5.02 4.22 19.69
CA LEU C 24 -4.97 5.51 19.01
C LEU C 24 -5.24 6.69 19.96
N GLY C 25 -4.93 6.45 21.23
CA GLY C 25 -5.24 7.35 22.35
C GLY C 25 -4.06 8.16 22.84
N SER C 26 -3.96 8.30 24.16
CA SER C 26 -3.05 9.28 24.79
C SER C 26 -1.56 9.05 24.57
N LEU C 27 -1.19 7.78 24.38
CA LEU C 27 0.22 7.40 24.22
C LEU C 27 0.52 6.91 22.81
N SER C 28 -0.42 7.11 21.89
CA SER C 28 -0.29 6.55 20.55
C SER C 28 0.86 7.14 19.71
N LEU C 29 1.37 8.31 20.09
CA LEU C 29 2.48 8.90 19.34
C LEU C 29 3.83 8.26 19.70
N LEU C 30 3.83 7.46 20.77
CA LEU C 30 5.04 6.86 21.28
C LEU C 30 5.22 5.41 20.82
N PRO C 31 6.35 5.10 20.15
CA PRO C 31 6.71 3.72 19.74
C PRO C 31 6.84 2.81 20.96
N ALA C 32 6.54 1.52 20.80
CA ALA C 32 6.68 0.56 21.91
C ALA C 32 8.04 0.65 22.61
N THR C 33 9.11 0.79 21.82
CA THR C 33 10.47 0.87 22.36
C THR C 33 10.67 2.10 23.25
N LYS C 34 9.99 3.20 22.93
CA LYS C 34 10.07 4.42 23.76
C LYS C 34 9.35 4.23 25.11
N LEU C 35 8.18 3.61 25.07
CA LEU C 35 7.49 3.20 26.30
C LEU C 35 8.36 2.27 27.14
N GLY C 36 9.03 1.33 26.48
CA GLY C 36 10.01 0.47 27.12
C GLY C 36 11.12 1.25 27.79
N SER C 37 11.64 2.28 27.14
CA SER C 37 12.73 3.08 27.71
C SER C 37 12.25 3.78 28.97
N ILE C 38 11.02 4.31 28.90
CA ILE C 38 10.42 5.00 30.05
C ILE C 38 10.24 4.09 31.27
N ALA C 39 9.71 2.88 31.07
CA ALA C 39 9.55 1.90 32.15
C ALA C 39 10.88 1.41 32.73
N ILE C 40 11.85 1.17 31.87
CA ILE C 40 13.19 0.69 32.28
C ILE C 40 13.90 1.74 33.15
N GLN C 41 13.93 2.98 32.66
CA GLN C 41 14.51 4.09 33.41
C GLN C 41 13.81 4.27 34.76
N GLY C 42 12.48 4.20 34.75
CA GLY C 42 11.69 4.33 35.98
C GLY C 42 12.02 3.26 37.00
N ALA C 43 12.14 2.01 36.55
CA ALA C 43 12.42 0.90 37.45
C ALA C 43 13.83 0.99 38.05
N ILE C 44 14.80 1.39 37.24
CA ILE C 44 16.16 1.57 37.77
C ILE C 44 16.20 2.69 38.83
N GLU C 45 15.49 3.79 38.57
CA GLU C 45 15.39 4.89 39.53
C GLU C 45 14.79 4.42 40.85
N LYS C 46 13.66 3.70 40.76
CA LYS C 46 12.99 3.15 41.94
C LYS C 46 13.84 2.16 42.72
N ALA C 47 14.62 1.33 42.00
CA ALA C 47 15.56 0.38 42.62
C ALA C 47 16.67 1.04 43.42
N GLY C 48 16.98 2.29 43.09
CA GLY C 48 18.06 3.04 43.74
C GLY C 48 19.44 2.48 43.46
N ILE C 49 19.64 1.95 42.26
CA ILE C 49 20.93 1.38 41.85
C ILE C 49 21.50 2.12 40.65
N PRO C 50 22.84 2.04 40.44
CA PRO C 50 23.42 2.63 39.23
C PRO C 50 22.96 1.88 37.98
N LYS C 51 22.78 2.61 36.88
CA LYS C 51 22.32 2.01 35.64
C LYS C 51 23.30 0.95 35.17
N GLU C 52 24.57 1.17 35.51
CA GLU C 52 25.68 0.30 35.12
C GLU C 52 25.64 -1.06 35.78
N GLU C 53 24.85 -1.18 36.86
CA GLU C 53 24.70 -2.46 37.54
C GLU C 53 23.82 -3.48 36.79
N VAL C 54 22.93 -2.99 35.94
CA VAL C 54 22.09 -3.86 35.11
C VAL C 54 22.96 -4.59 34.07
N LYS C 55 23.01 -5.91 34.18
CA LYS C 55 23.92 -6.69 33.34
C LYS C 55 23.32 -7.08 31.98
N GLU C 56 22.01 -7.35 31.96
CA GLU C 56 21.37 -7.90 30.77
C GLU C 56 19.87 -7.61 30.83
N ALA C 57 19.22 -7.63 29.66
CA ALA C 57 17.80 -7.21 29.60
C ALA C 57 17.01 -8.07 28.64
N TYR C 58 15.84 -8.51 29.11
CA TYR C 58 14.86 -9.28 28.32
C TYR C 58 13.51 -8.53 28.32
N MET C 59 12.91 -8.31 27.14
CA MET C 59 11.58 -7.64 27.05
C MET C 59 10.58 -8.39 26.15
N GLY C 60 9.38 -8.66 26.70
CA GLY C 60 8.29 -9.26 25.95
C GLY C 60 7.75 -8.22 24.96
N ASN C 61 7.35 -8.64 23.77
CA ASN C 61 6.94 -7.72 22.69
C ASN C 61 6.44 -8.64 21.58
N VAL C 62 5.12 -8.66 21.37
CA VAL C 62 4.49 -9.64 20.46
C VAL C 62 4.49 -9.20 19.00
N LEU C 63 4.28 -7.92 18.76
CA LEU C 63 4.09 -7.38 17.40
C LEU C 63 5.24 -6.45 17.04
N GLN C 64 6.33 -7.07 16.56
CA GLN C 64 7.63 -6.41 16.43
C GLN C 64 7.83 -5.80 15.04
N GLY C 65 6.90 -6.08 14.13
CA GLY C 65 7.03 -5.65 12.73
C GLY C 65 7.05 -4.15 12.61
N GLY C 66 8.09 -3.62 11.95
CA GLY C 66 8.22 -2.19 11.74
C GLY C 66 8.75 -1.40 12.91
N GLU C 67 9.17 -2.07 13.97
CA GLU C 67 9.72 -1.39 15.14
C GLU C 67 11.22 -1.10 14.96
N GLY C 68 11.82 -1.69 13.93
CA GLY C 68 13.27 -1.51 13.70
C GLY C 68 14.06 -2.65 14.30
N GLN C 69 15.37 -2.63 14.11
CA GLN C 69 16.21 -3.73 14.49
C GLN C 69 16.29 -3.81 16.02
N ALA C 70 16.19 -5.04 16.54
CA ALA C 70 16.41 -5.32 17.97
C ALA C 70 15.63 -4.41 18.95
N PRO C 71 14.29 -4.56 19.04
CA PRO C 71 13.46 -3.71 19.92
C PRO C 71 13.96 -3.53 21.36
N THR C 72 14.36 -4.62 22.02
CA THR C 72 14.86 -4.52 23.40
C THR C 72 16.13 -3.67 23.47
N ARG C 73 17.03 -3.84 22.50
CA ARG C 73 18.24 -3.00 22.44
C ARG C 73 17.87 -1.51 22.35
N GLN C 74 16.85 -1.20 21.55
CA GLN C 74 16.36 0.18 21.38
C GLN C 74 15.80 0.75 22.68
N ALA C 75 15.07 -0.07 23.42
CA ALA C 75 14.50 0.35 24.71
C ALA C 75 15.59 0.58 25.75
N VAL C 76 16.58 -0.31 25.79
CA VAL C 76 17.66 -0.27 26.76
C VAL C 76 18.62 0.91 26.55
N LEU C 77 19.15 1.05 25.33
CA LEU C 77 20.01 2.20 25.00
C LEU C 77 19.23 3.51 25.10
N GLY C 78 17.94 3.44 24.81
CA GLY C 78 17.05 4.59 24.91
C GLY C 78 16.83 4.98 26.36
N ALA C 79 16.97 4.03 27.26
CA ALA C 79 16.87 4.32 28.71
C ALA C 79 18.18 4.84 29.30
N GLY C 80 19.21 4.97 28.47
CA GLY C 80 20.54 5.39 28.93
C GLY C 80 21.37 4.30 29.60
N LEU C 81 21.05 3.03 29.36
CA LEU C 81 21.88 1.93 29.85
C LEU C 81 23.15 1.72 28.98
N PRO C 82 24.20 1.10 29.54
CA PRO C 82 25.49 1.01 28.84
C PRO C 82 25.45 0.23 27.52
N ILE C 83 26.27 0.64 26.56
CA ILE C 83 26.33 -0.08 25.29
C ILE C 83 26.79 -1.54 25.44
N SER C 84 27.25 -1.90 26.63
CA SER C 84 27.73 -3.25 26.88
C SER C 84 26.61 -4.17 27.34
N THR C 85 25.38 -3.68 27.35
CA THR C 85 24.23 -4.44 27.89
C THR C 85 23.63 -5.35 26.80
N PRO C 86 23.77 -6.68 26.94
CA PRO C 86 23.07 -7.58 26.02
C PRO C 86 21.53 -7.56 26.17
N CYS C 87 20.83 -7.74 25.03
CA CYS C 87 19.38 -7.59 24.95
C CYS C 87 18.75 -8.70 24.09
N THR C 88 17.61 -9.22 24.57
CA THR C 88 16.82 -10.21 23.82
C THR C 88 15.33 -9.85 23.95
N THR C 89 14.64 -9.92 22.81
CA THR C 89 13.20 -9.64 22.73
C THR C 89 12.46 -10.97 22.68
N ILE C 90 11.45 -11.10 23.54
CA ILE C 90 10.80 -12.39 23.85
C ILE C 90 9.36 -12.40 23.31
N ASN C 91 8.94 -13.49 22.68
CA ASN C 91 7.56 -13.62 22.17
C ASN C 91 6.89 -14.93 22.54
N LYS C 92 6.06 -14.89 23.60
CA LYS C 92 5.15 -16.00 23.94
C LYS C 92 3.72 -15.45 23.87
N VAL C 93 3.45 -14.67 22.82
CA VAL C 93 2.19 -13.96 22.62
C VAL C 93 1.82 -13.23 23.93
N CYS C 94 0.59 -13.42 24.39
CA CYS C 94 0.06 -12.72 25.56
C CYS C 94 0.86 -12.94 26.87
N ALA C 95 1.56 -14.08 26.96
CA ALA C 95 2.39 -14.40 28.14
C ALA C 95 3.79 -13.74 28.13
N SER C 96 4.13 -13.04 27.05
CA SER C 96 5.51 -12.55 26.83
C SER C 96 6.14 -11.81 28.02
N GLY C 97 5.37 -10.91 28.65
CA GLY C 97 5.90 -10.09 29.73
C GLY C 97 6.27 -10.92 30.96
N MET C 98 5.51 -11.99 31.18
CA MET C 98 5.79 -12.91 32.27
C MET C 98 6.92 -13.86 31.91
N LYS C 99 6.93 -14.38 30.69
CA LYS C 99 7.98 -15.33 30.27
C LYS C 99 9.36 -14.66 30.32
N ALA C 100 9.39 -13.37 30.01
CA ALA C 100 10.63 -12.56 30.10
C ALA C 100 11.19 -12.59 31.52
N ILE C 101 10.32 -12.35 32.50
CA ILE C 101 10.72 -12.40 33.92
C ILE C 101 11.23 -13.80 34.33
N MET C 102 10.52 -14.83 33.87
CA MET C 102 10.87 -16.22 34.15
C MET C 102 12.26 -16.60 33.61
N MET C 103 12.50 -16.21 32.37
CA MET C 103 13.77 -16.52 31.70
C MET C 103 14.91 -15.72 32.32
N ALA C 104 14.64 -14.49 32.69
CA ALA C 104 15.64 -13.69 33.43
C ALA C 104 15.97 -14.36 34.77
N SER C 105 14.92 -14.77 35.49
CA SER C 105 15.08 -15.48 36.78
C SER C 105 15.97 -16.70 36.60
N GLN C 106 15.80 -17.40 35.48
CA GLN C 106 16.60 -18.60 35.20
C GLN C 106 18.08 -18.32 35.01
N SER C 107 18.41 -17.20 34.38
CA SER C 107 19.80 -16.79 34.20
C SER C 107 20.42 -16.45 35.57
N LEU C 108 19.68 -15.69 36.38
CA LEU C 108 20.08 -15.34 37.74
C LEU C 108 20.30 -16.55 38.63
N MET C 109 19.40 -17.53 38.54
CA MET C 109 19.51 -18.76 39.32
C MET C 109 20.78 -19.55 39.01
N CYS C 110 21.14 -19.58 37.73
CA CYS C 110 22.36 -20.25 37.23
C CYS C 110 23.64 -19.52 37.60
N GLY C 111 23.50 -18.31 38.14
CA GLY C 111 24.63 -17.43 38.45
C GLY C 111 25.25 -16.82 37.21
N HIS C 112 24.51 -16.82 36.10
CA HIS C 112 25.05 -16.30 34.83
C HIS C 112 25.04 -14.78 34.77
N GLN C 113 24.13 -14.17 35.53
CA GLN C 113 24.15 -12.73 35.74
C GLN C 113 23.71 -12.49 37.17
N ASP C 114 24.04 -11.33 37.73
CA ASP C 114 23.59 -11.01 39.10
C ASP C 114 22.46 -9.98 39.18
N VAL C 115 22.34 -9.13 38.16
CA VAL C 115 21.25 -8.11 38.12
C VAL C 115 20.74 -8.00 36.70
N MET C 116 19.42 -8.10 36.53
CA MET C 116 18.82 -7.97 35.19
C MET C 116 17.58 -7.08 35.22
N VAL C 117 17.20 -6.54 34.05
CA VAL C 117 15.87 -5.95 33.91
C VAL C 117 15.03 -6.86 33.00
N ALA C 118 13.77 -7.07 33.35
CA ALA C 118 12.86 -7.92 32.58
C ALA C 118 11.48 -7.28 32.58
N GLY C 119 10.80 -7.32 31.44
CA GLY C 119 9.45 -6.75 31.37
C GLY C 119 8.77 -6.99 30.04
N GLY C 120 7.95 -6.02 29.65
CA GLY C 120 7.24 -6.11 28.39
C GLY C 120 6.79 -4.76 27.89
N MET C 121 6.55 -4.69 26.59
CA MET C 121 6.13 -3.45 25.93
C MET C 121 5.30 -3.79 24.71
N GLU C 122 4.32 -2.94 24.43
CA GLU C 122 3.51 -3.05 23.22
C GLU C 122 2.91 -1.68 22.89
N SER C 123 2.96 -1.33 21.60
CA SER C 123 2.22 -0.17 21.07
C SER C 123 1.29 -0.66 20.00
N MET C 124 0.07 -1.03 20.36
CA MET C 124 -0.84 -1.57 19.37
C MET C 124 -1.30 -0.48 18.38
N SER C 125 -1.35 0.76 18.85
CA SER C 125 -1.61 1.92 17.99
C SER C 125 -0.68 1.98 16.78
N ASN C 126 0.58 1.58 16.98
CA ASN C 126 1.59 1.66 15.92
C ASN C 126 1.88 0.38 15.15
N VAL C 127 1.12 -0.68 15.43
CA VAL C 127 1.28 -1.91 14.64
C VAL C 127 0.83 -1.69 13.17
N PRO C 128 1.70 -2.03 12.18
CA PRO C 128 1.40 -1.76 10.77
C PRO C 128 0.52 -2.78 10.04
N TYR C 129 0.22 -2.47 8.78
CA TYR C 129 -0.37 -3.42 7.85
C TYR C 129 0.75 -4.01 7.00
N VAL C 130 0.52 -5.20 6.46
CA VAL C 130 1.49 -5.85 5.59
C VAL C 130 0.97 -6.15 4.19
N MET C 131 1.90 -6.13 3.23
CA MET C 131 1.67 -6.61 1.88
C MET C 131 2.71 -7.68 1.53
N ASN C 132 2.26 -8.82 1.02
CA ASN C 132 3.20 -9.86 0.63
C ASN C 132 4.23 -9.38 -0.39
N ARG C 133 5.40 -10.01 -0.35
CA ARG C 133 6.42 -9.83 -1.35
C ARG C 133 5.92 -10.58 -2.59
N GLY C 134 6.21 -10.04 -3.78
CA GLY C 134 5.87 -10.72 -5.03
C GLY C 134 5.07 -9.83 -5.97
N SER C 135 4.31 -10.44 -6.88
CA SER C 135 3.55 -9.65 -7.83
C SER C 135 2.10 -9.51 -7.44
N THR C 136 1.59 -8.30 -7.60
CA THR C 136 0.22 -7.94 -7.28
C THR C 136 -0.75 -8.77 -8.12
N PRO C 137 -1.71 -9.45 -7.48
CA PRO C 137 -2.63 -10.21 -8.33
C PRO C 137 -3.63 -9.30 -9.06
N TYR C 138 -4.00 -9.69 -10.28
CA TYR C 138 -5.05 -8.99 -11.01
C TYR C 138 -6.29 -8.86 -10.13
N GLY C 139 -6.89 -7.68 -10.10
CA GLY C 139 -8.15 -7.52 -9.37
C GLY C 139 -7.99 -6.91 -7.99
N GLY C 140 -6.75 -6.86 -7.52
CA GLY C 140 -6.41 -6.13 -6.29
C GLY C 140 -5.95 -7.04 -5.18
N VAL C 141 -5.84 -6.49 -3.97
CA VAL C 141 -5.53 -7.28 -2.78
C VAL C 141 -5.84 -6.51 -1.51
N LYS C 142 -6.21 -7.24 -0.45
CA LYS C 142 -6.35 -6.66 0.89
C LYS C 142 -5.02 -6.81 1.63
N LEU C 143 -4.48 -5.69 2.10
CA LEU C 143 -3.31 -5.71 2.97
C LEU C 143 -3.81 -6.00 4.37
N GLU C 144 -3.21 -6.98 5.02
CA GLU C 144 -3.71 -7.46 6.30
C GLU C 144 -3.20 -6.62 7.48
N ASP C 145 -4.01 -6.59 8.54
CA ASP C 145 -3.71 -5.85 9.76
C ASP C 145 -2.93 -6.83 10.68
N LEU C 146 -1.70 -6.50 11.09
CA LEU C 146 -0.88 -7.43 11.88
C LEU C 146 -1.44 -7.67 13.28
N ILE C 147 -2.22 -6.73 13.80
CA ILE C 147 -2.90 -6.99 15.09
C ILE C 147 -3.81 -8.20 14.94
N VAL C 148 -4.58 -8.21 13.85
CA VAL C 148 -5.48 -9.31 13.57
C VAL C 148 -4.70 -10.58 13.17
N LYS C 149 -3.77 -10.46 12.22
CA LYS C 149 -3.10 -11.66 11.68
C LYS C 149 -2.13 -12.33 12.67
N ASP C 150 -1.25 -11.54 13.29
CA ASP C 150 -0.24 -12.09 14.20
C ASP C 150 -0.70 -12.10 15.66
N GLY C 151 -1.57 -11.18 16.04
CA GLY C 151 -1.92 -11.03 17.44
C GLY C 151 -3.15 -11.78 17.91
N LEU C 152 -4.21 -11.73 17.11
CA LEU C 152 -5.54 -12.10 17.61
C LEU C 152 -6.20 -13.31 16.95
N THR C 153 -5.59 -13.85 15.90
CA THR C 153 -6.19 -14.95 15.17
C THR C 153 -5.53 -16.29 15.50
N ASP C 154 -6.33 -17.25 15.96
CA ASP C 154 -5.78 -18.61 16.11
C ASP C 154 -5.42 -19.21 14.75
N VAL C 155 -4.18 -19.68 14.62
CA VAL C 155 -3.70 -20.25 13.36
C VAL C 155 -4.51 -21.48 12.93
N TYR C 156 -4.83 -22.35 13.88
CA TYR C 156 -5.32 -23.70 13.59
C TYR C 156 -6.80 -23.71 13.34
N ASN C 157 -7.52 -22.87 14.08
CA ASN C 157 -8.98 -22.79 13.94
C ASN C 157 -9.40 -21.68 12.98
N LYS C 158 -8.45 -20.83 12.61
CA LYS C 158 -8.71 -19.71 11.69
C LYS C 158 -9.86 -18.80 12.18
N ILE C 159 -9.89 -18.54 13.49
CA ILE C 159 -10.87 -17.66 14.10
C ILE C 159 -10.21 -16.79 15.17
N HIS C 160 -10.90 -15.72 15.57
CA HIS C 160 -10.42 -14.75 16.56
C HIS C 160 -10.33 -15.40 17.94
N MET C 161 -9.48 -14.87 18.83
CA MET C 161 -9.39 -15.36 20.22
C MET C 161 -10.77 -15.30 20.90
N GLY C 162 -11.51 -14.24 20.57
CA GLY C 162 -12.83 -14.01 21.16
C GLY C 162 -13.79 -15.14 20.82
N SER C 163 -13.65 -15.71 19.61
CA SER C 163 -14.47 -16.83 19.18
C SER C 163 -14.04 -18.12 19.86
N CYS C 164 -12.74 -18.30 20.07
CA CYS C 164 -12.23 -19.44 20.83
C CYS C 164 -12.83 -19.42 22.23
N ALA C 165 -12.90 -18.23 22.82
CA ALA C 165 -13.44 -18.05 24.17
C ALA C 165 -14.91 -18.46 24.26
N GLU C 166 -15.69 -18.18 23.21
CA GLU C 166 -17.11 -18.60 23.13
C GLU C 166 -17.22 -20.12 23.35
N ASN C 167 -16.22 -20.87 22.87
CA ASN C 167 -16.13 -22.32 23.03
C ASN C 167 -16.10 -22.74 24.50
N THR C 168 -15.26 -22.09 25.30
CA THR C 168 -15.16 -22.33 26.74
C THR C 168 -16.44 -21.87 27.46
N ALA C 169 -17.05 -20.78 26.99
CA ALA C 169 -18.32 -20.31 27.55
C ALA C 169 -19.38 -21.42 27.50
N LYS C 170 -19.50 -22.04 26.32
CA LYS C 170 -20.38 -23.20 26.11
C LYS C 170 -20.09 -24.36 27.07
N LYS C 171 -18.86 -24.87 27.03
CA LYS C 171 -18.48 -26.06 27.84
C LYS C 171 -18.66 -25.90 29.34
N LEU C 172 -18.36 -24.69 29.86
CA LEU C 172 -18.42 -24.45 31.31
C LEU C 172 -19.69 -23.72 31.75
N ASN C 173 -20.61 -23.51 30.82
CA ASN C 173 -21.87 -22.84 31.11
C ASN C 173 -21.68 -21.46 31.76
N ILE C 174 -20.82 -20.64 31.15
CA ILE C 174 -20.55 -19.29 31.64
C ILE C 174 -21.26 -18.29 30.72
N ALA C 175 -22.39 -17.79 31.21
CA ALA C 175 -23.32 -17.04 30.39
C ALA C 175 -22.97 -15.54 30.30
N ARG C 176 -23.62 -14.84 29.38
CA ARG C 176 -23.42 -13.41 29.13
C ARG C 176 -23.58 -12.55 30.39
N ASN C 177 -24.63 -12.82 31.15
CA ASN C 177 -24.91 -12.08 32.39
C ASN C 177 -23.77 -12.12 33.41
N GLU C 178 -23.22 -13.31 33.64
CA GLU C 178 -22.09 -13.49 34.56
C GLU C 178 -20.86 -12.77 34.04
N GLN C 179 -20.61 -12.89 32.74
CA GLN C 179 -19.49 -12.18 32.10
C GLN C 179 -19.64 -10.67 32.19
N ASP C 180 -20.86 -10.17 31.99
CA ASP C 180 -21.11 -8.74 32.08
C ASP C 180 -20.94 -8.25 33.51
N ALA C 181 -21.40 -9.06 34.47
CA ALA C 181 -21.23 -8.75 35.88
C ALA C 181 -19.75 -8.72 36.26
N TYR C 182 -18.97 -9.67 35.74
CA TYR C 182 -17.52 -9.67 36.01
C TYR C 182 -16.88 -8.39 35.46
N ALA C 183 -17.22 -8.03 34.22
CA ALA C 183 -16.68 -6.81 33.60
C ALA C 183 -16.96 -5.52 34.38
N ILE C 184 -18.22 -5.34 34.77
CA ILE C 184 -18.59 -4.14 35.54
C ILE C 184 -17.77 -4.09 36.84
N ASN C 185 -17.60 -5.26 37.45
CA ASN C 185 -16.76 -5.43 38.65
C ASN C 185 -15.32 -4.98 38.43
N SER C 186 -14.74 -5.36 37.28
CA SER C 186 -13.37 -4.96 36.95
C SER C 186 -13.24 -3.45 36.83
N TYR C 187 -14.15 -2.83 36.05
CA TYR C 187 -14.20 -1.38 35.92
C TYR C 187 -14.41 -0.70 37.27
N THR C 188 -15.29 -1.27 38.09
CA THR C 188 -15.51 -0.71 39.43
C THR C 188 -14.22 -0.78 40.26
N ARG C 189 -13.57 -1.95 40.28
CA ARG C 189 -12.32 -2.11 41.04
C ARG C 189 -11.17 -1.23 40.57
N SER C 190 -11.02 -1.05 39.25
CA SER C 190 -9.99 -0.15 38.68
C SER C 190 -10.17 1.29 39.11
N LYS C 191 -11.41 1.78 39.03
CA LYS C 191 -11.72 3.12 39.50
C LYS C 191 -11.38 3.30 40.99
N ALA C 192 -11.87 2.38 41.82
CA ALA C 192 -11.66 2.46 43.27
C ALA C 192 -10.17 2.49 43.63
N ALA C 193 -9.38 1.64 42.95
CA ALA C 193 -7.93 1.58 43.15
C ALA C 193 -7.22 2.87 42.76
N TRP C 194 -7.57 3.43 41.59
CA TRP C 194 -7.02 4.71 41.14
C TRP C 194 -7.35 5.86 42.09
N GLU C 195 -8.62 5.92 42.51
CA GLU C 195 -9.08 6.91 43.47
C GLU C 195 -8.40 6.76 44.83
N ALA C 196 -8.18 5.51 45.26
CA ALA C 196 -7.50 5.23 46.54
C ALA C 196 -5.99 5.47 46.49
N GLY C 197 -5.45 5.82 45.32
CA GLY C 197 -4.01 6.03 45.16
C GLY C 197 -3.16 4.77 45.20
N LYS C 198 -3.79 3.63 44.86
CA LYS C 198 -3.16 2.31 44.94
C LYS C 198 -2.02 2.10 43.93
N PHE C 199 -1.87 3.02 42.98
CA PHE C 199 -0.86 2.88 41.93
C PHE C 199 0.24 3.91 42.06
N GLY C 200 0.28 4.56 43.22
CA GLY C 200 1.26 5.61 43.52
C GLY C 200 2.70 5.24 43.22
N ASN C 201 3.10 4.04 43.62
CA ASN C 201 4.49 3.60 43.49
C ASN C 201 4.81 2.81 42.22
N GLU C 202 3.76 2.36 41.55
CA GLU C 202 3.86 1.40 40.45
C GLU C 202 3.90 2.12 39.08
N VAL C 203 3.05 3.12 38.93
CA VAL C 203 2.90 3.87 37.68
C VAL C 203 3.77 5.13 37.69
N ILE C 204 4.46 5.39 36.59
CA ILE C 204 5.11 6.68 36.43
C ILE C 204 4.49 7.46 35.28
N PRO C 205 4.32 8.78 35.45
CA PRO C 205 3.66 9.57 34.41
C PRO C 205 4.53 9.73 33.16
N VAL C 206 3.88 9.92 32.02
CA VAL C 206 4.60 10.26 30.81
C VAL C 206 4.13 11.57 30.19
N THR C 207 5.11 12.38 29.81
CA THR C 207 4.86 13.68 29.20
C THR C 207 4.96 13.54 27.68
N VAL C 208 3.87 13.86 27.01
CA VAL C 208 3.81 13.83 25.55
C VAL C 208 4.08 15.22 25.02
N THR C 209 5.08 15.31 24.15
CA THR C 209 5.52 16.59 23.59
C THR C 209 5.35 16.61 22.08
N VAL C 210 4.61 17.60 21.60
CA VAL C 210 4.37 17.83 20.18
C VAL C 210 4.71 19.28 19.84
N LYS C 211 5.65 19.46 18.91
CA LYS C 211 6.09 20.80 18.44
C LYS C 211 4.93 21.73 18.09
N GLY C 212 4.88 22.88 18.76
CA GLY C 212 3.86 23.90 18.50
C GLY C 212 2.53 23.70 19.22
N GLN C 213 2.41 22.60 19.97
CA GLN C 213 1.23 22.32 20.78
C GLN C 213 1.62 22.14 22.25
N PRO C 214 0.69 22.36 23.21
CA PRO C 214 1.03 22.23 24.62
C PRO C 214 1.30 20.78 25.04
N ASP C 215 2.14 20.60 26.06
CA ASP C 215 2.43 19.28 26.61
C ASP C 215 1.20 18.64 27.22
N VAL C 216 1.18 17.31 27.19
CA VAL C 216 0.16 16.53 27.85
C VAL C 216 0.86 15.58 28.80
N VAL C 217 0.55 15.68 30.08
CA VAL C 217 1.02 14.72 31.08
C VAL C 217 -0.04 13.62 31.28
N VAL C 218 0.30 12.39 30.87
CA VAL C 218 -0.55 11.23 31.08
C VAL C 218 -0.15 10.55 32.38
N LYS C 219 -1.00 10.68 33.40
CA LYS C 219 -0.65 10.22 34.73
C LYS C 219 -1.49 9.06 35.25
N GLU C 220 -2.52 8.69 34.51
CA GLU C 220 -3.29 7.50 34.88
C GLU C 220 -3.74 6.68 33.67
N ASP C 221 -4.14 5.44 33.93
CA ASP C 221 -4.65 4.52 32.89
C ASP C 221 -5.88 5.13 32.23
N GLU C 222 -5.89 5.13 30.90
CA GLU C 222 -6.93 5.80 30.11
C GLU C 222 -8.22 4.98 29.98
N GLU C 223 -8.06 3.67 29.89
CA GLU C 223 -9.16 2.78 29.48
C GLU C 223 -10.36 2.67 30.44
N TYR C 224 -10.11 2.71 31.74
CA TYR C 224 -11.15 2.35 32.71
C TYR C 224 -12.32 3.35 32.78
N LYS C 225 -12.11 4.55 32.24
CA LYS C 225 -13.14 5.57 32.18
C LYS C 225 -13.98 5.47 30.91
N ARG C 226 -13.59 4.59 29.99
CA ARG C 226 -14.28 4.44 28.72
C ARG C 226 -15.32 3.33 28.79
N VAL C 227 -16.36 3.57 29.59
CA VAL C 227 -17.39 2.57 29.81
C VAL C 227 -18.71 3.27 30.11
N ASP C 228 -19.81 2.61 29.79
CA ASP C 228 -21.14 3.07 30.19
C ASP C 228 -21.89 1.85 30.69
N PHE C 229 -22.02 1.76 32.01
CA PHE C 229 -22.60 0.56 32.62
C PHE C 229 -24.01 0.25 32.10
N SER C 230 -24.76 1.28 31.74
CA SER C 230 -26.13 1.12 31.23
C SER C 230 -26.18 0.46 29.86
N LYS C 231 -25.15 0.69 29.05
CA LYS C 231 -25.02 0.11 27.71
C LYS C 231 -24.43 -1.31 27.65
N VAL C 232 -23.63 -1.67 28.66
CA VAL C 232 -23.02 -3.00 28.80
C VAL C 232 -23.94 -4.18 28.46
N PRO C 233 -25.13 -4.30 29.09
CA PRO C 233 -25.98 -5.44 28.74
C PRO C 233 -26.69 -5.31 27.40
N LYS C 234 -26.50 -4.19 26.70
CA LYS C 234 -27.20 -3.91 25.44
C LYS C 234 -26.32 -4.08 24.21
N LEU C 235 -25.02 -4.19 24.46
CA LEU C 235 -24.02 -4.41 23.42
C LEU C 235 -24.26 -5.70 22.67
N LYS C 236 -23.89 -5.70 21.40
CA LYS C 236 -23.99 -6.89 20.58
C LYS C 236 -22.71 -7.74 20.69
N THR C 237 -22.88 -9.04 20.52
CA THR C 237 -21.79 -9.99 20.66
C THR C 237 -21.02 -10.10 19.35
N VAL C 238 -19.85 -9.49 19.29
CA VAL C 238 -19.14 -9.34 18.02
C VAL C 238 -18.51 -10.61 17.44
N PHE C 239 -18.03 -11.51 18.29
CA PHE C 239 -17.33 -12.72 17.82
C PHE C 239 -18.25 -13.89 17.50
N GLN C 240 -19.49 -13.81 17.95
CA GLN C 240 -20.51 -14.82 17.66
C GLN C 240 -21.91 -14.18 17.68
N LYS C 241 -22.55 -14.07 16.52
CA LYS C 241 -23.92 -13.56 16.41
C LYS C 241 -24.96 -14.54 17.01
N GLU C 242 -24.80 -15.83 16.72
CA GLU C 242 -25.72 -16.87 17.20
C GLU C 242 -25.31 -17.36 18.59
N ASN C 243 -26.11 -17.02 19.60
CA ASN C 243 -25.85 -17.43 21.00
C ASN C 243 -24.52 -16.94 21.58
N GLY C 244 -24.20 -15.68 21.33
CA GLY C 244 -22.94 -15.08 21.80
C GLY C 244 -22.95 -14.67 23.25
N THR C 245 -21.76 -14.45 23.82
CA THR C 245 -21.63 -14.00 25.21
C THR C 245 -20.54 -12.93 25.36
N VAL C 246 -19.54 -12.97 24.47
CA VAL C 246 -18.40 -12.05 24.56
C VAL C 246 -18.68 -10.77 23.77
N THR C 247 -18.42 -9.62 24.37
CA THR C 247 -18.68 -8.33 23.74
C THR C 247 -17.45 -7.44 23.87
N ALA C 248 -17.48 -6.28 23.21
CA ALA C 248 -16.39 -5.31 23.38
C ALA C 248 -16.18 -4.91 24.85
N ALA C 249 -17.28 -4.80 25.62
CA ALA C 249 -17.21 -4.38 27.03
C ALA C 249 -16.62 -5.44 27.95
N ASN C 250 -17.02 -6.71 27.77
CA ASN C 250 -16.54 -7.74 28.69
C ASN C 250 -15.25 -8.45 28.22
N ALA C 251 -14.72 -8.04 27.06
CA ALA C 251 -13.42 -8.52 26.59
C ALA C 251 -12.37 -7.44 26.87
N SER C 252 -11.08 -7.81 26.81
CA SER C 252 -10.01 -6.81 26.89
C SER C 252 -9.98 -5.96 25.63
N THR C 253 -9.27 -4.85 25.70
CA THR C 253 -9.20 -3.90 24.61
C THR C 253 -7.78 -3.83 24.03
N LEU C 254 -7.63 -3.10 22.94
CA LEU C 254 -6.34 -2.83 22.30
C LEU C 254 -5.67 -1.61 22.92
N ASN C 255 -4.38 -1.72 23.27
CA ASN C 255 -3.76 -0.69 24.12
C ASN C 255 -2.25 -0.55 23.95
N ASP C 256 -1.72 0.52 24.53
CA ASP C 256 -0.29 0.85 24.54
C ASP C 256 0.23 0.91 25.98
N GLY C 257 1.41 0.31 26.23
CA GLY C 257 2.09 0.52 27.53
C GLY C 257 3.34 -0.32 27.67
N ALA C 258 4.12 -0.07 28.71
CA ALA C 258 5.29 -0.90 29.02
C ALA C 258 5.47 -1.06 30.51
N ALA C 259 6.06 -2.19 30.92
CA ALA C 259 6.41 -2.43 32.33
C ALA C 259 7.81 -3.01 32.42
N ALA C 260 8.50 -2.77 33.54
CA ALA C 260 9.87 -3.26 33.75
C ALA C 260 10.13 -3.53 35.23
N LEU C 261 10.84 -4.63 35.49
CA LEU C 261 11.20 -5.01 36.87
C LEU C 261 12.71 -5.11 36.97
N VAL C 262 13.26 -4.59 38.06
CA VAL C 262 14.66 -4.85 38.39
C VAL C 262 14.71 -6.10 39.24
N LEU C 263 15.44 -7.10 38.73
CA LEU C 263 15.59 -8.39 39.37
C LEU C 263 17.05 -8.60 39.72
N MET C 264 17.29 -9.22 40.87
CA MET C 264 18.68 -9.55 41.24
C MET C 264 18.76 -10.73 42.20
N THR C 265 19.96 -11.28 42.38
CA THR C 265 20.15 -12.34 43.38
C THR C 265 20.03 -11.71 44.76
N ALA C 266 19.61 -12.51 45.74
CA ALA C 266 19.62 -12.08 47.12
C ALA C 266 20.99 -11.48 47.51
N ASP C 267 22.07 -12.14 47.08
CA ASP C 267 23.44 -11.63 47.33
C ASP C 267 23.69 -10.24 46.77
N ALA C 268 23.32 -10.02 45.49
CA ALA C 268 23.52 -8.72 44.85
C ALA C 268 22.78 -7.58 45.55
N ALA C 269 21.59 -7.89 46.08
CA ALA C 269 20.79 -6.89 46.80
C ALA C 269 21.53 -6.41 48.05
N LYS C 270 22.16 -7.37 48.74
CA LYS C 270 22.98 -7.07 49.91
C LYS C 270 24.16 -6.19 49.54
N ARG C 271 24.90 -6.58 48.50
CA ARG C 271 26.05 -5.81 48.03
C ARG C 271 25.66 -4.37 47.70
N LEU C 272 24.51 -4.20 47.05
CA LEU C 272 24.10 -2.88 46.59
C LEU C 272 23.32 -2.10 47.64
N ASN C 273 23.17 -2.71 48.83
CA ASN C 273 22.44 -2.11 49.95
C ASN C 273 21.04 -1.63 49.54
N VAL C 274 20.28 -2.54 48.93
CA VAL C 274 18.90 -2.26 48.52
C VAL C 274 17.97 -3.26 49.18
N THR C 275 16.78 -2.82 49.59
CA THR C 275 15.83 -3.71 50.23
C THR C 275 14.87 -4.30 49.18
N PRO C 276 14.96 -5.62 48.95
CA PRO C 276 14.11 -6.30 47.98
C PRO C 276 12.64 -6.27 48.38
N LEU C 277 11.76 -6.19 47.39
CA LEU C 277 10.33 -6.13 47.63
C LEU C 277 9.72 -7.51 47.80
N ALA C 278 10.14 -8.46 46.96
CA ALA C 278 9.56 -9.79 46.97
C ALA C 278 10.54 -10.81 46.45
N ARG C 279 10.29 -12.06 46.79
CA ARG C 279 11.09 -13.19 46.34
C ARG C 279 10.32 -13.93 45.26
N ILE C 280 11.00 -14.30 44.17
CA ILE C 280 10.36 -15.14 43.15
C ILE C 280 10.57 -16.59 43.56
N VAL C 281 9.46 -17.29 43.82
CA VAL C 281 9.52 -18.62 44.43
C VAL C 281 9.55 -19.73 43.37
N ALA C 282 8.61 -19.68 42.43
CA ALA C 282 8.46 -20.68 41.37
C ALA C 282 7.63 -20.13 40.22
N PHE C 283 7.66 -20.85 39.11
CA PHE C 283 6.94 -20.47 37.88
C PHE C 283 6.86 -21.67 36.95
N ALA C 284 5.90 -21.63 36.02
CA ALA C 284 5.67 -22.78 35.14
C ALA C 284 4.93 -22.36 33.88
N ASP C 285 5.04 -23.19 32.83
CA ASP C 285 4.25 -23.04 31.61
C ASP C 285 3.43 -24.29 31.44
N ALA C 286 2.24 -24.14 30.85
CA ALA C 286 1.38 -25.26 30.52
C ALA C 286 0.75 -25.00 29.16
N ALA C 287 0.32 -26.04 28.46
CA ALA C 287 -0.39 -25.86 27.19
C ALA C 287 -1.48 -26.88 26.97
N VAL C 288 -2.52 -26.45 26.26
CA VAL C 288 -3.67 -27.31 25.92
C VAL C 288 -4.01 -27.13 24.43
N GLU C 289 -5.13 -27.68 23.98
CA GLU C 289 -5.57 -27.45 22.60
C GLU C 289 -5.65 -25.94 22.35
N PRO C 290 -5.17 -25.46 21.19
CA PRO C 290 -5.19 -24.03 20.87
C PRO C 290 -6.52 -23.33 21.19
N ILE C 291 -7.65 -23.93 20.83
CA ILE C 291 -8.97 -23.32 21.11
C ILE C 291 -9.25 -23.12 22.60
N ASP C 292 -8.65 -23.98 23.44
CA ASP C 292 -8.89 -24.01 24.89
C ASP C 292 -7.96 -23.15 25.75
N PHE C 293 -7.31 -22.13 25.16
CA PHE C 293 -6.40 -21.27 25.91
C PHE C 293 -6.98 -20.66 27.20
N PRO C 294 -8.32 -20.37 27.27
CA PRO C 294 -8.84 -19.81 28.54
C PRO C 294 -8.57 -20.67 29.79
N ILE C 295 -8.42 -21.99 29.62
CA ILE C 295 -8.24 -22.90 30.77
C ILE C 295 -6.79 -23.31 31.04
N ALA C 296 -5.88 -22.98 30.12
CA ALA C 296 -4.43 -23.24 30.36
C ALA C 296 -3.89 -22.64 31.67
N PRO C 297 -4.30 -21.39 32.02
CA PRO C 297 -3.87 -20.85 33.33
C PRO C 297 -4.22 -21.72 34.56
N VAL C 298 -5.28 -22.52 34.50
CA VAL C 298 -5.62 -23.43 35.61
C VAL C 298 -4.46 -24.41 35.86
N TYR C 299 -4.06 -25.08 34.81
CA TYR C 299 -2.98 -26.06 34.86
C TYR C 299 -1.62 -25.48 35.25
N ALA C 300 -1.25 -24.34 34.65
CA ALA C 300 -0.01 -23.66 35.04
C ALA C 300 0.03 -23.30 36.53
N ALA C 301 -1.07 -22.73 37.05
CA ALA C 301 -1.17 -22.38 38.48
C ALA C 301 -1.03 -23.59 39.41
N SER C 302 -1.64 -24.71 38.99
CA SER C 302 -1.62 -25.94 39.79
C SER C 302 -0.23 -26.52 39.84
N MET C 303 0.46 -26.49 38.69
CA MET C 303 1.86 -26.88 38.62
C MET C 303 2.70 -26.14 39.64
N VAL C 304 2.56 -24.82 39.69
CA VAL C 304 3.33 -23.98 40.62
C VAL C 304 3.03 -24.33 42.09
N LEU C 305 1.75 -24.49 42.42
CA LEU C 305 1.34 -24.87 43.78
C LEU C 305 1.90 -26.24 44.21
N LYS C 306 1.75 -27.22 43.33
CA LYS C 306 2.24 -28.58 43.54
C LYS C 306 3.78 -28.60 43.69
N ASP C 307 4.47 -27.87 42.83
CA ASP C 307 5.93 -27.74 42.87
C ASP C 307 6.45 -27.24 44.23
N VAL C 308 5.81 -26.19 44.76
CA VAL C 308 6.22 -25.57 46.01
C VAL C 308 5.58 -26.29 47.22
N GLY C 309 4.58 -27.12 46.95
CA GLY C 309 3.82 -27.82 47.99
C GLY C 309 2.89 -26.92 48.79
N LEU C 310 2.26 -25.95 48.12
CA LEU C 310 1.25 -25.12 48.76
C LEU C 310 -0.16 -25.52 48.29
N LYS C 311 -1.17 -24.99 48.98
CA LYS C 311 -2.58 -25.20 48.63
C LYS C 311 -3.16 -23.87 48.17
N LYS C 312 -4.29 -23.92 47.45
CA LYS C 312 -4.88 -22.67 46.92
C LYS C 312 -5.18 -21.65 48.01
N GLU C 313 -5.64 -22.12 49.17
CA GLU C 313 -6.01 -21.24 50.28
C GLU C 313 -4.82 -20.47 50.83
N ASP C 314 -3.60 -20.95 50.57
CA ASP C 314 -2.38 -20.28 51.01
C ASP C 314 -2.11 -18.97 50.26
N ILE C 315 -2.74 -18.82 49.10
CA ILE C 315 -2.53 -17.63 48.25
C ILE C 315 -3.41 -16.48 48.73
N ALA C 316 -2.79 -15.35 49.04
CA ALA C 316 -3.52 -14.19 49.51
C ALA C 316 -4.17 -13.43 48.35
N MET C 317 -3.46 -13.38 47.22
CA MET C 317 -3.86 -12.53 46.11
C MET C 317 -3.55 -13.25 44.80
N TRP C 318 -4.55 -13.30 43.92
CA TRP C 318 -4.43 -13.88 42.58
C TRP C 318 -4.55 -12.80 41.53
N GLU C 319 -3.66 -12.85 40.56
CA GLU C 319 -3.78 -12.06 39.32
C GLU C 319 -3.94 -13.03 38.15
N VAL C 320 -5.17 -13.21 37.68
CA VAL C 320 -5.45 -14.03 36.49
C VAL C 320 -5.77 -13.05 35.36
N ASN C 321 -4.87 -12.95 34.37
CA ASN C 321 -5.02 -11.91 33.36
C ASN C 321 -6.40 -11.90 32.70
N GLU C 322 -7.03 -10.73 32.67
CA GLU C 322 -8.40 -10.61 32.14
C GLU C 322 -8.42 -10.45 30.60
N ALA C 323 -7.89 -11.44 29.88
CA ALA C 323 -7.92 -11.40 28.41
C ALA C 323 -9.38 -11.27 27.94
N PHE C 324 -10.26 -12.02 28.60
CA PHE C 324 -11.73 -11.93 28.50
C PHE C 324 -12.29 -12.20 29.89
N SER C 325 -13.42 -11.58 30.23
CA SER C 325 -14.08 -11.84 31.52
C SER C 325 -14.31 -13.34 31.68
N LEU C 326 -14.73 -13.98 30.58
CA LEU C 326 -14.84 -15.44 30.46
C LEU C 326 -13.62 -16.20 31.02
N VAL C 327 -12.42 -15.75 30.67
CA VAL C 327 -11.19 -16.39 31.15
C VAL C 327 -11.14 -16.43 32.68
N VAL C 328 -11.35 -15.28 33.31
CA VAL C 328 -11.29 -15.19 34.77
C VAL C 328 -12.35 -16.05 35.45
N LEU C 329 -13.58 -16.01 34.95
CA LEU C 329 -14.65 -16.85 35.48
C LEU C 329 -14.35 -18.36 35.32
N ALA C 330 -13.77 -18.76 34.17
CA ALA C 330 -13.37 -20.16 33.94
C ALA C 330 -12.34 -20.63 34.96
N ASN C 331 -11.41 -19.75 35.30
CA ASN C 331 -10.36 -20.07 36.27
C ASN C 331 -10.92 -20.17 37.68
N ILE C 332 -11.78 -19.22 38.04
CA ILE C 332 -12.43 -19.23 39.35
C ILE C 332 -13.22 -20.53 39.55
N LYS C 333 -13.98 -20.91 38.53
CA LYS C 333 -14.81 -22.10 38.59
C LYS C 333 -14.00 -23.38 38.80
N MET C 334 -12.99 -23.59 37.95
CA MET C 334 -12.18 -24.81 37.95
C MET C 334 -11.26 -24.93 39.17
N LEU C 335 -10.71 -23.81 39.61
CA LEU C 335 -9.85 -23.80 40.78
C LEU C 335 -10.64 -23.79 42.09
N GLU C 336 -11.86 -23.26 42.03
CA GLU C 336 -12.74 -23.09 43.19
C GLU C 336 -12.11 -22.17 44.24
N ILE C 337 -11.69 -20.99 43.80
CA ILE C 337 -11.06 -20.01 44.67
C ILE C 337 -12.00 -18.84 44.95
N ASP C 338 -11.66 -18.07 45.98
CA ASP C 338 -12.46 -16.94 46.46
C ASP C 338 -12.35 -15.74 45.51
N PRO C 339 -13.45 -15.41 44.80
CA PRO C 339 -13.45 -14.31 43.81
C PRO C 339 -13.02 -12.97 44.41
N GLN C 340 -13.17 -12.82 45.72
CA GLN C 340 -12.76 -11.59 46.40
C GLN C 340 -11.24 -11.44 46.52
N LYS C 341 -10.52 -12.52 46.21
CA LYS C 341 -9.05 -12.52 46.19
C LYS C 341 -8.47 -12.45 44.77
N VAL C 342 -9.32 -12.23 43.77
CA VAL C 342 -8.93 -12.29 42.35
C VAL C 342 -9.03 -10.92 41.69
N ASN C 343 -7.90 -10.49 41.10
CA ASN C 343 -7.84 -9.22 40.33
C ASN C 343 -8.48 -8.06 41.11
N ILE C 344 -8.03 -7.88 42.35
CA ILE C 344 -8.77 -7.07 43.32
C ILE C 344 -8.76 -5.58 42.99
N ASN C 345 -7.75 -5.15 42.24
CA ASN C 345 -7.61 -3.76 41.84
C ASN C 345 -7.78 -3.56 40.34
N GLY C 346 -8.61 -4.41 39.74
CA GLY C 346 -8.96 -4.32 38.33
C GLY C 346 -8.06 -5.20 37.48
N GLY C 347 -8.22 -5.09 36.17
CA GLY C 347 -7.37 -5.82 35.25
C GLY C 347 -7.67 -5.50 33.81
N ALA C 348 -7.13 -6.33 32.92
CA ALA C 348 -7.07 -6.02 31.48
C ALA C 348 -8.43 -5.72 30.81
N VAL C 349 -9.54 -6.21 31.36
CA VAL C 349 -10.87 -5.89 30.80
C VAL C 349 -11.18 -4.38 30.94
N SER C 350 -10.68 -3.75 32.00
CA SER C 350 -10.96 -2.35 32.27
C SER C 350 -9.74 -1.46 32.13
N LEU C 351 -8.56 -2.02 32.39
CA LEU C 351 -7.30 -1.29 32.28
C LEU C 351 -6.65 -1.41 30.88
N GLY C 352 -7.09 -2.41 30.11
CA GLY C 352 -6.58 -2.63 28.75
C GLY C 352 -5.45 -3.66 28.73
N HIS C 353 -5.04 -4.04 27.52
CA HIS C 353 -4.19 -5.22 27.31
C HIS C 353 -3.16 -4.99 26.19
N PRO C 354 -2.08 -4.21 26.47
CA PRO C 354 -0.97 -4.15 25.52
C PRO C 354 -0.27 -5.49 25.63
N ILE C 355 -0.47 -6.34 24.64
CA ILE C 355 -0.33 -7.78 24.84
C ILE C 355 1.04 -8.25 25.38
N GLY C 356 2.13 -7.66 24.86
CA GLY C 356 3.48 -8.00 25.32
C GLY C 356 3.81 -7.52 26.73
N MET C 357 2.98 -6.60 27.27
CA MET C 357 3.30 -5.99 28.57
C MET C 357 2.52 -6.53 29.77
N SER C 358 1.32 -7.07 29.53
CA SER C 358 0.38 -7.45 30.58
C SER C 358 0.93 -8.49 31.57
N GLY C 359 1.66 -9.49 31.06
CA GLY C 359 2.32 -10.51 31.88
C GLY C 359 3.29 -9.93 32.89
N ALA C 360 4.04 -8.90 32.50
CA ALA C 360 4.91 -8.16 33.43
C ALA C 360 4.14 -7.23 34.38
N ARG C 361 3.16 -6.48 33.88
CA ARG C 361 2.31 -5.63 34.73
C ARG C 361 1.74 -6.39 35.92
N ILE C 362 1.15 -7.56 35.69
CA ILE C 362 0.44 -8.29 36.78
C ILE C 362 1.39 -8.79 37.90
N VAL C 363 2.61 -9.17 37.51
CA VAL C 363 3.64 -9.53 38.50
C VAL C 363 4.07 -8.31 39.30
N GLY C 364 4.34 -7.21 38.59
CA GLY C 364 4.60 -5.91 39.22
C GLY C 364 3.53 -5.47 40.21
N HIS C 365 2.25 -5.71 39.88
CA HIS C 365 1.18 -5.30 40.79
C HIS C 365 1.16 -6.11 42.09
N LEU C 366 1.35 -7.42 41.98
CA LEU C 366 1.45 -8.30 43.15
C LEU C 366 2.55 -7.82 44.08
N THR C 367 3.71 -7.51 43.49
CA THR C 367 4.86 -6.98 44.21
C THR C 367 4.50 -5.82 45.15
N HIS C 368 3.67 -4.90 44.67
CA HIS C 368 3.34 -3.70 45.45
C HIS C 368 2.20 -3.94 46.43
N ALA C 369 1.19 -4.69 46.00
CA ALA C 369 -0.06 -4.83 46.74
C ALA C 369 -0.04 -5.84 47.88
N LEU C 370 0.78 -6.88 47.74
CA LEU C 370 0.91 -7.91 48.78
C LEU C 370 1.42 -7.34 50.10
N LYS C 371 0.98 -7.93 51.21
CA LYS C 371 1.49 -7.56 52.54
C LYS C 371 2.64 -8.49 52.93
N GLN C 372 3.58 -7.98 53.74
CA GLN C 372 4.74 -8.78 54.15
C GLN C 372 4.36 -10.22 54.47
N GLY C 373 5.07 -11.17 53.87
CA GLY C 373 4.87 -12.59 54.18
C GLY C 373 3.85 -13.29 53.29
N GLU C 374 2.97 -12.52 52.65
CA GLU C 374 1.91 -13.10 51.81
C GLU C 374 2.42 -13.63 50.47
N TYR C 375 1.75 -14.67 49.98
CA TYR C 375 2.01 -15.27 48.67
C TYR C 375 1.06 -14.72 47.60
N GLY C 376 1.60 -14.36 46.44
CA GLY C 376 0.76 -13.93 45.32
C GLY C 376 1.01 -14.81 44.11
N LEU C 377 -0.07 -15.24 43.44
CA LEU C 377 0.02 -16.08 42.24
C LEU C 377 -0.54 -15.34 41.01
N ALA C 378 0.31 -15.17 39.99
CA ALA C 378 -0.09 -14.51 38.73
C ALA C 378 -0.10 -15.54 37.62
N SER C 379 -1.12 -15.50 36.78
CA SER C 379 -1.20 -16.44 35.65
C SER C 379 -1.75 -15.72 34.43
N ILE C 380 -1.33 -16.18 33.24
CA ILE C 380 -1.67 -15.46 32.01
C ILE C 380 -1.79 -16.39 30.81
N CYS C 381 -2.97 -16.51 30.22
CA CYS C 381 -3.14 -17.32 29.00
C CYS C 381 -2.49 -16.66 27.78
N ASN C 382 -2.16 -17.48 26.78
CA ASN C 382 -1.59 -16.98 25.53
C ASN C 382 -2.10 -17.68 24.26
N GLY C 383 -2.13 -16.91 23.19
CA GLY C 383 -2.49 -17.42 21.86
C GLY C 383 -1.71 -18.68 21.53
N GLY C 384 -2.42 -19.68 21.02
CA GLY C 384 -1.81 -20.98 20.71
C GLY C 384 -2.15 -22.10 21.67
N GLY C 385 -2.76 -21.77 22.81
CA GLY C 385 -3.18 -22.76 23.80
C GLY C 385 -2.31 -22.81 25.05
N GLY C 386 -1.48 -21.79 25.24
CA GLY C 386 -0.57 -21.72 26.39
C GLY C 386 -0.96 -20.87 27.58
N ALA C 387 -0.18 -21.04 28.66
CA ALA C 387 -0.23 -20.15 29.81
C ALA C 387 1.09 -20.19 30.56
N SER C 388 1.40 -19.07 31.21
CA SER C 388 2.52 -18.97 32.14
C SER C 388 1.95 -18.64 33.53
N ALA C 389 2.60 -19.12 34.59
CA ALA C 389 2.22 -18.69 35.95
C ALA C 389 3.45 -18.54 36.84
N MET C 390 3.31 -17.74 37.88
CA MET C 390 4.41 -17.38 38.77
C MET C 390 3.90 -17.16 40.21
N LEU C 391 4.65 -17.70 41.17
CA LEU C 391 4.40 -17.47 42.60
C LEU C 391 5.48 -16.55 43.16
N ILE C 392 5.07 -15.49 43.85
CA ILE C 392 6.04 -14.66 44.57
C ILE C 392 5.67 -14.58 46.07
N GLN C 393 6.64 -14.26 46.92
CA GLN C 393 6.34 -13.96 48.33
C GLN C 393 6.88 -12.60 48.72
N LYS C 394 6.00 -11.78 49.30
CA LYS C 394 6.36 -10.48 49.80
C LYS C 394 7.41 -10.55 50.92
N LEU C 395 8.34 -9.61 50.88
CA LEU C 395 9.43 -9.57 51.87
C LEU C 395 9.19 -8.53 52.95
N SER D 3 28.97 -17.70 46.45
CA SER D 3 29.02 -19.16 46.11
C SER D 3 28.31 -19.47 44.81
N LYS D 4 28.88 -20.38 44.04
CA LYS D 4 28.37 -20.72 42.73
C LYS D 4 27.30 -21.79 42.86
N PRO D 5 26.22 -21.67 42.06
CA PRO D 5 25.17 -22.69 42.06
C PRO D 5 25.66 -24.06 41.59
N THR D 6 24.98 -25.11 42.03
CA THR D 6 25.25 -26.45 41.53
C THR D 6 24.20 -26.78 40.49
N LEU D 7 24.63 -26.94 39.23
CA LEU D 7 23.73 -27.04 38.08
C LEU D 7 23.74 -28.43 37.45
N LYS D 8 22.68 -28.77 36.73
CA LYS D 8 22.69 -30.00 35.93
C LYS D 8 23.59 -29.85 34.69
N GLU D 9 24.21 -30.95 34.27
CA GLU D 9 25.00 -31.00 33.04
C GLU D 9 24.06 -31.13 31.85
N VAL D 10 24.35 -30.35 30.80
CA VAL D 10 23.55 -30.33 29.56
C VAL D 10 24.31 -30.90 28.37
N VAL D 11 23.68 -31.83 27.66
CA VAL D 11 24.25 -32.45 26.48
C VAL D 11 23.37 -32.25 25.23
N ILE D 12 24.02 -32.23 24.07
CA ILE D 12 23.35 -32.26 22.76
C ILE D 12 23.21 -33.72 22.30
N VAL D 13 21.98 -34.15 22.02
CA VAL D 13 21.75 -35.53 21.61
C VAL D 13 21.57 -35.66 20.09
N SER D 14 21.22 -34.54 19.43
CA SER D 14 21.08 -34.47 17.97
C SER D 14 21.12 -33.02 17.50
N ALA D 15 21.57 -32.80 16.27
CA ALA D 15 21.51 -31.50 15.59
C ALA D 15 21.24 -31.67 14.10
N THR D 16 20.07 -31.21 13.68
CA THR D 16 19.58 -31.42 12.30
C THR D 16 19.15 -30.09 11.68
N ARG D 17 19.31 -29.97 10.36
CA ARG D 17 18.86 -28.78 9.63
C ARG D 17 18.31 -29.09 8.25
N THR D 18 17.58 -28.12 7.70
CA THR D 18 17.14 -28.20 6.30
C THR D 18 18.32 -27.74 5.45
N PRO D 19 18.31 -28.06 4.14
CA PRO D 19 19.25 -27.34 3.27
C PRO D 19 18.95 -25.85 3.37
N ILE D 20 19.90 -25.01 3.01
CA ILE D 20 19.64 -23.59 2.96
C ILE D 20 19.30 -23.19 1.53
N GLY D 21 18.17 -22.51 1.38
CA GLY D 21 17.68 -22.07 0.09
C GLY D 21 18.09 -20.63 -0.20
N SER D 22 18.22 -20.32 -1.47
CA SER D 22 18.59 -19.00 -1.89
C SER D 22 17.32 -18.13 -1.86
N PHE D 23 17.51 -16.82 -1.86
CA PHE D 23 16.42 -15.84 -1.83
C PHE D 23 15.51 -15.98 -3.05
N LEU D 24 14.23 -16.27 -2.82
CA LEU D 24 13.24 -16.51 -3.88
C LEU D 24 13.63 -17.77 -4.68
N GLY D 25 14.44 -18.61 -4.03
CA GLY D 25 15.03 -19.80 -4.64
C GLY D 25 14.27 -21.05 -4.30
N SER D 26 14.99 -22.14 -4.05
CA SER D 26 14.39 -23.49 -3.98
C SER D 26 13.41 -23.76 -2.84
N LEU D 27 13.55 -23.04 -1.74
CA LEU D 27 12.68 -23.27 -0.59
C LEU D 27 11.72 -22.12 -0.33
N SER D 28 11.69 -21.15 -1.24
CA SER D 28 10.92 -19.91 -1.09
C SER D 28 9.39 -20.10 -0.97
N LEU D 29 8.87 -21.22 -1.43
CA LEU D 29 7.42 -21.48 -1.28
C LEU D 29 7.03 -21.89 0.13
N LEU D 30 8.02 -22.19 0.97
CA LEU D 30 7.72 -22.72 2.30
C LEU D 30 7.90 -21.63 3.37
N PRO D 31 6.89 -21.45 4.23
CA PRO D 31 7.06 -20.45 5.29
C PRO D 31 8.13 -20.88 6.30
N ALA D 32 8.69 -19.93 7.05
CA ALA D 32 9.67 -20.22 8.12
C ALA D 32 9.22 -21.31 9.09
N THR D 33 7.95 -21.22 9.52
CA THR D 33 7.40 -22.20 10.48
C THR D 33 7.36 -23.67 9.96
N LYS D 34 7.10 -23.86 8.68
CA LYS D 34 7.15 -25.19 8.02
C LYS D 34 8.58 -25.79 8.02
N LEU D 35 9.55 -24.94 7.68
CA LEU D 35 10.97 -25.34 7.73
C LEU D 35 11.37 -25.69 9.17
N GLY D 36 10.90 -24.88 10.11
CA GLY D 36 10.97 -25.20 11.54
C GLY D 36 10.44 -26.58 11.87
N SER D 37 9.25 -26.90 11.37
CA SER D 37 8.66 -28.23 11.64
C SER D 37 9.52 -29.38 11.11
N ILE D 38 10.08 -29.18 9.92
CA ILE D 38 10.89 -30.21 9.26
C ILE D 38 12.18 -30.50 10.04
N ALA D 39 12.87 -29.44 10.47
CA ALA D 39 14.08 -29.52 11.29
C ALA D 39 13.81 -30.15 12.66
N ILE D 40 12.73 -29.72 13.30
CA ILE D 40 12.35 -30.25 14.61
C ILE D 40 12.02 -31.74 14.52
N GLN D 41 11.28 -32.14 13.50
CA GLN D 41 10.99 -33.55 13.32
C GLN D 41 12.29 -34.32 13.02
N GLY D 42 13.11 -33.76 12.14
CA GLY D 42 14.43 -34.31 11.84
C GLY D 42 15.20 -34.62 13.10
N ALA D 43 15.42 -33.60 13.94
CA ALA D 43 16.21 -33.74 15.15
C ALA D 43 15.68 -34.81 16.08
N ILE D 44 14.35 -34.88 16.27
CA ILE D 44 13.75 -35.88 17.17
C ILE D 44 14.02 -37.28 16.66
N GLU D 45 13.71 -37.49 15.38
CA GLU D 45 13.95 -38.78 14.71
C GLU D 45 15.40 -39.22 14.86
N LYS D 46 16.33 -38.31 14.57
CA LYS D 46 17.75 -38.58 14.72
C LYS D 46 18.13 -38.96 16.14
N ALA D 47 17.57 -38.27 17.14
CA ALA D 47 17.87 -38.52 18.55
C ALA D 47 17.34 -39.87 19.03
N GLY D 48 16.33 -40.39 18.35
CA GLY D 48 15.77 -41.71 18.66
C GLY D 48 14.91 -41.74 19.92
N ILE D 49 14.27 -40.61 20.22
CA ILE D 49 13.39 -40.52 21.37
C ILE D 49 11.95 -40.26 20.91
N PRO D 50 10.96 -40.64 21.74
CA PRO D 50 9.59 -40.29 21.37
C PRO D 50 9.37 -38.78 21.43
N LYS D 51 8.53 -38.28 20.52
CA LYS D 51 8.19 -36.85 20.44
C LYS D 51 7.65 -36.30 21.76
N GLU D 52 6.89 -37.14 22.46
CA GLU D 52 6.32 -36.79 23.75
C GLU D 52 7.35 -36.58 24.87
N GLU D 53 8.60 -36.99 24.64
CA GLU D 53 9.66 -36.72 25.61
C GLU D 53 10.08 -35.25 25.65
N VAL D 54 9.93 -34.54 24.52
CA VAL D 54 10.32 -33.13 24.45
C VAL D 54 9.33 -32.29 25.26
N LYS D 55 9.85 -31.55 26.23
CA LYS D 55 9.01 -30.89 27.21
C LYS D 55 8.62 -29.46 26.84
N GLU D 56 9.52 -28.77 26.11
CA GLU D 56 9.38 -27.34 25.83
C GLU D 56 10.28 -26.98 24.65
N ALA D 57 9.91 -25.93 23.90
CA ALA D 57 10.66 -25.54 22.70
C ALA D 57 10.94 -24.04 22.60
N TYR D 58 12.15 -23.70 22.18
CA TYR D 58 12.53 -22.31 21.91
C TYR D 58 13.07 -22.26 20.50
N MET D 59 12.55 -21.35 19.68
CA MET D 59 13.09 -21.11 18.33
C MET D 59 13.44 -19.66 18.07
N GLY D 60 14.64 -19.44 17.53
CA GLY D 60 15.05 -18.12 17.07
C GLY D 60 14.35 -17.76 15.75
N ASN D 61 14.00 -16.49 15.56
CA ASN D 61 13.21 -16.06 14.39
C ASN D 61 13.15 -14.54 14.45
N VAL D 62 13.84 -13.86 13.52
CA VAL D 62 14.04 -12.40 13.61
C VAL D 62 12.91 -11.57 12.97
N LEU D 63 12.37 -12.07 11.86
CA LEU D 63 11.41 -11.31 11.05
C LEU D 63 10.08 -12.04 11.10
N GLN D 64 9.34 -11.78 12.18
CA GLN D 64 8.13 -12.56 12.52
C GLN D 64 6.84 -12.00 11.89
N GLY D 65 6.94 -10.80 11.32
CA GLY D 65 5.77 -10.11 10.74
C GLY D 65 5.07 -10.92 9.66
N GLY D 66 3.78 -11.17 9.87
CA GLY D 66 2.97 -11.90 8.89
C GLY D 66 3.06 -13.40 8.95
N GLU D 67 3.86 -13.94 9.87
CA GLU D 67 3.97 -15.39 10.01
C GLU D 67 2.77 -16.02 10.71
N GLY D 68 1.90 -15.19 11.25
CA GLY D 68 0.78 -15.69 12.04
C GLY D 68 1.17 -15.81 13.50
N GLN D 69 0.19 -16.16 14.33
CA GLN D 69 0.36 -16.16 15.76
C GLN D 69 1.35 -17.23 16.23
N ALA D 70 2.16 -16.87 17.24
CA ALA D 70 3.09 -17.80 17.88
C ALA D 70 3.91 -18.68 16.90
N PRO D 71 4.87 -18.08 16.19
CA PRO D 71 5.71 -18.85 15.24
C PRO D 71 6.28 -20.17 15.76
N THR D 72 6.89 -20.16 16.94
CA THR D 72 7.45 -21.42 17.49
C THR D 72 6.36 -22.48 17.75
N ARG D 73 5.19 -22.07 18.23
CA ARG D 73 4.07 -23.02 18.44
C ARG D 73 3.67 -23.68 17.11
N GLN D 74 3.60 -22.88 16.06
CA GLN D 74 3.31 -23.38 14.71
C GLN D 74 4.32 -24.45 14.26
N ALA D 75 5.61 -24.13 14.37
CA ALA D 75 6.68 -25.09 14.01
C ALA D 75 6.56 -26.40 14.81
N VAL D 76 6.33 -26.27 16.12
CA VAL D 76 6.23 -27.41 17.03
C VAL D 76 5.02 -28.31 16.77
N LEU D 77 3.83 -27.72 16.66
CA LEU D 77 2.60 -28.47 16.41
C LEU D 77 2.63 -29.05 14.99
N GLY D 78 3.23 -28.31 14.07
CA GLY D 78 3.46 -28.80 12.72
C GLY D 78 4.39 -30.01 12.63
N ALA D 79 5.25 -30.19 13.64
CA ALA D 79 6.14 -31.36 13.70
C ALA D 79 5.48 -32.53 14.46
N GLY D 80 4.25 -32.33 14.89
CA GLY D 80 3.48 -33.40 15.53
C GLY D 80 3.86 -33.61 16.98
N LEU D 81 4.40 -32.57 17.62
CA LEU D 81 4.64 -32.63 19.06
C LEU D 81 3.34 -32.42 19.84
N PRO D 82 3.30 -32.89 21.09
CA PRO D 82 2.10 -32.78 21.91
C PRO D 82 1.57 -31.34 22.04
N ILE D 83 0.25 -31.20 22.11
CA ILE D 83 -0.38 -29.90 22.34
C ILE D 83 0.02 -29.36 23.73
N SER D 84 0.63 -30.22 24.55
CA SER D 84 1.00 -29.86 25.90
C SER D 84 2.35 -29.14 25.99
N THR D 85 3.02 -28.98 24.84
CA THR D 85 4.38 -28.43 24.72
C THR D 85 4.43 -26.89 24.67
N PRO D 86 4.89 -26.23 25.76
CA PRO D 86 5.05 -24.77 25.73
C PRO D 86 6.15 -24.32 24.77
N CYS D 87 5.92 -23.18 24.12
CA CYS D 87 6.78 -22.62 23.05
C CYS D 87 7.03 -21.13 23.21
N THR D 88 8.24 -20.70 22.85
CA THR D 88 8.65 -19.28 22.93
C THR D 88 9.54 -18.96 21.76
N THR D 89 9.25 -17.82 21.12
CA THR D 89 9.99 -17.36 19.93
C THR D 89 11.01 -16.29 20.37
N ILE D 90 12.26 -16.48 19.95
CA ILE D 90 13.38 -15.66 20.46
C ILE D 90 13.94 -14.77 19.39
N ASN D 91 14.21 -13.51 19.76
CA ASN D 91 14.80 -12.53 18.83
C ASN D 91 15.98 -11.78 19.45
N LYS D 92 17.19 -12.25 19.15
CA LYS D 92 18.44 -11.52 19.39
C LYS D 92 19.07 -11.19 18.03
N VAL D 93 18.24 -10.76 17.08
CA VAL D 93 18.64 -10.57 15.69
C VAL D 93 19.48 -11.77 15.23
N CYS D 94 20.64 -11.50 14.66
CA CYS D 94 21.46 -12.52 14.01
C CYS D 94 21.91 -13.64 14.98
N ALA D 95 21.90 -13.31 16.26
CA ALA D 95 22.30 -14.25 17.33
C ALA D 95 21.17 -15.16 17.80
N SER D 96 19.96 -14.98 17.25
CA SER D 96 18.75 -15.65 17.78
C SER D 96 18.83 -17.16 17.90
N GLY D 97 19.35 -17.83 16.87
CA GLY D 97 19.45 -19.29 16.88
C GLY D 97 20.37 -19.83 17.96
N MET D 98 21.44 -19.09 18.26
CA MET D 98 22.34 -19.47 19.37
C MET D 98 21.76 -19.09 20.74
N LYS D 99 21.20 -17.89 20.84
CA LYS D 99 20.59 -17.46 22.11
C LYS D 99 19.48 -18.42 22.55
N ALA D 100 18.72 -18.95 21.60
CA ALA D 100 17.68 -19.97 21.91
C ALA D 100 18.26 -21.19 22.63
N ILE D 101 19.39 -21.69 22.12
CA ILE D 101 20.07 -22.86 22.71
C ILE D 101 20.60 -22.56 24.12
N MET D 102 21.19 -21.39 24.29
CA MET D 102 21.69 -20.89 25.58
C MET D 102 20.57 -20.81 26.63
N MET D 103 19.44 -20.21 26.26
CA MET D 103 18.32 -20.03 27.20
C MET D 103 17.66 -21.36 27.56
N ALA D 104 17.58 -22.27 26.59
CA ALA D 104 17.12 -23.62 26.86
C ALA D 104 18.11 -24.35 27.77
N SER D 105 19.41 -24.12 27.55
CA SER D 105 20.46 -24.72 28.39
C SER D 105 20.31 -24.24 29.84
N GLN D 106 19.97 -22.98 30.03
CA GLN D 106 19.75 -22.43 31.39
C GLN D 106 18.57 -23.07 32.13
N SER D 107 17.48 -23.32 31.41
CA SER D 107 16.33 -24.04 31.97
C SER D 107 16.68 -25.45 32.41
N LEU D 108 17.42 -26.17 31.55
CA LEU D 108 17.87 -27.53 31.89
C LEU D 108 18.80 -27.51 33.11
N MET D 109 19.75 -26.58 33.10
CA MET D 109 20.71 -26.42 34.21
C MET D 109 20.02 -26.23 35.57
N CYS D 110 18.95 -25.41 35.57
CA CYS D 110 18.07 -25.19 36.73
C CYS D 110 17.24 -26.41 37.14
N GLY D 111 17.18 -27.41 36.26
CA GLY D 111 16.33 -28.59 36.45
C GLY D 111 14.85 -28.30 36.21
N HIS D 112 14.55 -27.25 35.46
CA HIS D 112 13.14 -26.89 35.17
C HIS D 112 12.49 -27.73 34.08
N GLN D 113 13.32 -28.29 33.21
CA GLN D 113 12.91 -29.26 32.18
C GLN D 113 14.03 -30.29 32.10
N ASP D 114 13.73 -31.51 31.65
CA ASP D 114 14.80 -32.50 31.42
C ASP D 114 15.19 -32.66 29.95
N VAL D 115 14.25 -32.36 29.04
CA VAL D 115 14.47 -32.47 27.58
C VAL D 115 13.79 -31.28 26.87
N MET D 116 14.55 -30.61 25.99
CA MET D 116 14.01 -29.49 25.18
C MET D 116 14.52 -29.51 23.75
N VAL D 117 13.81 -28.83 22.85
CA VAL D 117 14.31 -28.56 21.50
C VAL D 117 14.57 -27.06 21.41
N ALA D 118 15.72 -26.72 20.86
CA ALA D 118 16.11 -25.34 20.65
C ALA D 118 16.73 -25.21 19.26
N GLY D 119 16.53 -24.05 18.62
CA GLY D 119 17.07 -23.82 17.28
C GLY D 119 16.64 -22.49 16.71
N GLY D 120 16.52 -22.42 15.39
CA GLY D 120 16.17 -21.19 14.72
C GLY D 120 15.58 -21.41 13.32
N MET D 121 14.84 -20.41 12.84
CA MET D 121 14.15 -20.53 11.56
C MET D 121 14.01 -19.16 10.92
N GLU D 122 14.12 -19.11 9.60
CA GLU D 122 13.92 -17.85 8.87
C GLU D 122 13.55 -18.12 7.40
N SER D 123 12.52 -17.42 6.93
CA SER D 123 12.21 -17.42 5.51
C SER D 123 12.25 -16.00 5.02
N MET D 124 13.43 -15.59 4.57
CA MET D 124 13.59 -14.24 4.10
C MET D 124 12.80 -14.01 2.79
N SER D 125 12.61 -15.07 2.00
CA SER D 125 11.82 -15.01 0.76
C SER D 125 10.40 -14.52 1.04
N ASN D 126 9.88 -14.87 2.21
CA ASN D 126 8.50 -14.55 2.57
C ASN D 126 8.30 -13.38 3.52
N VAL D 127 9.36 -12.62 3.82
CA VAL D 127 9.23 -11.46 4.69
C VAL D 127 8.46 -10.37 3.91
N PRO D 128 7.40 -9.80 4.51
CA PRO D 128 6.56 -8.83 3.78
C PRO D 128 7.01 -7.37 3.83
N TYR D 129 6.23 -6.52 3.14
CA TYR D 129 6.36 -5.07 3.20
C TYR D 129 5.32 -4.56 4.20
N VAL D 130 5.57 -3.37 4.76
CA VAL D 130 4.64 -2.75 5.72
C VAL D 130 4.16 -1.34 5.34
N MET D 131 2.90 -1.08 5.67
CA MET D 131 2.34 0.25 5.61
C MET D 131 1.91 0.67 7.01
N ASN D 132 2.27 1.88 7.39
CA ASN D 132 1.90 2.38 8.71
C ASN D 132 0.40 2.62 8.91
N ARG D 133 -0.05 2.35 10.14
CA ARG D 133 -1.40 2.65 10.56
C ARG D 133 -1.56 4.16 10.69
N GLY D 134 -2.70 4.68 10.25
CA GLY D 134 -3.00 6.08 10.46
C GLY D 134 -3.49 6.77 9.22
N SER D 135 -3.37 8.10 9.22
CA SER D 135 -3.76 8.90 8.07
C SER D 135 -2.67 8.89 7.00
N THR D 136 -3.11 8.73 5.75
CA THR D 136 -2.20 8.75 4.64
C THR D 136 -1.73 10.20 4.47
N PRO D 137 -0.40 10.44 4.53
CA PRO D 137 0.11 11.80 4.44
C PRO D 137 0.07 12.32 2.99
N TYR D 138 -0.23 13.60 2.82
CA TYR D 138 -0.27 14.21 1.50
C TYR D 138 1.09 14.01 0.82
N GLY D 139 1.07 13.65 -0.46
CA GLY D 139 2.31 13.52 -1.23
C GLY D 139 2.86 12.12 -1.37
N GLY D 140 2.26 11.18 -0.65
CA GLY D 140 2.64 9.78 -0.81
C GLY D 140 2.67 8.98 0.47
N VAL D 141 2.71 7.66 0.31
CA VAL D 141 2.71 6.70 1.40
C VAL D 141 3.87 5.73 1.13
N LYS D 142 4.71 5.49 2.14
CA LYS D 142 5.81 4.53 1.98
C LYS D 142 5.37 3.11 2.31
N LEU D 143 5.81 2.15 1.49
CA LEU D 143 5.71 0.74 1.84
C LEU D 143 7.14 0.25 2.06
N GLU D 144 7.50 0.02 3.32
CA GLU D 144 8.86 -0.38 3.66
C GLU D 144 9.09 -1.87 3.62
N ASP D 145 10.31 -2.27 3.26
CA ASP D 145 10.72 -3.66 3.22
C ASP D 145 11.21 -4.04 4.63
N LEU D 146 10.54 -5.00 5.28
CA LEU D 146 10.92 -5.41 6.65
C LEU D 146 12.31 -6.10 6.72
N ILE D 147 12.75 -6.72 5.65
CA ILE D 147 14.14 -7.22 5.62
C ILE D 147 15.09 -6.04 5.87
N VAL D 148 14.87 -4.93 5.19
CA VAL D 148 15.72 -3.76 5.32
C VAL D 148 15.48 -3.04 6.65
N LYS D 149 14.20 -2.82 6.97
CA LYS D 149 13.85 -1.97 8.11
C LYS D 149 14.11 -2.66 9.46
N ASP D 150 13.72 -3.93 9.59
CA ASP D 150 13.92 -4.65 10.85
C ASP D 150 15.19 -5.53 10.88
N GLY D 151 15.59 -6.02 9.70
CA GLY D 151 16.65 -7.02 9.62
C GLY D 151 18.06 -6.48 9.48
N LEU D 152 18.25 -5.53 8.57
CA LEU D 152 19.59 -5.13 8.10
C LEU D 152 20.03 -3.68 8.37
N THR D 153 19.12 -2.86 8.89
CA THR D 153 19.44 -1.45 9.12
C THR D 153 19.75 -1.15 10.58
N ASP D 154 20.93 -0.58 10.85
CA ASP D 154 21.25 -0.19 12.20
C ASP D 154 20.40 1.02 12.57
N VAL D 155 19.71 0.95 13.69
CA VAL D 155 18.75 1.99 14.11
C VAL D 155 19.45 3.31 14.35
N TYR D 156 20.61 3.22 15.01
CA TYR D 156 21.29 4.38 15.61
C TYR D 156 22.08 5.16 14.57
N ASN D 157 22.76 4.43 13.69
CA ASN D 157 23.56 5.02 12.61
C ASN D 157 22.76 5.29 11.34
N LYS D 158 21.64 4.59 11.20
CA LYS D 158 20.73 4.73 10.05
C LYS D 158 21.33 4.23 8.75
N ILE D 159 22.16 3.19 8.84
CA ILE D 159 22.80 2.64 7.66
C ILE D 159 22.80 1.11 7.71
N HIS D 160 23.11 0.49 6.59
CA HIS D 160 23.09 -0.96 6.46
C HIS D 160 24.19 -1.60 7.33
N MET D 161 23.95 -2.84 7.77
CA MET D 161 24.97 -3.67 8.44
C MET D 161 26.31 -3.64 7.67
N GLY D 162 26.26 -3.91 6.36
CA GLY D 162 27.43 -3.85 5.47
C GLY D 162 28.16 -2.50 5.49
N SER D 163 27.40 -1.41 5.70
CA SER D 163 28.01 -0.09 5.84
C SER D 163 28.72 0.06 7.18
N CYS D 164 28.18 -0.56 8.23
CA CYS D 164 28.87 -0.59 9.52
C CYS D 164 30.13 -1.42 9.39
N ALA D 165 30.03 -2.54 8.67
CA ALA D 165 31.18 -3.41 8.45
C ALA D 165 32.36 -2.62 7.84
N GLU D 166 32.07 -1.72 6.90
CA GLU D 166 33.13 -0.88 6.31
C GLU D 166 33.96 -0.15 7.36
N ASN D 167 33.31 0.28 8.44
CA ASN D 167 33.96 0.96 9.56
C ASN D 167 35.07 0.14 10.25
N THR D 168 34.86 -1.16 10.38
CA THR D 168 35.85 -2.06 10.96
C THR D 168 36.95 -2.41 9.95
N ALA D 169 36.56 -2.57 8.69
CA ALA D 169 37.53 -2.72 7.59
C ALA D 169 38.55 -1.57 7.64
N LYS D 170 38.04 -0.36 7.80
CA LYS D 170 38.86 0.84 7.97
C LYS D 170 39.78 0.74 9.18
N LYS D 171 39.17 0.56 10.35
CA LYS D 171 39.87 0.58 11.64
C LYS D 171 40.96 -0.45 11.79
N LEU D 172 40.75 -1.64 11.22
CA LEU D 172 41.70 -2.74 11.37
C LEU D 172 42.51 -3.02 10.10
N ASN D 173 42.40 -2.11 9.13
CA ASN D 173 43.10 -2.21 7.83
C ASN D 173 42.94 -3.58 7.15
N ILE D 174 41.69 -3.94 6.91
CA ILE D 174 41.35 -5.18 6.22
C ILE D 174 40.81 -4.83 4.84
N ALA D 175 41.62 -5.09 3.81
CA ALA D 175 41.37 -4.62 2.44
C ALA D 175 40.48 -5.55 1.61
N ARG D 176 40.00 -5.02 0.48
CA ARG D 176 39.18 -5.76 -0.49
C ARG D 176 39.74 -7.13 -0.86
N ASN D 177 41.05 -7.20 -1.13
CA ASN D 177 41.66 -8.44 -1.63
C ASN D 177 41.66 -9.58 -0.61
N GLU D 178 41.97 -9.26 0.65
CA GLU D 178 41.91 -10.25 1.73
C GLU D 178 40.48 -10.77 1.91
N GLN D 179 39.54 -9.83 1.90
CA GLN D 179 38.09 -10.16 1.99
C GLN D 179 37.61 -11.09 0.88
N ASP D 180 38.05 -10.79 -0.35
CA ASP D 180 37.74 -11.62 -1.51
C ASP D 180 38.38 -13.00 -1.43
N ALA D 181 39.64 -13.04 -0.99
CA ALA D 181 40.34 -14.30 -0.75
C ALA D 181 39.58 -15.13 0.27
N TYR D 182 39.13 -14.48 1.35
CA TYR D 182 38.34 -15.20 2.35
C TYR D 182 37.07 -15.77 1.73
N ALA D 183 36.33 -14.92 1.03
CA ALA D 183 35.09 -15.34 0.35
C ALA D 183 35.27 -16.59 -0.53
N ILE D 184 36.33 -16.57 -1.36
CA ILE D 184 36.61 -17.66 -2.28
C ILE D 184 36.92 -18.93 -1.50
N ASN D 185 37.69 -18.76 -0.43
CA ASN D 185 38.00 -19.82 0.54
C ASN D 185 36.73 -20.47 1.11
N SER D 186 35.79 -19.63 1.55
CA SER D 186 34.48 -20.14 2.02
C SER D 186 33.77 -21.01 0.97
N TYR D 187 33.62 -20.49 -0.25
CA TYR D 187 33.00 -21.27 -1.34
C TYR D 187 33.71 -22.58 -1.61
N THR D 188 35.04 -22.52 -1.64
CA THR D 188 35.88 -23.69 -1.86
C THR D 188 35.61 -24.74 -0.80
N ARG D 189 35.62 -24.31 0.46
CA ARG D 189 35.36 -25.22 1.59
C ARG D 189 33.98 -25.85 1.53
N SER D 190 32.99 -25.04 1.19
CA SER D 190 31.59 -25.50 1.11
C SER D 190 31.39 -26.61 0.06
N LYS D 191 31.85 -26.33 -1.16
CA LYS D 191 31.89 -27.33 -2.24
C LYS D 191 32.62 -28.61 -1.84
N ALA D 192 33.84 -28.46 -1.31
CA ALA D 192 34.61 -29.62 -0.84
C ALA D 192 33.80 -30.48 0.14
N ALA D 193 33.23 -29.82 1.15
CA ALA D 193 32.50 -30.50 2.21
C ALA D 193 31.27 -31.21 1.67
N TRP D 194 30.54 -30.52 0.80
CA TRP D 194 29.34 -31.08 0.18
C TRP D 194 29.67 -32.31 -0.65
N GLU D 195 30.71 -32.21 -1.47
CA GLU D 195 31.10 -33.33 -2.34
C GLU D 195 31.70 -34.51 -1.58
N ALA D 196 32.30 -34.22 -0.42
CA ALA D 196 32.87 -35.24 0.46
C ALA D 196 31.80 -35.99 1.26
N GLY D 197 30.58 -35.47 1.24
CA GLY D 197 29.49 -36.06 2.01
C GLY D 197 29.56 -35.70 3.49
N LYS D 198 30.18 -34.56 3.81
CA LYS D 198 30.32 -34.08 5.20
C LYS D 198 29.01 -33.69 5.92
N PHE D 199 27.96 -33.39 5.15
CA PHE D 199 26.69 -33.00 5.76
C PHE D 199 25.67 -34.13 5.71
N GLY D 200 26.20 -35.36 5.56
CA GLY D 200 25.39 -36.57 5.48
C GLY D 200 24.45 -36.82 6.64
N ASN D 201 24.91 -36.53 7.85
CA ASN D 201 24.07 -36.69 9.04
C ASN D 201 23.52 -35.37 9.58
N GLU D 202 24.01 -34.26 9.07
CA GLU D 202 23.62 -32.92 9.52
C GLU D 202 22.34 -32.42 8.83
N VAL D 203 22.32 -32.51 7.49
CA VAL D 203 21.23 -31.95 6.68
C VAL D 203 20.22 -33.01 6.28
N ILE D 204 18.95 -32.67 6.33
CA ILE D 204 17.91 -33.55 5.83
C ILE D 204 17.19 -32.93 4.63
N PRO D 205 16.90 -33.75 3.61
CA PRO D 205 16.34 -33.24 2.35
C PRO D 205 14.90 -32.77 2.46
N VAL D 206 14.53 -31.82 1.61
CA VAL D 206 13.16 -31.26 1.58
C VAL D 206 12.47 -31.49 0.23
N THR D 207 11.32 -32.15 0.27
CA THR D 207 10.46 -32.30 -0.92
C THR D 207 9.53 -31.10 -1.07
N VAL D 208 9.66 -30.39 -2.19
CA VAL D 208 8.75 -29.30 -2.51
C VAL D 208 7.67 -29.80 -3.47
N THR D 209 6.42 -29.70 -3.03
CA THR D 209 5.28 -30.16 -3.81
C THR D 209 4.45 -28.97 -4.30
N VAL D 210 4.30 -28.90 -5.62
CA VAL D 210 3.37 -27.96 -6.26
C VAL D 210 2.40 -28.80 -7.10
N LYS D 211 1.10 -28.56 -6.94
CA LYS D 211 0.07 -29.29 -7.68
C LYS D 211 0.22 -29.09 -9.20
N GLY D 212 0.28 -30.21 -9.92
CA GLY D 212 0.47 -30.20 -11.37
C GLY D 212 1.92 -30.36 -11.77
N GLN D 213 2.81 -29.81 -10.93
CA GLN D 213 4.26 -29.84 -11.17
C GLN D 213 4.89 -31.13 -10.62
N PRO D 214 6.04 -31.53 -11.18
CA PRO D 214 6.80 -32.64 -10.61
C PRO D 214 7.50 -32.21 -9.32
N ASP D 215 7.43 -33.05 -8.28
CA ASP D 215 8.08 -32.78 -7.00
C ASP D 215 9.53 -32.35 -7.18
N VAL D 216 9.97 -31.40 -6.37
CA VAL D 216 11.37 -30.99 -6.34
C VAL D 216 11.96 -31.40 -5.00
N VAL D 217 13.03 -32.19 -5.05
CA VAL D 217 13.71 -32.65 -3.84
C VAL D 217 14.97 -31.81 -3.66
N VAL D 218 14.95 -30.93 -2.67
CA VAL D 218 16.12 -30.12 -2.36
C VAL D 218 16.93 -30.89 -1.33
N LYS D 219 18.12 -31.34 -1.73
CA LYS D 219 18.92 -32.22 -0.88
C LYS D 219 20.24 -31.60 -0.42
N GLU D 220 20.62 -30.49 -1.03
CA GLU D 220 21.84 -29.79 -0.66
C GLU D 220 21.70 -28.27 -0.66
N ASP D 221 22.64 -27.58 -0.01
CA ASP D 221 22.63 -26.11 0.09
C ASP D 221 22.69 -25.49 -1.29
N GLU D 222 21.87 -24.47 -1.53
CA GLU D 222 21.71 -23.89 -2.86
C GLU D 222 22.74 -22.83 -3.21
N GLU D 223 23.15 -22.05 -2.23
CA GLU D 223 23.91 -20.81 -2.44
C GLU D 223 25.36 -20.95 -2.93
N TYR D 224 26.01 -22.06 -2.56
CA TYR D 224 27.45 -22.19 -2.78
C TYR D 224 27.81 -22.36 -4.26
N LYS D 225 26.86 -22.86 -5.06
CA LYS D 225 27.07 -23.00 -6.50
C LYS D 225 26.91 -21.67 -7.25
N ARG D 226 26.26 -20.70 -6.60
CA ARG D 226 26.00 -19.38 -7.20
C ARG D 226 27.17 -18.42 -7.09
N VAL D 227 28.27 -18.74 -7.78
CA VAL D 227 29.44 -17.90 -7.78
C VAL D 227 30.27 -18.07 -9.05
N ASP D 228 31.06 -17.06 -9.38
CA ASP D 228 32.05 -17.11 -10.45
C ASP D 228 33.30 -16.38 -9.95
N PHE D 229 34.37 -17.14 -9.69
CA PHE D 229 35.57 -16.56 -9.06
C PHE D 229 36.20 -15.46 -9.91
N SER D 230 36.09 -15.58 -11.24
CA SER D 230 36.64 -14.56 -12.12
C SER D 230 35.94 -13.20 -11.96
N LYS D 231 34.67 -13.24 -11.57
CA LYS D 231 33.87 -12.01 -11.38
C LYS D 231 34.06 -11.34 -10.01
N VAL D 232 34.37 -12.15 -8.99
CA VAL D 232 34.56 -11.67 -7.60
C VAL D 232 35.37 -10.36 -7.45
N PRO D 233 36.58 -10.27 -8.08
CA PRO D 233 37.38 -9.05 -7.94
C PRO D 233 36.81 -7.84 -8.68
N LYS D 234 35.84 -8.08 -9.55
CA LYS D 234 35.32 -7.05 -10.46
C LYS D 234 34.07 -6.36 -9.91
N LEU D 235 33.34 -7.05 -9.03
CA LEU D 235 32.11 -6.51 -8.40
C LEU D 235 32.30 -5.14 -7.74
N LYS D 236 31.23 -4.35 -7.73
CA LYS D 236 31.28 -3.03 -7.09
C LYS D 236 31.05 -3.12 -5.58
N THR D 237 31.68 -2.23 -4.84
CA THR D 237 31.50 -2.12 -3.39
C THR D 237 30.20 -1.35 -3.09
N VAL D 238 29.13 -2.11 -2.92
CA VAL D 238 27.76 -1.58 -2.89
C VAL D 238 27.32 -0.84 -1.62
N PHE D 239 28.14 -0.89 -0.56
CA PHE D 239 27.76 -0.29 0.72
C PHE D 239 28.44 1.05 1.00
N GLN D 240 29.45 1.37 0.20
CA GLN D 240 30.17 2.64 0.34
C GLN D 240 30.75 3.10 -1.00
N LYS D 241 30.50 4.38 -1.33
CA LYS D 241 31.04 5.00 -2.56
C LYS D 241 32.56 5.00 -2.53
N GLU D 242 33.12 5.74 -1.58
CA GLU D 242 34.58 5.91 -1.47
C GLU D 242 35.24 4.73 -0.72
N ASN D 243 36.25 4.15 -1.35
CA ASN D 243 37.16 3.18 -0.72
C ASN D 243 36.50 1.95 -0.09
N GLY D 244 35.36 1.52 -0.65
CA GLY D 244 34.63 0.37 -0.14
C GLY D 244 35.41 -0.93 -0.24
N THR D 245 34.95 -1.95 0.48
CA THR D 245 35.56 -3.28 0.46
C THR D 245 34.53 -4.40 0.44
N VAL D 246 33.34 -4.12 0.96
CA VAL D 246 32.28 -5.14 1.04
C VAL D 246 31.51 -5.24 -0.28
N THR D 247 31.38 -6.47 -0.77
CA THR D 247 30.65 -6.72 -2.00
C THR D 247 29.60 -7.79 -1.73
N ALA D 248 28.70 -8.01 -2.68
CA ALA D 248 27.71 -9.05 -2.56
C ALA D 248 28.42 -10.40 -2.47
N ALA D 249 29.54 -10.51 -3.18
CA ALA D 249 30.32 -11.75 -3.19
C ALA D 249 30.94 -12.07 -1.83
N ASN D 250 31.50 -11.08 -1.14
CA ASN D 250 32.20 -11.38 0.10
C ASN D 250 31.38 -11.15 1.36
N ALA D 251 30.10 -10.83 1.16
CA ALA D 251 29.14 -10.71 2.25
C ALA D 251 28.19 -11.89 2.22
N SER D 252 27.47 -12.12 3.33
CA SER D 252 26.46 -13.15 3.34
C SER D 252 25.28 -12.69 2.50
N THR D 253 24.47 -13.64 2.09
CA THR D 253 23.30 -13.41 1.25
C THR D 253 22.02 -13.54 2.08
N LEU D 254 20.87 -13.30 1.43
CA LEU D 254 19.55 -13.48 2.06
C LEU D 254 19.08 -14.87 1.74
N ASN D 255 18.58 -15.60 2.74
CA ASN D 255 18.27 -17.00 2.57
C ASN D 255 17.13 -17.51 3.44
N ASP D 256 16.75 -18.76 3.20
CA ASP D 256 15.73 -19.49 3.94
C ASP D 256 16.31 -20.77 4.51
N GLY D 257 15.98 -21.08 5.76
CA GLY D 257 16.37 -22.37 6.38
C GLY D 257 15.95 -22.49 7.85
N ALA D 258 16.02 -23.71 8.39
CA ALA D 258 15.83 -23.93 9.84
C ALA D 258 16.76 -25.00 10.40
N ALA D 259 17.19 -24.82 11.66
CA ALA D 259 17.98 -25.82 12.38
C ALA D 259 17.34 -26.09 13.74
N ALA D 260 17.42 -27.34 14.21
CA ALA D 260 16.92 -27.71 15.53
C ALA D 260 17.87 -28.69 16.21
N LEU D 261 17.98 -28.56 17.53
CA LEU D 261 18.82 -29.43 18.37
C LEU D 261 17.99 -30.04 19.49
N VAL D 262 18.16 -31.34 19.76
CA VAL D 262 17.56 -31.94 20.96
C VAL D 262 18.57 -31.84 22.11
N LEU D 263 18.15 -31.16 23.17
CA LEU D 263 19.00 -30.91 24.32
C LEU D 263 18.41 -31.66 25.50
N MET D 264 19.28 -32.24 26.32
CA MET D 264 18.85 -32.84 27.57
C MET D 264 19.90 -32.80 28.68
N THR D 265 19.46 -33.10 29.90
CA THR D 265 20.37 -33.22 31.02
C THR D 265 21.12 -34.54 30.84
N ALA D 266 22.30 -34.66 31.47
CA ALA D 266 23.06 -35.92 31.44
C ALA D 266 22.19 -37.07 31.96
N ASP D 267 21.43 -36.78 33.02
CA ASP D 267 20.50 -37.73 33.63
C ASP D 267 19.39 -38.24 32.71
N ALA D 268 18.84 -37.36 31.88
CA ALA D 268 17.75 -37.75 30.98
C ALA D 268 18.25 -38.63 29.84
N ALA D 269 19.44 -38.30 29.32
CA ALA D 269 20.11 -39.09 28.28
C ALA D 269 20.36 -40.53 28.74
N LYS D 270 20.76 -40.68 30.00
CA LYS D 270 20.90 -42.00 30.63
C LYS D 270 19.55 -42.69 30.71
N ARG D 271 18.57 -42.00 31.31
CA ARG D 271 17.23 -42.55 31.50
C ARG D 271 16.63 -43.05 30.19
N LEU D 272 16.86 -42.28 29.13
CA LEU D 272 16.31 -42.58 27.80
C LEU D 272 17.22 -43.49 26.98
N ASN D 273 18.36 -43.84 27.56
CA ASN D 273 19.31 -44.75 26.92
C ASN D 273 19.73 -44.27 25.52
N VAL D 274 20.05 -42.99 25.43
CA VAL D 274 20.49 -42.41 24.16
C VAL D 274 21.93 -41.92 24.31
N THR D 275 22.69 -41.99 23.23
CA THR D 275 24.09 -41.56 23.27
C THR D 275 24.21 -40.08 22.95
N PRO D 276 24.66 -39.27 23.93
CA PRO D 276 24.85 -37.85 23.70
C PRO D 276 26.00 -37.57 22.73
N LEU D 277 25.86 -36.51 21.94
CA LEU D 277 26.87 -36.12 20.95
C LEU D 277 27.94 -35.19 21.52
N ALA D 278 27.52 -34.18 22.28
CA ALA D 278 28.43 -33.19 22.83
C ALA D 278 27.90 -32.69 24.17
N ARG D 279 28.77 -32.08 24.97
CA ARG D 279 28.35 -31.43 26.21
C ARG D 279 28.46 -29.93 26.02
N ILE D 280 27.52 -29.18 26.59
CA ILE D 280 27.52 -27.72 26.47
C ILE D 280 28.20 -27.19 27.72
N VAL D 281 29.39 -26.62 27.55
CA VAL D 281 30.26 -26.26 28.67
C VAL D 281 30.00 -24.86 29.23
N ALA D 282 30.03 -23.85 28.37
CA ALA D 282 29.78 -22.48 28.77
C ALA D 282 29.29 -21.65 27.58
N PHE D 283 28.73 -20.47 27.89
CA PHE D 283 28.33 -19.51 26.88
C PHE D 283 28.30 -18.09 27.46
N ALA D 284 28.23 -17.09 26.58
CA ALA D 284 28.25 -15.69 27.01
C ALA D 284 27.70 -14.74 25.96
N ASP D 285 27.24 -13.57 26.41
CA ASP D 285 26.86 -12.47 25.54
C ASP D 285 27.69 -11.23 25.82
N ALA D 286 28.07 -10.55 24.76
CA ALA D 286 28.85 -9.32 24.84
C ALA D 286 28.17 -8.28 23.98
N ALA D 287 28.37 -7.02 24.32
CA ALA D 287 27.89 -5.96 23.46
C ALA D 287 28.87 -4.81 23.44
N VAL D 288 28.91 -4.14 22.29
CA VAL D 288 29.76 -2.98 22.08
C VAL D 288 28.98 -1.90 21.35
N GLU D 289 29.65 -0.82 20.97
CA GLU D 289 29.07 0.23 20.14
C GLU D 289 28.39 -0.40 18.91
N PRO D 290 27.13 -0.01 18.61
CA PRO D 290 26.35 -0.70 17.55
C PRO D 290 27.07 -0.81 16.20
N ILE D 291 27.83 0.21 15.83
CA ILE D 291 28.57 0.19 14.56
C ILE D 291 29.67 -0.87 14.59
N ASP D 292 30.13 -1.23 15.79
CA ASP D 292 31.28 -2.11 15.95
C ASP D 292 30.93 -3.58 16.15
N PHE D 293 29.71 -3.95 15.75
CA PHE D 293 29.25 -5.32 15.88
C PHE D 293 30.22 -6.40 15.36
N PRO D 294 31.05 -6.11 14.33
CA PRO D 294 31.97 -7.19 13.91
C PRO D 294 32.98 -7.63 14.97
N ILE D 295 33.31 -6.75 15.91
CA ILE D 295 34.27 -7.10 16.98
C ILE D 295 33.63 -7.69 18.24
N ALA D 296 32.31 -7.54 18.39
CA ALA D 296 31.58 -8.15 19.52
C ALA D 296 31.88 -9.64 19.78
N PRO D 297 31.91 -10.48 18.73
CA PRO D 297 32.24 -11.90 18.99
C PRO D 297 33.62 -12.14 19.63
N VAL D 298 34.53 -11.19 19.49
CA VAL D 298 35.87 -11.34 20.05
C VAL D 298 35.77 -11.40 21.57
N TYR D 299 35.06 -10.42 22.12
CA TYR D 299 34.79 -10.31 23.55
C TYR D 299 33.96 -11.46 24.11
N ALA D 300 32.92 -11.87 23.38
CA ALA D 300 32.07 -12.97 23.85
C ALA D 300 32.88 -14.25 23.90
N ALA D 301 33.73 -14.46 22.90
CA ALA D 301 34.61 -15.63 22.88
C ALA D 301 35.60 -15.59 24.06
N SER D 302 36.19 -14.42 24.29
CA SER D 302 37.16 -14.23 25.38
C SER D 302 36.53 -14.49 26.74
N MET D 303 35.29 -14.01 26.92
CA MET D 303 34.54 -14.23 28.15
C MET D 303 34.37 -15.71 28.45
N VAL D 304 34.05 -16.48 27.42
CA VAL D 304 33.83 -17.91 27.55
C VAL D 304 35.15 -18.62 27.94
N LEU D 305 36.23 -18.33 27.22
CA LEU D 305 37.52 -18.96 27.52
C LEU D 305 37.98 -18.60 28.93
N LYS D 306 37.92 -17.32 29.27
CA LYS D 306 38.26 -16.83 30.61
C LYS D 306 37.44 -17.54 31.68
N ASP D 307 36.14 -17.69 31.42
CA ASP D 307 35.21 -18.34 32.36
C ASP D 307 35.54 -19.82 32.65
N VAL D 308 35.87 -20.57 31.61
CA VAL D 308 36.18 -21.99 31.74
C VAL D 308 37.67 -22.23 32.08
N GLY D 309 38.47 -21.17 32.01
CA GLY D 309 39.93 -21.25 32.22
C GLY D 309 40.68 -21.88 31.06
N LEU D 310 40.14 -21.77 29.85
CA LEU D 310 40.82 -22.36 28.68
C LEU D 310 41.63 -21.31 27.94
N LYS D 311 42.56 -21.76 27.12
CA LYS D 311 43.34 -20.87 26.25
C LYS D 311 42.82 -21.02 24.81
N LYS D 312 42.98 -19.99 24.01
CA LYS D 312 42.54 -20.02 22.60
C LYS D 312 43.13 -21.21 21.85
N GLU D 313 44.37 -21.55 22.20
CA GLU D 313 45.11 -22.65 21.60
C GLU D 313 44.46 -24.01 21.87
N ASP D 314 43.65 -24.09 22.93
CA ASP D 314 42.96 -25.34 23.31
C ASP D 314 41.75 -25.70 22.43
N ILE D 315 41.32 -24.75 21.59
CA ILE D 315 40.12 -24.94 20.77
C ILE D 315 40.44 -25.63 19.43
N ALA D 316 39.88 -26.82 19.24
CA ALA D 316 40.13 -27.63 18.04
C ALA D 316 39.49 -27.05 16.75
N MET D 317 38.30 -26.47 16.88
CA MET D 317 37.52 -26.02 15.72
C MET D 317 36.74 -24.78 16.12
N TRP D 318 36.90 -23.71 15.34
CA TRP D 318 36.14 -22.47 15.49
C TRP D 318 35.03 -22.30 14.43
N GLU D 319 33.85 -21.84 14.87
CA GLU D 319 32.76 -21.42 13.97
C GLU D 319 32.42 -19.97 14.29
N VAL D 320 33.03 -19.05 13.54
CA VAL D 320 32.76 -17.62 13.64
C VAL D 320 31.82 -17.22 12.50
N ASN D 321 30.56 -16.87 12.81
CA ASN D 321 29.58 -16.68 11.73
C ASN D 321 30.00 -15.69 10.66
N GLU D 322 29.96 -16.14 9.40
CA GLU D 322 30.45 -15.33 8.28
C GLU D 322 29.39 -14.34 7.82
N ALA D 323 28.95 -13.47 8.72
CA ALA D 323 28.00 -12.41 8.37
C ALA D 323 28.56 -11.62 7.19
N PHE D 324 29.85 -11.34 7.27
CA PHE D 324 30.62 -10.70 6.22
C PHE D 324 32.00 -11.34 6.30
N SER D 325 32.70 -11.47 5.17
CA SER D 325 34.09 -11.98 5.19
C SER D 325 34.91 -11.17 6.18
N LEU D 326 34.72 -9.85 6.14
CA LEU D 326 35.34 -8.92 7.06
C LEU D 326 35.27 -9.37 8.52
N VAL D 327 34.09 -9.80 8.97
CA VAL D 327 33.89 -10.18 10.37
C VAL D 327 34.85 -11.31 10.78
N VAL D 328 34.97 -12.35 9.94
CA VAL D 328 35.82 -13.49 10.27
C VAL D 328 37.30 -13.09 10.37
N LEU D 329 37.76 -12.30 9.39
CA LEU D 329 39.14 -11.77 9.37
C LEU D 329 39.46 -10.86 10.54
N ALA D 330 38.49 -10.06 10.98
CA ALA D 330 38.66 -9.19 12.14
C ALA D 330 38.82 -10.03 13.42
N ASN D 331 38.02 -11.09 13.52
CA ASN D 331 38.15 -12.04 14.62
C ASN D 331 39.43 -12.86 14.57
N ILE D 332 39.84 -13.28 13.37
CA ILE D 332 41.09 -14.03 13.25
C ILE D 332 42.25 -13.15 13.68
N LYS D 333 42.17 -11.87 13.31
CA LYS D 333 43.18 -10.88 13.63
C LYS D 333 43.30 -10.64 15.14
N MET D 334 42.20 -10.27 15.79
CA MET D 334 42.23 -9.83 17.20
C MET D 334 42.50 -10.98 18.17
N LEU D 335 41.99 -12.16 17.85
CA LEU D 335 42.19 -13.32 18.69
C LEU D 335 43.51 -14.05 18.40
N GLU D 336 44.06 -13.84 17.21
CA GLU D 336 45.32 -14.45 16.80
C GLU D 336 45.20 -15.96 16.83
N ILE D 337 44.21 -16.49 16.12
CA ILE D 337 44.03 -17.94 16.06
C ILE D 337 44.42 -18.49 14.68
N ASP D 338 44.49 -19.80 14.56
CA ASP D 338 44.92 -20.43 13.32
C ASP D 338 43.77 -20.45 12.29
N PRO D 339 43.92 -19.71 11.18
CA PRO D 339 42.89 -19.68 10.13
C PRO D 339 42.47 -21.05 9.64
N GLN D 340 43.40 -22.01 9.61
CA GLN D 340 43.05 -23.37 9.21
C GLN D 340 42.05 -24.06 10.16
N LYS D 341 41.82 -23.46 11.32
CA LYS D 341 40.88 -24.03 12.32
C LYS D 341 39.49 -23.35 12.32
N VAL D 342 39.32 -22.38 11.42
CA VAL D 342 38.13 -21.53 11.40
C VAL D 342 37.23 -21.77 10.19
N ASN D 343 35.95 -22.04 10.46
CA ASN D 343 34.95 -22.21 9.40
C ASN D 343 35.36 -23.27 8.34
N ILE D 344 35.84 -24.40 8.87
CA ILE D 344 36.49 -25.47 8.09
C ILE D 344 35.66 -25.98 6.91
N ASN D 345 34.34 -26.03 7.06
CA ASN D 345 33.49 -26.59 6.02
C ASN D 345 32.57 -25.55 5.40
N GLY D 346 33.06 -24.32 5.34
CA GLY D 346 32.29 -23.24 4.76
C GLY D 346 31.51 -22.48 5.84
N GLY D 347 30.77 -21.47 5.39
CA GLY D 347 29.92 -20.68 6.28
C GLY D 347 28.97 -19.79 5.53
N ALA D 348 28.44 -18.78 6.23
CA ALA D 348 27.33 -17.95 5.74
C ALA D 348 27.61 -17.18 4.46
N VAL D 349 28.88 -16.89 4.20
CA VAL D 349 29.25 -16.14 2.98
C VAL D 349 28.97 -16.99 1.75
N SER D 350 29.13 -18.30 1.89
CA SER D 350 28.89 -19.19 0.75
C SER D 350 27.64 -20.05 0.90
N LEU D 351 27.27 -20.35 2.14
CA LEU D 351 26.10 -21.19 2.38
C LEU D 351 24.80 -20.37 2.55
N GLY D 352 24.94 -19.08 2.79
CA GLY D 352 23.79 -18.21 3.01
C GLY D 352 23.50 -17.98 4.49
N HIS D 353 22.68 -16.97 4.78
CA HIS D 353 22.44 -16.47 6.14
C HIS D 353 20.94 -16.23 6.43
N PRO D 354 20.16 -17.32 6.62
CA PRO D 354 18.80 -17.13 7.12
C PRO D 354 18.92 -16.71 8.59
N ILE D 355 18.75 -15.43 8.86
CA ILE D 355 19.35 -14.82 10.05
C ILE D 355 19.03 -15.46 11.41
N GLY D 356 17.76 -15.81 11.65
CA GLY D 356 17.41 -16.45 12.92
C GLY D 356 17.86 -17.91 13.02
N MET D 357 18.29 -18.51 11.90
CA MET D 357 18.71 -19.91 11.86
C MET D 357 20.22 -20.13 12.11
N SER D 358 21.02 -19.18 11.65
CA SER D 358 22.48 -19.37 11.52
C SER D 358 23.21 -19.69 12.82
N GLY D 359 22.82 -19.03 13.91
CA GLY D 359 23.41 -19.29 15.25
C GLY D 359 23.23 -20.72 15.71
N ALA D 360 22.10 -21.32 15.32
CA ALA D 360 21.84 -22.71 15.63
C ALA D 360 22.61 -23.64 14.68
N ARG D 361 22.67 -23.28 13.40
CA ARG D 361 23.35 -24.12 12.39
C ARG D 361 24.81 -24.39 12.78
N ILE D 362 25.52 -23.32 13.14
CA ILE D 362 26.96 -23.41 13.42
C ILE D 362 27.26 -24.24 14.66
N VAL D 363 26.40 -24.16 15.68
CA VAL D 363 26.55 -25.02 16.85
C VAL D 363 26.27 -26.47 16.45
N GLY D 364 25.28 -26.64 15.57
CA GLY D 364 24.94 -27.95 15.06
C GLY D 364 26.08 -28.50 14.23
N HIS D 365 26.86 -27.61 13.60
CA HIS D 365 27.93 -28.09 12.75
C HIS D 365 29.11 -28.65 13.57
N LEU D 366 29.54 -27.89 14.57
CA LEU D 366 30.57 -28.35 15.52
C LEU D 366 30.22 -29.70 16.11
N THR D 367 28.98 -29.86 16.52
CA THR D 367 28.53 -31.12 17.11
C THR D 367 28.87 -32.30 16.24
N HIS D 368 28.67 -32.17 14.93
CA HIS D 368 28.91 -33.29 14.01
C HIS D 368 30.39 -33.42 13.63
N ALA D 369 31.06 -32.28 13.49
CA ALA D 369 32.43 -32.23 12.96
C ALA D 369 33.57 -32.52 13.94
N LEU D 370 33.38 -32.20 15.22
CA LEU D 370 34.45 -32.41 16.21
C LEU D 370 34.76 -33.90 16.41
N LYS D 371 36.01 -34.22 16.75
CA LYS D 371 36.40 -35.59 17.15
C LYS D 371 36.27 -35.75 18.66
N GLN D 372 36.14 -36.99 19.14
CA GLN D 372 35.98 -37.26 20.58
C GLN D 372 36.99 -36.50 21.45
N GLY D 373 36.46 -35.78 22.44
CA GLY D 373 37.29 -35.03 23.37
C GLY D 373 37.66 -33.62 22.97
N GLU D 374 37.49 -33.28 21.69
CA GLU D 374 37.86 -31.96 21.19
C GLU D 374 36.92 -30.83 21.66
N TYR D 375 37.47 -29.63 21.81
CA TYR D 375 36.66 -28.44 22.10
C TYR D 375 36.35 -27.64 20.83
N GLY D 376 35.10 -27.18 20.73
CA GLY D 376 34.69 -26.24 19.66
C GLY D 376 34.10 -24.95 20.21
N LEU D 377 34.48 -23.81 19.65
CA LEU D 377 33.90 -22.53 20.05
C LEU D 377 33.14 -21.93 18.87
N ALA D 378 31.85 -21.67 19.08
CA ALA D 378 31.04 -20.98 18.07
C ALA D 378 30.69 -19.56 18.52
N SER D 379 30.86 -18.58 17.64
CA SER D 379 30.50 -17.19 17.94
C SER D 379 29.70 -16.53 16.82
N ILE D 380 28.84 -15.57 17.16
CA ILE D 380 27.95 -14.96 16.16
C ILE D 380 27.63 -13.51 16.53
N CYS D 381 27.95 -12.56 15.64
CA CYS D 381 27.61 -11.14 15.87
C CYS D 381 26.12 -10.91 15.58
N ASN D 382 25.56 -9.85 16.15
CA ASN D 382 24.14 -9.48 15.91
C ASN D 382 23.92 -7.99 15.79
N GLY D 383 22.95 -7.61 14.96
CA GLY D 383 22.55 -6.20 14.79
C GLY D 383 22.33 -5.49 16.12
N GLY D 384 22.81 -4.26 16.23
CA GLY D 384 22.76 -3.55 17.49
C GLY D 384 24.08 -3.54 18.27
N GLY D 385 25.05 -4.35 17.85
CA GLY D 385 26.39 -4.36 18.48
C GLY D 385 26.62 -5.48 19.48
N GLY D 386 25.88 -6.58 19.32
CA GLY D 386 26.01 -7.71 20.23
C GLY D 386 26.69 -8.91 19.61
N ALA D 387 26.93 -9.92 20.45
CA ALA D 387 27.35 -11.23 20.00
C ALA D 387 27.03 -12.26 21.07
N SER D 388 26.79 -13.49 20.61
CA SER D 388 26.73 -14.64 21.50
C SER D 388 27.89 -15.58 21.17
N ALA D 389 28.30 -16.35 22.17
CA ALA D 389 29.38 -17.35 22.01
C ALA D 389 29.07 -18.59 22.83
N MET D 390 29.45 -19.76 22.32
CA MET D 390 29.24 -21.02 23.02
C MET D 390 30.44 -21.95 22.86
N LEU D 391 30.87 -22.55 23.97
CA LEU D 391 31.89 -23.63 23.94
C LEU D 391 31.23 -24.99 24.17
N ILE D 392 31.54 -25.95 23.30
CA ILE D 392 31.07 -27.33 23.48
C ILE D 392 32.26 -28.30 23.43
N GLN D 393 32.08 -29.49 24.00
CA GLN D 393 33.11 -30.53 23.89
C GLN D 393 32.49 -31.84 23.42
N LYS D 394 33.07 -32.43 22.38
CA LYS D 394 32.56 -33.66 21.79
C LYS D 394 32.73 -34.85 22.73
N LEU D 395 31.69 -35.68 22.80
CA LEU D 395 31.68 -36.85 23.69
C LEU D 395 32.08 -38.14 22.98
CL CL E . -2.74 22.27 -23.95
K K F . -10.79 -13.61 -26.64
O1 MES G . -8.62 -11.74 -16.20
C2 MES G . -7.96 -10.76 -17.00
C3 MES G . -6.52 -10.59 -16.50
N4 MES G . -5.90 -11.87 -16.74
C5 MES G . -6.72 -13.05 -17.01
C6 MES G . -7.91 -12.96 -16.05
C7 MES G . -4.45 -12.00 -16.72
C8 MES G . -4.02 -12.12 -15.25
S MES G . -2.41 -11.72 -15.08
O1S MES G . -2.27 -10.58 -14.15
O2S MES G . -1.67 -12.89 -14.55
O3S MES G . -1.83 -11.36 -16.40
C1 GOL H . -12.56 -6.99 -22.07
O1 GOL H . -12.89 -5.61 -22.12
C2 GOL H . -12.79 -7.62 -20.70
O2 GOL H . -13.96 -8.42 -20.73
C3 GOL H . -11.62 -8.55 -20.38
O3 GOL H . -11.83 -9.20 -19.13
C1 GOL I . -29.81 -18.06 -24.65
O1 GOL I . -31.05 -18.52 -25.15
C2 GOL I . -29.86 -17.89 -23.14
O2 GOL I . -30.03 -19.18 -22.55
C3 GOL I . -28.57 -17.26 -22.64
O3 GOL I . -28.46 -17.38 -21.23
C1 GOL J . -13.74 -12.09 -12.82
O1 GOL J . -13.12 -11.71 -14.03
C2 GOL J . -15.25 -12.14 -12.99
O2 GOL J . -15.81 -12.92 -11.96
C3 GOL J . -15.82 -10.73 -12.97
O3 GOL J . -17.09 -10.66 -12.36
CL CL K . -22.70 7.53 -22.90
K K L . -4.34 30.63 -0.92
O1 MES M . -0.52 20.53 0.31
C2 MES M . -1.60 21.46 0.32
C3 MES M . -2.75 20.88 1.15
N4 MES M . -2.17 20.46 2.42
C5 MES M . -0.78 20.79 2.75
C6 MES M . 0.09 20.32 1.59
C7 MES M . -2.99 19.74 3.37
C8 MES M . -2.69 18.26 3.16
S MES M . -3.32 17.36 4.41
O1S MES M . -3.35 15.93 4.03
O2S MES M . -2.45 17.54 5.61
O3S MES M . -4.69 17.82 4.75
O1 MES N . 19.50 -6.52 -3.87
C2 MES N . 19.72 -7.07 -2.58
C3 MES N . 18.98 -8.40 -2.45
N4 MES N . 18.73 -8.86 -3.82
C5 MES N . 19.76 -8.74 -4.85
C6 MES N . 20.16 -7.26 -4.92
C7 MES N . 17.45 -9.46 -4.14
C8 MES N . 16.68 -8.51 -5.07
S MES N . 15.47 -9.31 -5.89
O1S MES N . 14.19 -9.14 -5.15
O2S MES N . 15.34 -8.72 -7.23
O3S MES N . 15.77 -10.76 -6.03
C1 GOL O . -3.19 24.33 -5.83
O1 GOL O . -3.46 24.37 -7.23
C2 GOL O . -1.76 23.90 -5.50
O2 GOL O . -0.87 24.92 -5.90
C3 GOL O . -1.65 23.70 -3.98
O3 GOL O . -0.54 22.90 -3.63
CL CL P . 22.72 -7.34 22.05
K K Q . -13.60 -3.83 27.80
O1 MES R . -11.51 -3.17 17.01
C2 MES R . -11.39 -2.63 18.32
C3 MES R . -10.83 -1.21 18.26
N4 MES R . -11.67 -0.51 17.29
C5 MES R . -12.86 -1.13 16.72
C6 MES R . -12.48 -2.50 16.18
C7 MES R . -11.33 0.86 16.93
C8 MES R . -10.57 0.82 15.61
S MES R . -10.16 2.37 15.18
O1S MES R . -9.23 2.33 14.02
O2S MES R . -11.37 3.13 14.82
O3S MES R . -9.51 3.05 16.33
C1 GOL S . -8.18 -7.83 23.09
O1 GOL S . -7.05 -8.66 23.27
C2 GOL S . -8.92 -8.14 21.80
O2 GOL S . -9.78 -9.24 22.01
C3 GOL S . -9.73 -6.91 21.36
O3 GOL S . -10.56 -7.24 20.26
CL CL T . 2.71 -21.99 24.37
K K U . 28.26 -14.26 -0.93
#